data_7X20
#
_entry.id   7X20
#
_cell.length_a   75.970
_cell.length_b   109.060
_cell.length_c   267.670
_cell.angle_alpha   90.000
_cell.angle_beta   90.000
_cell.angle_gamma   90.000
#
_symmetry.space_group_name_H-M   'P 21 21 21'
#
loop_
_entity.id
_entity.type
_entity.pdbx_description
1 polymer 'Potassium-transporting ATPase alpha chain 2'
2 polymer 'Sodium/potassium-transporting ATPase subunit beta-1'
3 non-polymer 'TETRAFLUOROALUMINATE ION'
4 non-polymer 'POTASSIUM ION'
5 non-polymer 2-acetamido-2-deoxy-beta-D-glucopyranose
6 water water
#
loop_
_entity_poly.entity_id
_entity_poly.type
_entity_poly.pdbx_seq_one_letter_code
_entity_poly.pdbx_strand_id
1 'polypeptide(L)'
;GMDLDDHRLSNTELEQKYGTNIIQGLSSVRATELLARDGPNTLTPPKQTPEIIKFLKQMVGGFSILLWIGAALCWIAFVI
QYVNNSASLDNVYLGAILVLVVILTGIFAYYQEAKSTNIMASFSKMIPQQALVIRDAEKKVISAEQLVVGDVVEIKGGDQ
IPADIRLVFSQGCKVDNSSLTGESEPQARSTEFTHENPLETKNIGFYSTTCLEGTATGIVINTGDRTIIGRIASLASGVG
SEKTPIAIEIEHFVHIVAGVAVSIGIIFFITAVCMKYYVLDAIIFLISIIVANVPEGLLATVTVTLSLTAKRMAKKNCLV
KNLEAVETLGSTSIICSDKTGTLTQNRMTVAHLWFDNQIFVADTSENQTKQAFDQSSGTWASLSKIITLCNRAEFRPGQE
SVPIMKRTVVGDASETALLKFSEVILGDVMGIRKRNHKVAEIPFNSTNKFQLSIHETEDPNNKRFLVVMKGAPERILEKC
STIMINGQEQPLDKSSADSFHTAYMELGGLGERVLGFCHLYLPAEQFPQSYIFDVDSVNFPTSNFCFVGLLSMIDPPRST
VPDAVSKCRSAGIKVIMVTGDHPITAKAIAKSVGIISANNETVEDIAKRRNIAVEQVNKREAKAAVVTGMELKDMTPEQL
DELLTNYQEIVFARTSPQQKLIIVEGCQRQDAIVAVTGDGVNDSPALKKADIGIAMGIAGSDAAKNAADMVLLDDNFASI
VTGVEEGRLIFDNLKKTIAYTLTKNIAELCPFLIYIVAGLPLPIGTITILFIDLGTDIIPSIALAYEKAESDIMNRKPRH
KKKDRLVNTQLAIYSYLHIGLMQALGGFLVYFTVYAQQGFWPTSLINLRVAWETDDINDLEDSYGQEWTRYQRKYLEWTG
STAFFVAIMIQQIADLIIRKTRRNSIFQQGLFRNKVIWVGIASQVIVALILSYGLGSVPALSFTMLRVQYWFVAVPHAIL
IWVYDEMRKLFIRLYPGSWWDKNMYY
;
A
2 'polypeptide(L)'
;MGDYKDDDDKSSGENLYFQGMARGKAKEEGSWKKFIWNSEKKEFLGRTGGSWFKILLFYVIFYGCLAGIFIGTIQVMLLT
ISELKPTYQDRVAPPGLTQIPQIQKTEISFRPNDPKSYEAYVLNIIRFLEKYKDSAQKDDMIFEDCGSMPSEPKERGEFN
HERGERKVCRFKLDWLGNCSGLNDESYGYKEGKPCIIIKLNRVLGFKPKPPKNESLETYPLTMKYNPNVLPVQCTGKRDE
DKDKVGNIEYFGMGGFYGFPLQYYPYYGKLLQPKYLQPLLAVQFTNLTLDTEIRIECKAYGENIGYSEKDRFQGRFDVKI
EVKS
;
B
#
loop_
_chem_comp.id
_chem_comp.type
_chem_comp.name
_chem_comp.formula
ALF non-polymer 'TETRAFLUOROALUMINATE ION' 'Al F4 -1'
K non-polymer 'POTASSIUM ION' 'K 1'
NAG D-saccharide, beta linking 2-acetamido-2-deoxy-beta-D-glucopyranose 'C8 H15 N O6'
#
# COMPACT_ATOMS: atom_id res chain seq x y z
N GLY A 1 15.17 -15.38 -35.22
CA GLY A 1 15.18 -13.99 -34.76
C GLY A 1 16.30 -13.10 -35.29
N MET A 2 16.26 -12.79 -36.60
CA MET A 2 17.22 -11.93 -37.27
C MET A 2 16.55 -10.63 -37.70
N ASP A 3 17.16 -9.51 -37.31
CA ASP A 3 16.86 -8.18 -37.82
C ASP A 3 17.86 -7.74 -38.90
N LEU A 4 18.72 -8.66 -39.36
CA LEU A 4 19.65 -8.44 -40.47
C LEU A 4 18.93 -8.73 -41.78
N ASP A 5 18.12 -7.77 -42.21
CA ASP A 5 17.25 -8.00 -43.35
C ASP A 5 18.01 -7.89 -44.67
N ASP A 6 17.35 -8.36 -45.72
CA ASP A 6 17.94 -8.52 -47.03
C ASP A 6 17.04 -7.88 -48.09
N HIS A 7 17.12 -6.55 -48.20
CA HIS A 7 16.42 -5.82 -49.25
C HIS A 7 17.34 -5.33 -50.37
N ARG A 8 18.66 -5.28 -50.15
CA ARG A 8 19.56 -4.85 -51.21
C ARG A 8 19.53 -5.81 -52.39
N LEU A 9 19.80 -7.09 -52.12
CA LEU A 9 19.79 -8.17 -53.10
C LEU A 9 18.63 -8.17 -54.09
N SER A 10 18.96 -8.57 -55.31
CA SER A 10 17.98 -8.56 -56.36
C SER A 10 17.16 -9.85 -56.31
N ASN A 11 16.13 -9.89 -57.14
CA ASN A 11 15.24 -11.05 -57.18
C ASN A 11 16.05 -12.32 -57.46
N THR A 12 16.95 -12.26 -58.46
CA THR A 12 17.82 -13.39 -58.76
C THR A 12 18.72 -13.71 -57.58
N GLU A 13 19.10 -12.70 -56.81
CA GLU A 13 20.04 -12.93 -55.71
C GLU A 13 19.39 -13.56 -54.49
N LEU A 14 18.16 -13.13 -54.13
CA LEU A 14 17.48 -13.78 -53.01
C LEU A 14 17.06 -15.19 -53.39
N GLU A 15 16.62 -15.38 -54.63
CA GLU A 15 16.05 -16.67 -54.98
C GLU A 15 17.08 -17.80 -54.86
N GLN A 16 18.38 -17.49 -54.97
CA GLN A 16 19.39 -18.50 -54.69
C GLN A 16 19.58 -18.75 -53.19
N LYS A 17 19.37 -17.72 -52.37
CA LYS A 17 19.48 -17.83 -50.90
C LYS A 17 18.34 -18.67 -50.30
N TYR A 18 17.09 -18.27 -50.51
CA TYR A 18 15.94 -18.97 -49.97
C TYR A 18 15.52 -20.17 -50.81
N GLY A 19 16.29 -20.52 -51.84
CA GLY A 19 16.00 -21.75 -52.58
C GLY A 19 14.60 -21.80 -53.16
N THR A 20 14.13 -20.68 -53.73
CA THR A 20 12.79 -20.54 -54.28
C THR A 20 12.85 -19.92 -55.67
N ASN A 21 11.77 -20.07 -56.45
CA ASN A 21 11.59 -19.41 -57.74
C ASN A 21 10.51 -18.35 -57.62
N ILE A 22 10.77 -17.19 -58.21
CA ILE A 22 9.87 -16.09 -57.95
C ILE A 22 8.51 -16.36 -58.58
N ILE A 23 8.45 -17.28 -59.55
CA ILE A 23 7.25 -17.49 -60.33
C ILE A 23 6.79 -18.94 -60.21
N GLN A 24 7.73 -19.87 -60.09
CA GLN A 24 7.26 -21.22 -59.81
C GLN A 24 6.94 -21.41 -58.34
N GLY A 25 7.20 -20.41 -57.51
CA GLY A 25 6.99 -20.60 -56.09
C GLY A 25 7.94 -21.64 -55.52
N LEU A 26 7.52 -22.25 -54.42
CA LEU A 26 8.27 -23.30 -53.76
C LEU A 26 7.53 -24.61 -53.93
N SER A 27 8.26 -25.70 -54.04
CA SER A 27 7.57 -26.98 -53.99
C SER A 27 7.00 -27.17 -52.58
N SER A 28 5.84 -27.82 -52.52
CA SER A 28 5.29 -28.13 -51.22
C SER A 28 6.17 -29.13 -50.46
N VAL A 29 7.04 -29.86 -51.17
CA VAL A 29 8.00 -30.73 -50.49
C VAL A 29 8.93 -29.92 -49.59
N ARG A 30 9.65 -28.96 -50.20
CA ARG A 30 10.52 -28.06 -49.46
C ARG A 30 9.76 -27.16 -48.50
N ALA A 31 8.46 -26.93 -48.76
CA ALA A 31 7.60 -26.33 -47.76
C ALA A 31 7.60 -27.17 -46.48
N THR A 32 7.35 -28.48 -46.62
CA THR A 32 7.36 -29.36 -45.46
C THR A 32 8.73 -29.34 -44.78
N GLU A 33 9.78 -29.53 -45.58
CA GLU A 33 11.12 -29.72 -45.05
C GLU A 33 11.62 -28.46 -44.32
N LEU A 34 11.27 -27.27 -44.83
CA LEU A 34 11.67 -25.99 -44.24
C LEU A 34 10.80 -25.65 -43.02
N LEU A 35 9.51 -25.95 -43.12
CA LEU A 35 8.61 -25.88 -41.98
C LEU A 35 9.12 -26.69 -40.80
N ALA A 36 9.78 -27.81 -41.10
CA ALA A 36 10.37 -28.65 -40.06
C ALA A 36 11.43 -27.89 -39.26
N ARG A 37 12.44 -27.36 -39.94
CA ARG A 37 13.57 -26.75 -39.22
C ARG A 37 13.17 -25.43 -38.56
N ASP A 38 12.36 -24.62 -39.24
CA ASP A 38 12.08 -23.26 -38.74
C ASP A 38 10.92 -23.24 -37.75
N GLY A 39 9.92 -24.10 -37.94
CA GLY A 39 8.73 -24.08 -37.13
C GLY A 39 7.51 -23.47 -37.80
N PRO A 40 6.38 -23.51 -37.12
CA PRO A 40 5.14 -23.00 -37.69
C PRO A 40 5.14 -21.49 -37.66
N ASN A 41 4.20 -20.91 -38.42
CA ASN A 41 4.08 -19.44 -38.48
C ASN A 41 3.08 -18.96 -37.45
N THR A 42 3.57 -18.75 -36.24
CA THR A 42 2.72 -18.43 -35.11
C THR A 42 3.52 -17.81 -33.99
N LEU A 43 2.90 -16.86 -33.31
CA LEU A 43 3.50 -16.24 -32.14
C LEU A 43 3.23 -17.11 -30.93
N THR A 44 4.30 -17.61 -30.34
CA THR A 44 4.20 -18.43 -29.15
C THR A 44 3.68 -17.60 -27.95
N PRO A 45 2.59 -18.04 -27.30
CA PRO A 45 1.96 -17.22 -26.26
C PRO A 45 2.80 -17.21 -24.99
N PRO A 46 2.60 -16.20 -24.14
CA PRO A 46 3.49 -16.00 -22.99
C PRO A 46 3.22 -16.98 -21.88
N LYS A 47 4.15 -17.05 -20.93
CA LYS A 47 4.09 -18.00 -19.83
C LYS A 47 3.62 -17.27 -18.57
N GLN A 48 2.45 -17.63 -18.07
CA GLN A 48 1.89 -17.05 -16.86
C GLN A 48 1.83 -18.12 -15.77
N THR A 49 2.44 -17.81 -14.63
CA THR A 49 2.44 -18.75 -13.50
C THR A 49 1.01 -19.00 -13.03
N PRO A 50 0.68 -20.24 -12.64
CA PRO A 50 -0.67 -20.54 -12.15
C PRO A 50 -0.95 -19.73 -10.89
N GLU A 51 -2.21 -19.30 -10.75
CA GLU A 51 -2.58 -18.44 -9.63
C GLU A 51 -2.38 -19.12 -8.29
N ILE A 52 -2.48 -20.44 -8.24
CA ILE A 52 -2.28 -21.14 -6.98
C ILE A 52 -0.85 -20.93 -6.50
N ILE A 53 0.12 -20.94 -7.40
CA ILE A 53 1.50 -20.66 -7.00
C ILE A 53 1.66 -19.20 -6.58
N LYS A 54 0.97 -18.26 -7.24
CA LYS A 54 1.14 -16.87 -6.83
C LYS A 54 0.51 -16.63 -5.45
N PHE A 55 -0.66 -17.18 -5.24
CA PHE A 55 -1.31 -17.10 -3.94
C PHE A 55 -0.41 -17.66 -2.84
N LEU A 56 0.04 -18.91 -2.99
CA LEU A 56 0.89 -19.49 -1.97
C LEU A 56 2.26 -18.83 -1.95
N LYS A 57 2.60 -18.06 -2.99
CA LYS A 57 3.83 -17.28 -2.95
C LYS A 57 3.65 -16.10 -2.01
N GLN A 58 2.44 -15.57 -1.94
CA GLN A 58 2.14 -14.52 -0.98
C GLN A 58 2.08 -15.02 0.47
N MET A 59 2.53 -16.24 0.78
CA MET A 59 2.56 -16.68 2.17
C MET A 59 3.95 -16.61 2.79
N VAL A 60 4.85 -15.84 2.19
CA VAL A 60 6.11 -15.52 2.83
C VAL A 60 6.22 -14.00 2.68
N GLY A 61 5.06 -13.34 2.69
CA GLY A 61 4.95 -11.93 2.37
C GLY A 61 5.60 -11.05 3.41
N GLY A 62 6.91 -11.23 3.62
CA GLY A 62 7.70 -10.34 4.46
C GLY A 62 7.47 -10.55 5.94
N PHE A 63 6.33 -10.11 6.43
CA PHE A 63 6.05 -10.32 7.84
C PHE A 63 5.75 -11.76 8.13
N SER A 64 5.28 -12.50 7.13
CA SER A 64 4.96 -13.90 7.31
C SER A 64 6.19 -14.75 7.65
N ILE A 65 7.40 -14.25 7.44
CA ILE A 65 8.60 -14.92 7.91
C ILE A 65 8.63 -15.00 9.44
N LEU A 66 8.24 -13.92 10.13
CA LEU A 66 8.31 -13.89 11.59
C LEU A 66 7.07 -14.46 12.22
N LEU A 67 5.94 -14.36 11.54
CA LEU A 67 4.72 -14.90 12.10
C LEU A 67 4.66 -16.41 11.94
N TRP A 68 5.35 -16.98 10.96
CA TRP A 68 5.45 -18.44 10.89
C TRP A 68 6.25 -18.98 12.05
N ILE A 69 7.38 -18.35 12.35
CA ILE A 69 8.16 -18.70 13.54
C ILE A 69 7.31 -18.54 14.79
N GLY A 70 6.48 -17.50 14.84
CA GLY A 70 5.63 -17.29 16.00
C GLY A 70 4.68 -18.44 16.27
N ALA A 71 3.94 -18.88 15.24
CA ALA A 71 2.96 -19.96 15.46
C ALA A 71 3.65 -21.32 15.59
N ALA A 72 4.80 -21.49 14.93
CA ALA A 72 5.66 -22.61 15.21
C ALA A 72 5.99 -22.71 16.70
N LEU A 73 6.56 -21.65 17.27
CA LEU A 73 6.96 -21.69 18.67
C LEU A 73 5.77 -21.85 19.60
N CYS A 74 4.66 -21.20 19.29
CA CYS A 74 3.42 -21.45 20.03
C CYS A 74 3.14 -22.95 20.12
N TRP A 75 3.00 -23.63 18.97
CA TRP A 75 2.71 -25.07 19.04
C TRP A 75 3.86 -25.89 19.59
N ILE A 76 5.09 -25.40 19.54
CA ILE A 76 6.19 -26.13 20.16
C ILE A 76 6.07 -26.08 21.69
N ALA A 77 5.74 -24.91 22.21
CA ALA A 77 5.39 -24.79 23.63
C ALA A 77 4.19 -25.66 23.98
N PHE A 78 3.26 -25.83 23.05
CA PHE A 78 2.15 -26.74 23.36
C PHE A 78 2.63 -28.19 23.34
N VAL A 79 3.60 -28.53 22.48
CA VAL A 79 4.19 -29.86 22.52
C VAL A 79 4.78 -30.11 23.90
N ILE A 80 5.52 -29.12 24.43
CA ILE A 80 6.05 -29.28 25.78
C ILE A 80 4.94 -29.26 26.82
N GLN A 81 3.75 -28.74 26.47
CA GLN A 81 2.57 -28.83 27.32
C GLN A 81 1.89 -30.21 27.26
N TYR A 82 2.26 -31.06 26.28
CA TYR A 82 1.96 -32.49 26.43
C TYR A 82 2.79 -33.13 27.54
N VAL A 83 4.06 -32.74 27.66
CA VAL A 83 4.92 -33.28 28.72
C VAL A 83 4.36 -32.90 30.09
N ASN A 84 4.09 -31.61 30.29
CA ASN A 84 3.46 -31.09 31.50
C ASN A 84 2.07 -30.54 31.16
N ASN A 85 1.06 -31.05 31.84
CA ASN A 85 -0.34 -30.76 31.48
C ASN A 85 -0.73 -29.35 31.88
N SER A 86 -1.47 -28.65 31.01
CA SER A 86 -2.02 -27.34 31.32
C SER A 86 -3.42 -27.29 30.69
N ALA A 87 -4.46 -27.28 31.53
CA ALA A 87 -5.83 -27.31 31.02
C ALA A 87 -6.18 -25.99 30.32
N SER A 88 -6.10 -24.87 31.04
CA SER A 88 -6.45 -23.54 30.50
C SER A 88 -5.23 -22.95 29.80
N LEU A 89 -5.13 -23.20 28.51
CA LEU A 89 -3.92 -22.95 27.77
C LEU A 89 -4.25 -22.05 26.59
N ASP A 90 -3.37 -21.11 26.33
CA ASP A 90 -3.53 -20.24 25.16
C ASP A 90 -2.42 -20.41 24.14
N ASN A 91 -1.60 -21.46 24.22
CA ASN A 91 -0.62 -21.55 23.15
C ASN A 91 -1.19 -22.21 21.90
N VAL A 92 -2.19 -23.07 22.05
CA VAL A 92 -2.92 -23.53 20.87
C VAL A 92 -3.80 -22.43 20.32
N TYR A 93 -4.51 -21.71 21.20
CA TYR A 93 -5.33 -20.61 20.72
C TYR A 93 -4.47 -19.53 20.08
N LEU A 94 -3.32 -19.19 20.68
CA LEU A 94 -2.49 -18.13 20.12
C LEU A 94 -1.81 -18.57 18.82
N GLY A 95 -1.31 -19.82 18.78
CA GLY A 95 -0.80 -20.33 17.51
C GLY A 95 -1.84 -20.29 16.41
N ALA A 96 -3.09 -20.64 16.74
CA ALA A 96 -4.14 -20.59 15.73
C ALA A 96 -4.40 -19.16 15.28
N ILE A 97 -4.54 -18.24 16.22
CA ILE A 97 -4.82 -16.86 15.82
C ILE A 97 -3.71 -16.31 14.93
N LEU A 98 -2.46 -16.70 15.21
CA LEU A 98 -1.36 -16.22 14.38
C LEU A 98 -1.43 -16.75 12.96
N VAL A 99 -1.69 -18.06 12.80
CA VAL A 99 -1.73 -18.57 11.43
C VAL A 99 -2.90 -17.96 10.69
N LEU A 100 -4.00 -17.74 11.39
CA LEU A 100 -5.13 -17.02 10.82
C LEU A 100 -4.70 -15.66 10.28
N VAL A 101 -3.85 -14.93 11.01
CA VAL A 101 -3.51 -13.58 10.51
C VAL A 101 -2.43 -13.61 9.43
N VAL A 102 -1.60 -14.66 9.38
CA VAL A 102 -0.74 -14.86 8.22
C VAL A 102 -1.57 -15.09 6.97
N ILE A 103 -2.53 -16.01 7.04
CA ILE A 103 -3.38 -16.23 5.87
C ILE A 103 -4.24 -15.01 5.57
N LEU A 104 -4.73 -14.33 6.62
CA LEU A 104 -5.50 -13.10 6.48
C LEU A 104 -4.75 -12.05 5.67
N THR A 105 -3.59 -11.62 6.15
CA THR A 105 -2.86 -10.61 5.41
C THR A 105 -2.35 -11.14 4.07
N GLY A 106 -2.16 -12.46 3.94
CA GLY A 106 -1.75 -13.01 2.65
C GLY A 106 -2.77 -12.78 1.55
N ILE A 107 -4.05 -13.02 1.84
CA ILE A 107 -5.03 -12.94 0.75
C ILE A 107 -5.23 -11.49 0.30
N PHE A 108 -5.01 -10.52 1.17
CA PHE A 108 -5.05 -9.11 0.75
C PHE A 108 -3.85 -8.77 -0.12
N ALA A 109 -2.65 -9.15 0.33
CA ALA A 109 -1.49 -8.88 -0.52
C ALA A 109 -1.58 -9.60 -1.86
N TYR A 110 -2.44 -10.63 -1.97
CA TYR A 110 -2.62 -11.33 -3.24
C TYR A 110 -3.28 -10.44 -4.29
N TYR A 111 -4.41 -9.82 -3.95
CA TYR A 111 -5.00 -8.85 -4.86
C TYR A 111 -4.08 -7.68 -5.13
N GLN A 112 -3.36 -7.18 -4.09
CA GLN A 112 -2.57 -5.96 -4.25
C GLN A 112 -1.49 -6.10 -5.32
N GLU A 113 -0.77 -7.21 -5.32
CA GLU A 113 0.19 -7.47 -6.40
C GLU A 113 -0.55 -8.22 -7.50
N ALA A 114 -1.03 -7.49 -8.50
CA ALA A 114 -1.79 -8.04 -9.61
C ALA A 114 -0.99 -7.88 -10.90
N LYS A 115 -1.16 -8.80 -11.84
CA LYS A 115 -0.42 -8.76 -13.10
C LYS A 115 -1.31 -9.28 -14.23
N SER A 116 -1.79 -8.35 -15.06
CA SER A 116 -2.51 -8.61 -16.32
C SER A 116 -1.52 -8.69 -17.47
N THR A 117 -1.13 -9.92 -17.85
CA THR A 117 -0.21 -10.10 -18.97
C THR A 117 -0.95 -10.58 -20.21
N ASN A 118 -2.17 -10.05 -20.40
CA ASN A 118 -3.07 -10.48 -21.48
C ASN A 118 -2.74 -9.68 -22.75
N ILE A 119 -1.59 -9.99 -23.34
CA ILE A 119 -1.08 -9.21 -24.46
C ILE A 119 -1.56 -9.77 -25.81
N MET A 120 -1.72 -11.10 -25.91
CA MET A 120 -2.10 -11.75 -27.17
C MET A 120 -3.54 -11.46 -27.58
N ALA A 121 -4.37 -10.99 -26.63
CA ALA A 121 -5.75 -10.61 -26.95
C ALA A 121 -5.80 -9.64 -28.12
N SER A 122 -4.92 -8.65 -28.09
CA SER A 122 -4.85 -7.60 -29.09
C SER A 122 -4.16 -8.05 -30.38
N PHE A 123 -3.16 -8.92 -30.26
CA PHE A 123 -2.42 -9.34 -31.44
C PHE A 123 -3.24 -10.27 -32.33
N SER A 124 -4.19 -11.02 -31.76
CA SER A 124 -4.95 -11.97 -32.59
C SER A 124 -5.82 -11.25 -33.61
N LYS A 125 -6.36 -10.07 -33.26
CA LYS A 125 -7.23 -9.35 -34.20
C LYS A 125 -6.49 -8.99 -35.48
N MET A 126 -5.20 -8.67 -35.37
CA MET A 126 -4.43 -8.17 -36.51
C MET A 126 -3.81 -9.30 -37.33
N ILE A 127 -3.44 -10.41 -36.67
CA ILE A 127 -2.80 -11.54 -37.35
C ILE A 127 -3.78 -12.09 -38.39
N PRO A 128 -3.35 -12.39 -39.60
CA PRO A 128 -4.26 -12.91 -40.62
C PRO A 128 -4.38 -14.42 -40.58
N GLN A 129 -5.56 -14.88 -40.93
CA GLN A 129 -5.82 -16.31 -40.84
C GLN A 129 -5.43 -17.03 -42.13
N GLN A 130 -5.41 -16.34 -43.26
CA GLN A 130 -5.16 -16.98 -44.54
C GLN A 130 -4.14 -16.19 -45.33
N ALA A 131 -3.51 -16.87 -46.27
CA ALA A 131 -2.49 -16.26 -47.12
C ALA A 131 -2.73 -16.69 -48.54
N LEU A 132 -2.38 -15.84 -49.48
CA LEU A 132 -2.43 -16.23 -50.88
C LEU A 132 -1.01 -16.62 -51.29
N VAL A 133 -0.66 -17.87 -50.95
CA VAL A 133 0.65 -18.43 -51.28
C VAL A 133 0.53 -19.17 -52.60
N ILE A 134 1.64 -19.26 -53.33
CA ILE A 134 1.71 -20.08 -54.53
C ILE A 134 2.89 -21.02 -54.35
N ARG A 135 2.60 -22.30 -54.29
CA ARG A 135 3.63 -23.30 -54.30
C ARG A 135 3.52 -24.11 -55.58
N ASP A 136 4.65 -24.67 -56.03
CA ASP A 136 4.79 -25.50 -57.23
C ASP A 136 3.87 -25.07 -58.38
N ALA A 137 3.85 -23.77 -58.67
CA ALA A 137 3.11 -23.18 -59.79
C ALA A 137 1.59 -23.44 -59.71
N GLU A 138 1.07 -23.59 -58.50
CA GLU A 138 -0.36 -23.86 -58.27
C GLU A 138 -0.87 -22.83 -57.26
N LYS A 139 -1.83 -22.02 -57.69
CA LYS A 139 -2.48 -21.03 -56.85
C LYS A 139 -3.36 -21.70 -55.81
N LYS A 140 -2.95 -21.70 -54.55
CA LYS A 140 -3.82 -22.17 -53.47
C LYS A 140 -3.77 -21.17 -52.31
N VAL A 141 -4.89 -21.01 -51.63
CA VAL A 141 -4.96 -20.20 -50.42
C VAL A 141 -4.87 -21.11 -49.22
N ILE A 142 -3.79 -20.97 -48.44
CA ILE A 142 -3.58 -21.81 -47.27
C ILE A 142 -3.52 -20.91 -46.04
N SER A 143 -3.65 -21.54 -44.87
CA SER A 143 -3.48 -20.88 -43.60
C SER A 143 -2.08 -20.34 -43.43
N ALA A 144 -1.99 -19.14 -42.85
CA ALA A 144 -0.73 -18.41 -42.77
C ALA A 144 0.27 -19.09 -41.87
N GLU A 145 -0.18 -20.00 -41.03
CA GLU A 145 0.73 -20.62 -40.08
C GLU A 145 1.65 -21.63 -40.76
N GLN A 146 1.30 -22.03 -42.00
CA GLN A 146 2.03 -23.00 -42.78
C GLN A 146 3.14 -22.40 -43.64
N LEU A 147 3.21 -21.08 -43.74
CA LEU A 147 4.22 -20.42 -44.56
C LEU A 147 5.60 -20.64 -43.97
N VAL A 148 6.61 -20.46 -44.80
CA VAL A 148 7.99 -20.60 -44.37
C VAL A 148 8.84 -19.60 -45.16
N VAL A 149 10.06 -19.34 -44.68
CA VAL A 149 10.88 -18.31 -45.29
C VAL A 149 11.11 -18.65 -46.76
N GLY A 150 10.62 -17.79 -47.64
CA GLY A 150 10.94 -17.89 -49.05
C GLY A 150 9.96 -18.72 -49.84
N ASP A 151 8.67 -18.57 -49.57
CA ASP A 151 7.64 -18.99 -50.50
C ASP A 151 6.89 -17.75 -50.93
N VAL A 152 6.49 -17.71 -52.18
CA VAL A 152 5.88 -16.51 -52.72
C VAL A 152 4.44 -16.41 -52.24
N VAL A 153 4.01 -15.20 -51.90
CA VAL A 153 2.64 -14.88 -51.50
C VAL A 153 2.16 -13.70 -52.35
N GLU A 154 0.87 -13.70 -52.68
CA GLU A 154 0.25 -12.60 -53.40
C GLU A 154 -0.56 -11.78 -52.38
N ILE A 155 0.05 -10.71 -51.90
CA ILE A 155 -0.70 -9.74 -51.11
C ILE A 155 -1.73 -9.09 -52.02
N LYS A 156 -2.93 -8.96 -51.48
CA LYS A 156 -4.09 -8.40 -52.12
C LYS A 156 -4.39 -7.07 -51.47
N GLY A 157 -5.25 -6.29 -52.10
CA GLY A 157 -5.73 -5.05 -51.49
C GLY A 157 -6.78 -5.36 -50.43
N GLY A 158 -6.67 -4.69 -49.29
CA GLY A 158 -7.64 -4.80 -48.22
C GLY A 158 -7.51 -6.02 -47.32
N ASP A 159 -6.44 -6.78 -47.43
CA ASP A 159 -6.23 -7.94 -46.57
C ASP A 159 -4.89 -7.83 -45.86
N GLN A 160 -4.82 -8.41 -44.67
CA GLN A 160 -3.62 -8.36 -43.84
C GLN A 160 -2.47 -9.13 -44.47
N ILE A 161 -1.25 -8.69 -44.17
CA ILE A 161 -0.05 -9.32 -44.73
C ILE A 161 0.22 -10.62 -43.97
N PRO A 162 0.41 -11.74 -44.68
CA PRO A 162 0.54 -13.03 -44.00
C PRO A 162 1.84 -13.22 -43.24
N ALA A 163 2.92 -12.52 -43.60
CA ALA A 163 4.20 -12.70 -42.93
C ALA A 163 5.06 -11.47 -43.20
N ASP A 164 6.23 -11.43 -42.58
CA ASP A 164 7.20 -10.42 -43.00
C ASP A 164 7.71 -10.77 -44.38
N ILE A 165 7.35 -9.94 -45.34
CA ILE A 165 7.46 -10.23 -46.77
C ILE A 165 8.34 -9.17 -47.42
N ARG A 166 9.13 -9.61 -48.43
CA ARG A 166 9.95 -8.73 -49.28
C ARG A 166 9.33 -8.75 -50.67
N LEU A 167 8.79 -7.61 -51.09
CA LEU A 167 8.04 -7.52 -52.34
C LEU A 167 8.98 -7.60 -53.55
N VAL A 168 8.51 -8.28 -54.60
CA VAL A 168 9.24 -8.38 -55.85
C VAL A 168 8.38 -8.06 -57.06
N PHE A 169 7.13 -7.67 -56.85
CA PHE A 169 6.25 -7.21 -57.92
C PHE A 169 5.24 -6.34 -57.20
N SER A 170 4.96 -5.13 -57.67
CA SER A 170 3.92 -4.37 -56.98
C SER A 170 3.29 -3.36 -57.92
N GLN A 171 1.96 -3.21 -57.80
CA GLN A 171 1.19 -2.32 -58.68
C GLN A 171 0.28 -1.40 -57.86
N GLY A 172 0.80 -0.24 -57.46
CA GLY A 172 0.00 0.67 -56.66
C GLY A 172 -0.36 0.03 -55.35
N CYS A 173 0.66 -0.39 -54.59
CA CYS A 173 0.46 -0.95 -53.26
C CYS A 173 0.72 0.12 -52.20
N LYS A 174 -0.11 0.13 -51.16
CA LYS A 174 -0.11 1.13 -50.10
C LYS A 174 -0.50 0.39 -48.82
N VAL A 175 0.36 0.40 -47.79
CA VAL A 175 0.13 -0.38 -46.56
C VAL A 175 0.20 0.50 -45.31
N ASP A 176 -0.27 -0.07 -44.21
CA ASP A 176 -0.54 0.62 -42.95
C ASP A 176 0.46 0.16 -41.89
N ASN A 177 1.52 0.92 -41.72
CA ASN A 177 2.54 0.62 -40.74
C ASN A 177 2.27 1.33 -39.42
N SER A 178 1.00 1.49 -39.02
CA SER A 178 0.72 2.09 -37.71
C SER A 178 1.03 1.17 -36.55
N SER A 179 1.11 -0.16 -36.76
CA SER A 179 1.56 -1.05 -35.68
C SER A 179 3.04 -0.87 -35.32
N LEU A 180 3.83 -0.28 -36.21
CA LEU A 180 5.20 0.11 -35.91
C LEU A 180 5.36 1.60 -35.65
N THR A 181 4.57 2.45 -36.32
CA THR A 181 4.76 3.88 -36.17
C THR A 181 3.66 4.56 -35.38
N GLY A 182 2.49 3.95 -35.29
CA GLY A 182 1.39 4.63 -34.65
C GLY A 182 0.65 5.62 -35.52
N GLU A 183 0.99 5.73 -36.81
CA GLU A 183 0.24 6.56 -37.74
C GLU A 183 -0.37 5.69 -38.83
N SER A 184 -1.64 5.97 -39.13
CA SER A 184 -2.36 5.37 -40.25
C SER A 184 -2.15 6.12 -41.56
N GLU A 185 -1.11 6.95 -41.63
CA GLU A 185 -0.68 7.60 -42.86
C GLU A 185 -0.15 6.55 -43.82
N PRO A 186 -0.90 6.16 -44.87
CA PRO A 186 -0.51 4.98 -45.64
C PRO A 186 0.85 5.22 -46.24
N GLN A 187 1.76 4.27 -46.06
CA GLN A 187 3.02 4.28 -46.79
C GLN A 187 2.90 3.33 -47.96
N ALA A 188 3.03 3.89 -49.15
CA ALA A 188 3.00 3.12 -50.38
C ALA A 188 4.32 2.39 -50.56
N ARG A 189 4.24 1.25 -51.22
CA ARG A 189 5.33 0.29 -51.33
C ARG A 189 5.67 0.13 -52.81
N SER A 190 6.95 0.30 -53.16
CA SER A 190 7.42 -0.08 -54.49
C SER A 190 8.01 -1.50 -54.43
N THR A 191 8.76 -1.88 -55.45
CA THR A 191 9.46 -3.16 -55.48
C THR A 191 10.97 -2.98 -55.50
N GLU A 192 11.49 -1.83 -55.05
CA GLU A 192 12.93 -1.56 -55.16
C GLU A 192 13.45 -0.83 -53.93
N PHE A 193 14.78 -0.65 -53.91
CA PHE A 193 15.53 -0.17 -52.75
C PHE A 193 15.37 1.34 -52.57
N THR A 194 14.74 1.71 -51.45
CA THR A 194 14.48 3.08 -51.02
C THR A 194 15.42 3.54 -49.92
N HIS A 195 15.55 2.75 -48.86
CA HIS A 195 16.27 3.17 -47.66
C HIS A 195 17.27 2.10 -47.27
N GLU A 196 18.31 2.52 -46.55
CA GLU A 196 19.27 1.56 -46.01
C GLU A 196 18.57 0.58 -45.08
N ASN A 197 17.86 1.11 -43.98
CA ASN A 197 17.38 0.16 -42.98
C ASN A 197 15.98 -0.33 -43.36
N PRO A 198 15.61 -1.54 -42.94
CA PRO A 198 14.38 -2.15 -43.45
C PRO A 198 13.10 -1.60 -42.85
N LEU A 199 13.16 -0.64 -41.93
CA LEU A 199 11.93 -0.06 -41.39
C LEU A 199 11.05 0.60 -42.48
N GLU A 200 11.65 1.24 -43.48
CA GLU A 200 10.78 1.88 -44.48
C GLU A 200 11.32 1.73 -45.88
N THR A 201 11.81 0.54 -46.23
CA THR A 201 12.49 0.40 -47.51
C THR A 201 11.52 0.31 -48.70
N LYS A 202 10.21 0.40 -48.48
CA LYS A 202 9.25 0.61 -49.56
C LYS A 202 9.17 -0.62 -50.46
N ASN A 203 9.96 -1.64 -50.14
CA ASN A 203 10.03 -2.88 -50.88
C ASN A 203 9.81 -4.10 -50.00
N ILE A 204 9.54 -3.91 -48.71
CA ILE A 204 9.19 -5.01 -47.83
C ILE A 204 7.89 -4.68 -47.10
N GLY A 205 6.98 -5.64 -47.08
CA GLY A 205 5.80 -5.56 -46.25
C GLY A 205 6.15 -5.96 -44.84
N PHE A 206 5.15 -5.96 -43.97
CA PHE A 206 5.31 -6.31 -42.56
C PHE A 206 4.15 -7.15 -42.06
N TYR A 207 4.44 -8.02 -41.09
CA TYR A 207 3.50 -9.02 -40.62
C TYR A 207 2.29 -8.37 -39.98
N SER A 208 1.11 -8.62 -40.54
CA SER A 208 -0.17 -8.23 -39.96
C SER A 208 -0.36 -6.71 -39.92
N THR A 209 0.27 -6.01 -40.84
CA THR A 209 -0.14 -4.66 -41.17
C THR A 209 -1.11 -4.79 -42.32
N THR A 210 -2.12 -3.94 -42.33
CA THR A 210 -3.18 -4.14 -43.28
C THR A 210 -2.79 -3.53 -44.63
N CYS A 211 -3.20 -4.21 -45.71
CA CYS A 211 -2.86 -3.82 -47.08
C CYS A 211 -3.93 -2.90 -47.64
N LEU A 212 -3.67 -1.59 -47.61
CA LEU A 212 -4.73 -0.62 -47.89
C LEU A 212 -5.20 -0.69 -49.33
N GLU A 213 -4.26 -0.75 -50.29
CA GLU A 213 -4.69 -0.96 -51.67
C GLU A 213 -3.55 -1.49 -52.55
N GLY A 214 -3.93 -2.10 -53.67
CA GLY A 214 -2.99 -2.58 -54.66
C GLY A 214 -2.70 -4.06 -54.51
N THR A 215 -1.89 -4.58 -55.43
CA THR A 215 -1.55 -5.99 -55.44
C THR A 215 -0.04 -6.15 -55.50
N ALA A 216 0.52 -6.95 -54.62
CA ALA A 216 1.97 -7.11 -54.67
C ALA A 216 2.36 -8.54 -54.43
N THR A 217 3.22 -9.07 -55.27
CA THR A 217 3.77 -10.39 -55.08
C THR A 217 5.08 -10.28 -54.29
N GLY A 218 5.23 -11.12 -53.28
CA GLY A 218 6.40 -11.03 -52.42
C GLY A 218 6.87 -12.39 -51.98
N ILE A 219 8.07 -12.44 -51.40
CA ILE A 219 8.64 -13.68 -50.86
C ILE A 219 8.95 -13.47 -49.38
N VAL A 220 8.57 -14.46 -48.56
CA VAL A 220 8.54 -14.26 -47.12
C VAL A 220 9.97 -14.33 -46.59
N ILE A 221 10.42 -13.25 -45.94
CA ILE A 221 11.78 -13.27 -45.38
C ILE A 221 11.80 -13.80 -43.95
N ASN A 222 10.81 -13.51 -43.09
CA ASN A 222 10.79 -14.05 -41.74
C ASN A 222 9.37 -14.37 -41.31
N THR A 223 9.20 -15.42 -40.50
CA THR A 223 7.87 -15.89 -40.14
C THR A 223 7.81 -16.46 -38.72
N GLY A 224 6.83 -16.01 -37.95
CA GLY A 224 6.75 -16.34 -36.53
C GLY A 224 7.16 -15.20 -35.60
N ASP A 225 7.87 -15.55 -34.51
CA ASP A 225 8.38 -14.63 -33.51
C ASP A 225 9.58 -13.81 -33.97
N ARG A 226 10.16 -14.13 -35.13
CA ARG A 226 11.26 -13.36 -35.66
C ARG A 226 10.78 -12.14 -36.43
N THR A 227 9.49 -12.08 -36.71
CA THR A 227 8.87 -10.97 -37.40
C THR A 227 8.87 -9.72 -36.51
N ILE A 228 8.56 -8.56 -37.12
CA ILE A 228 8.64 -7.33 -36.33
C ILE A 228 7.52 -7.27 -35.30
N ILE A 229 6.31 -7.67 -35.64
CA ILE A 229 5.31 -7.77 -34.59
C ILE A 229 5.63 -8.93 -33.67
N GLY A 230 6.22 -10.01 -34.19
CA GLY A 230 6.65 -11.08 -33.31
C GLY A 230 7.63 -10.57 -32.27
N ARG A 231 8.55 -9.69 -32.68
CA ARG A 231 9.52 -9.18 -31.72
C ARG A 231 8.85 -8.20 -30.75
N ILE A 232 7.96 -7.35 -31.24
CA ILE A 232 7.19 -6.50 -30.32
C ILE A 232 6.48 -7.36 -29.28
N ALA A 233 5.81 -8.43 -29.72
CA ALA A 233 5.08 -9.26 -28.77
C ALA A 233 6.02 -9.94 -27.78
N SER A 234 7.20 -10.40 -28.24
CA SER A 234 8.15 -11.02 -27.33
C SER A 234 8.57 -10.04 -26.24
N LEU A 235 8.77 -8.76 -26.61
CA LEU A 235 9.15 -7.78 -25.59
C LEU A 235 8.00 -7.35 -24.68
N ALA A 236 6.78 -7.26 -25.20
CA ALA A 236 5.65 -6.82 -24.38
C ALA A 236 5.25 -7.89 -23.37
N SER A 237 5.22 -9.16 -23.79
CA SER A 237 4.82 -10.21 -22.85
C SER A 237 6.01 -10.73 -22.03
N GLY A 238 7.16 -10.98 -22.68
CA GLY A 238 8.32 -11.48 -21.96
C GLY A 238 8.94 -10.47 -21.00
N VAL A 239 9.10 -9.20 -21.43
CA VAL A 239 9.63 -8.20 -20.52
C VAL A 239 8.43 -7.70 -19.73
N GLY A 240 8.01 -8.49 -18.74
CA GLY A 240 6.86 -8.17 -17.91
C GLY A 240 7.32 -7.52 -16.62
N SER A 241 7.08 -6.21 -16.47
CA SER A 241 7.64 -5.50 -15.32
C SER A 241 6.93 -5.97 -14.06
N GLU A 242 7.48 -7.00 -13.40
CA GLU A 242 6.98 -7.37 -12.08
C GLU A 242 7.47 -6.42 -10.99
N LYS A 243 8.64 -5.82 -11.18
CA LYS A 243 9.18 -4.83 -10.25
C LYS A 243 8.27 -3.58 -10.23
N THR A 244 7.91 -3.13 -9.02
CA THR A 244 7.15 -1.90 -8.85
C THR A 244 7.83 -1.05 -7.78
N PRO A 245 7.73 0.29 -7.87
CA PRO A 245 8.63 1.12 -7.06
C PRO A 245 7.96 1.49 -5.77
N ILE A 246 6.63 1.33 -5.74
CA ILE A 246 5.92 1.50 -4.48
C ILE A 246 6.33 0.40 -3.51
N ALA A 247 6.29 -0.86 -3.98
CA ALA A 247 6.48 -1.99 -3.11
C ALA A 247 7.94 -2.34 -2.92
N ILE A 248 8.84 -1.68 -3.65
CA ILE A 248 10.23 -1.75 -3.24
C ILE A 248 10.45 -0.98 -1.92
N GLU A 249 9.66 0.08 -1.68
CA GLU A 249 9.80 0.83 -0.44
C GLU A 249 9.23 0.08 0.76
N ILE A 250 8.07 -0.60 0.62
CA ILE A 250 7.48 -1.36 1.73
C ILE A 250 8.15 -2.71 1.91
N GLU A 251 8.75 -3.24 0.85
CA GLU A 251 9.62 -4.39 1.05
C GLU A 251 10.85 -4.03 1.87
N HIS A 252 11.50 -2.92 1.54
CA HIS A 252 12.62 -2.49 2.38
C HIS A 252 12.17 -2.14 3.81
N PHE A 253 10.96 -1.60 3.94
CA PHE A 253 10.44 -1.28 5.27
C PHE A 253 10.23 -2.53 6.12
N VAL A 254 9.69 -3.63 5.53
CA VAL A 254 9.55 -4.83 6.34
C VAL A 254 10.93 -5.42 6.60
N HIS A 255 11.87 -5.23 5.69
CA HIS A 255 13.24 -5.62 6.03
C HIS A 255 13.71 -4.92 7.30
N ILE A 256 13.53 -3.60 7.42
CA ILE A 256 14.12 -3.00 8.63
C ILE A 256 13.33 -3.41 9.89
N VAL A 257 11.99 -3.42 9.84
CA VAL A 257 11.30 -3.72 11.10
C VAL A 257 11.49 -5.17 11.48
N ALA A 258 11.50 -6.10 10.52
CA ALA A 258 11.89 -7.44 10.90
C ALA A 258 13.34 -7.45 11.36
N GLY A 259 14.17 -6.54 10.87
CA GLY A 259 15.52 -6.48 11.38
C GLY A 259 15.56 -6.17 12.85
N VAL A 260 14.83 -5.15 13.25
CA VAL A 260 14.86 -4.79 14.66
C VAL A 260 14.16 -5.85 15.52
N ALA A 261 13.07 -6.45 15.02
CA ALA A 261 12.47 -7.54 15.76
C ALA A 261 13.51 -8.63 16.04
N VAL A 262 14.18 -9.13 15.00
CA VAL A 262 15.10 -10.26 15.19
C VAL A 262 16.24 -9.89 16.11
N SER A 263 16.83 -8.72 15.89
CA SER A 263 17.98 -8.34 16.71
C SER A 263 17.59 -8.25 18.20
N ILE A 264 16.46 -7.62 18.53
CA ILE A 264 16.15 -7.59 19.98
C ILE A 264 15.61 -8.92 20.48
N GLY A 265 15.17 -9.80 19.58
CA GLY A 265 14.80 -11.15 19.98
C GLY A 265 15.99 -11.98 20.41
N ILE A 266 17.10 -11.88 19.68
CA ILE A 266 18.27 -12.62 20.16
C ILE A 266 18.93 -11.92 21.31
N ILE A 267 18.92 -10.58 21.34
CA ILE A 267 19.47 -9.89 22.51
C ILE A 267 18.81 -10.35 23.78
N PHE A 268 17.48 -10.35 23.81
CA PHE A 268 16.83 -10.77 25.04
C PHE A 268 16.63 -12.27 25.17
N PHE A 269 16.89 -13.07 24.13
CA PHE A 269 16.95 -14.50 24.37
C PHE A 269 18.29 -14.91 24.98
N ILE A 270 19.40 -14.32 24.54
CA ILE A 270 20.62 -14.66 25.22
C ILE A 270 20.61 -14.09 26.64
N THR A 271 20.04 -12.89 26.86
CA THR A 271 19.97 -12.48 28.27
C THR A 271 18.89 -13.22 29.02
N ALA A 272 17.98 -13.92 28.34
CA ALA A 272 17.12 -14.84 29.08
C ALA A 272 17.92 -16.02 29.58
N VAL A 273 18.62 -16.72 28.68
CA VAL A 273 19.33 -17.91 29.13
C VAL A 273 20.42 -17.54 30.13
N CYS A 274 21.07 -16.39 29.93
CA CYS A 274 22.05 -15.96 30.92
C CYS A 274 21.39 -15.75 32.28
N MET A 275 20.07 -15.57 32.33
CA MET A 275 19.33 -15.44 33.58
C MET A 275 18.79 -16.79 34.05
N LYS A 276 19.35 -17.88 33.55
CA LYS A 276 19.06 -19.22 34.07
C LYS A 276 17.59 -19.57 33.91
N TYR A 277 17.09 -19.33 32.71
CA TYR A 277 15.72 -19.64 32.30
C TYR A 277 15.81 -20.85 31.39
N TYR A 278 14.82 -21.74 31.47
CA TYR A 278 14.73 -22.87 30.56
C TYR A 278 14.31 -22.41 29.16
N VAL A 279 14.92 -23.02 28.13
CA VAL A 279 14.68 -22.58 26.76
C VAL A 279 13.19 -22.45 26.47
N LEU A 280 12.36 -23.22 27.21
CA LEU A 280 10.92 -23.14 27.07
C LEU A 280 10.40 -21.78 27.52
N ASP A 281 10.91 -21.27 28.64
CA ASP A 281 10.58 -19.93 29.07
C ASP A 281 11.09 -18.88 28.08
N ALA A 282 12.31 -19.03 27.59
CA ALA A 282 12.87 -18.00 26.71
C ALA A 282 12.18 -18.00 25.36
N ILE A 283 11.72 -19.16 24.87
CA ILE A 283 10.99 -19.13 23.60
C ILE A 283 9.58 -18.60 23.78
N ILE A 284 8.95 -18.78 24.95
CA ILE A 284 7.70 -18.03 25.11
C ILE A 284 8.03 -16.53 25.12
N PHE A 285 9.19 -16.15 25.66
CA PHE A 285 9.63 -14.77 25.54
C PHE A 285 9.75 -14.35 24.08
N LEU A 286 10.29 -15.22 23.21
CA LEU A 286 10.39 -14.83 21.79
C LEU A 286 9.03 -14.71 21.12
N ILE A 287 8.07 -15.57 21.46
CA ILE A 287 6.74 -15.37 20.90
C ILE A 287 6.21 -13.97 21.25
N SER A 288 6.35 -13.57 22.51
CA SER A 288 5.86 -12.24 22.84
C SER A 288 6.66 -11.14 22.14
N ILE A 289 7.97 -11.32 21.98
CA ILE A 289 8.79 -10.29 21.32
C ILE A 289 8.36 -10.08 19.87
N ILE A 290 8.12 -11.16 19.14
CA ILE A 290 7.78 -10.97 17.73
C ILE A 290 6.35 -10.50 17.56
N VAL A 291 5.44 -10.88 18.47
CA VAL A 291 4.08 -10.34 18.34
C VAL A 291 4.03 -8.85 18.74
N ALA A 292 4.98 -8.40 19.57
CA ALA A 292 5.06 -6.98 19.87
C ALA A 292 5.62 -6.16 18.70
N ASN A 293 6.74 -6.61 18.08
CA ASN A 293 7.39 -5.79 17.04
C ASN A 293 6.62 -5.72 15.72
N VAL A 294 6.11 -6.84 15.23
CA VAL A 294 5.43 -6.95 13.95
C VAL A 294 4.17 -6.08 13.89
N PRO A 295 4.13 -5.05 13.06
CA PRO A 295 2.89 -4.29 12.95
C PRO A 295 1.85 -5.14 12.26
N GLU A 296 0.94 -5.74 13.02
CA GLU A 296 0.11 -6.80 12.47
C GLU A 296 -0.73 -6.28 11.30
N GLY A 297 -1.57 -5.29 11.59
CA GLY A 297 -2.51 -4.79 10.61
C GLY A 297 -1.95 -3.85 9.58
N LEU A 298 -0.69 -3.42 9.71
CA LEU A 298 -0.15 -2.35 8.85
C LEU A 298 -0.31 -2.67 7.37
N LEU A 299 0.22 -3.81 6.95
CA LEU A 299 0.22 -4.14 5.54
C LEU A 299 -1.18 -4.42 5.06
N ALA A 300 -1.98 -5.10 5.89
CA ALA A 300 -3.35 -5.39 5.50
C ALA A 300 -4.10 -4.11 5.20
N THR A 301 -4.06 -3.15 6.11
CA THR A 301 -4.81 -1.91 5.90
C THR A 301 -4.27 -1.16 4.69
N VAL A 302 -2.95 -1.16 4.50
CA VAL A 302 -2.34 -0.44 3.39
C VAL A 302 -3.07 -0.77 2.08
N THR A 303 -3.23 -2.04 1.75
CA THR A 303 -3.92 -2.37 0.50
C THR A 303 -5.35 -1.85 0.50
N VAL A 304 -5.92 -1.55 1.67
CA VAL A 304 -7.27 -0.98 1.69
C VAL A 304 -7.24 0.54 1.46
N THR A 305 -6.21 1.22 1.94
CA THR A 305 -6.00 2.61 1.51
C THR A 305 -5.77 2.67 -0.01
N LEU A 306 -4.97 1.73 -0.51
CA LEU A 306 -4.62 1.71 -1.94
C LEU A 306 -5.83 1.41 -2.81
N SER A 307 -6.60 0.38 -2.48
CA SER A 307 -7.74 0.05 -3.33
C SER A 307 -8.87 1.03 -3.14
N LEU A 308 -8.98 1.64 -1.96
CA LEU A 308 -9.91 2.73 -1.84
C LEU A 308 -9.61 3.81 -2.86
N THR A 309 -8.34 4.29 -2.89
CA THR A 309 -8.02 5.37 -3.82
C THR A 309 -7.91 4.88 -5.26
N ALA A 310 -7.76 3.57 -5.46
CA ALA A 310 -7.91 2.98 -6.78
C ALA A 310 -9.32 3.17 -7.32
N LYS A 311 -10.34 2.79 -6.53
CA LYS A 311 -11.70 2.98 -7.04
C LYS A 311 -12.09 4.45 -7.08
N ARG A 312 -11.57 5.26 -6.16
CA ARG A 312 -11.84 6.70 -6.25
C ARG A 312 -11.18 7.32 -7.49
N MET A 313 -9.97 6.88 -7.84
CA MET A 313 -9.35 7.37 -9.08
C MET A 313 -10.13 6.89 -10.28
N ALA A 314 -10.73 5.70 -10.20
CA ALA A 314 -11.51 5.13 -11.29
C ALA A 314 -12.86 5.80 -11.44
N LYS A 315 -13.37 6.46 -10.40
CA LYS A 315 -14.57 7.26 -10.62
C LYS A 315 -14.25 8.62 -11.26
N LYS A 316 -12.98 9.04 -11.27
CA LYS A 316 -12.54 10.22 -12.01
C LYS A 316 -11.88 9.84 -13.35
N ASN A 317 -12.25 8.68 -13.91
CA ASN A 317 -11.76 8.24 -15.22
C ASN A 317 -10.24 8.07 -15.24
N CYS A 318 -9.71 7.35 -14.21
CA CYS A 318 -8.30 6.91 -14.16
C CYS A 318 -8.26 5.43 -13.75
N LEU A 319 -8.44 4.51 -14.71
CA LEU A 319 -8.57 3.11 -14.33
C LEU A 319 -7.21 2.56 -13.94
N VAL A 320 -7.12 1.92 -12.77
CA VAL A 320 -5.84 1.47 -12.23
C VAL A 320 -5.81 -0.05 -12.11
N LYS A 321 -5.31 -0.72 -13.15
CA LYS A 321 -5.28 -2.18 -13.21
C LYS A 321 -4.62 -2.79 -11.97
N ASN A 322 -3.43 -2.31 -11.62
CA ASN A 322 -2.65 -2.81 -10.50
C ASN A 322 -2.74 -1.81 -9.37
N LEU A 323 -3.15 -2.28 -8.18
CA LEU A 323 -3.38 -1.37 -7.06
C LEU A 323 -2.17 -0.50 -6.77
N GLU A 324 -0.97 -1.05 -6.99
CA GLU A 324 0.26 -0.33 -6.76
C GLU A 324 0.35 0.91 -7.63
N ALA A 325 -0.31 0.90 -8.79
CA ALA A 325 -0.07 1.92 -9.80
C ALA A 325 -0.44 3.32 -9.32
N VAL A 326 -1.24 3.42 -8.25
CA VAL A 326 -1.75 4.70 -7.82
C VAL A 326 -0.61 5.56 -7.24
N GLU A 327 0.37 4.92 -6.57
CA GLU A 327 1.56 5.65 -6.12
C GLU A 327 2.61 5.81 -7.20
N THR A 328 2.77 4.80 -8.09
CA THR A 328 3.85 4.81 -9.07
C THR A 328 3.89 6.10 -9.88
N LEU A 329 2.72 6.60 -10.25
CA LEU A 329 2.57 7.96 -10.75
C LEU A 329 2.87 8.98 -9.68
N GLY A 330 3.58 10.02 -10.04
CA GLY A 330 4.03 10.86 -8.95
C GLY A 330 5.10 10.10 -8.18
N SER A 331 6.07 10.83 -7.64
CA SER A 331 7.40 10.32 -7.26
C SER A 331 8.13 9.77 -8.50
N THR A 332 7.50 9.93 -9.65
CA THR A 332 8.14 9.73 -10.93
C THR A 332 8.94 10.98 -11.33
N SER A 333 9.94 10.78 -12.21
CA SER A 333 10.96 11.77 -12.57
C SER A 333 11.05 12.08 -14.07
N ILE A 334 10.82 11.10 -14.94
CA ILE A 334 10.90 11.30 -16.39
C ILE A 334 9.65 10.69 -17.03
N ILE A 335 8.94 11.49 -17.83
CA ILE A 335 7.80 11.07 -18.62
C ILE A 335 8.21 10.97 -20.09
N CYS A 336 8.48 9.74 -20.54
CA CYS A 336 8.56 9.45 -21.95
C CYS A 336 7.15 9.28 -22.51
N SER A 337 6.86 10.01 -23.58
CA SER A 337 5.50 10.15 -24.10
C SER A 337 5.40 10.04 -25.60
N ASP A 338 4.61 9.09 -26.05
CA ASP A 338 4.13 9.05 -27.43
C ASP A 338 3.48 10.36 -27.82
N LYS A 339 3.48 10.66 -29.11
CA LYS A 339 2.80 11.89 -29.54
C LYS A 339 1.36 11.59 -29.97
N THR A 340 1.18 10.86 -31.06
CA THR A 340 -0.12 10.73 -31.69
C THR A 340 -1.05 9.86 -30.86
N GLY A 341 -2.26 10.37 -30.62
CA GLY A 341 -3.22 9.71 -29.75
C GLY A 341 -3.06 10.20 -28.33
N THR A 342 -1.81 10.14 -27.84
CA THR A 342 -1.47 10.64 -26.49
C THR A 342 -1.26 12.16 -26.46
N LEU A 343 -0.18 12.68 -27.03
CA LEU A 343 -0.08 14.13 -27.00
C LEU A 343 -0.92 14.78 -28.07
N THR A 344 -1.41 14.01 -29.06
CA THR A 344 -2.05 14.52 -30.27
C THR A 344 -3.49 14.04 -30.37
N GLN A 345 -4.32 14.85 -31.04
CA GLN A 345 -5.68 14.44 -31.32
C GLN A 345 -5.78 13.28 -32.30
N ASN A 346 -4.70 12.92 -32.99
CA ASN A 346 -4.68 11.83 -33.96
C ASN A 346 -5.77 11.97 -35.00
N ARG A 347 -6.21 13.21 -35.23
CA ARG A 347 -7.14 13.60 -36.30
C ARG A 347 -6.47 14.72 -37.09
N MET A 348 -6.12 14.44 -38.33
CA MET A 348 -5.57 15.51 -39.15
C MET A 348 -6.61 16.61 -39.29
N THR A 349 -6.28 17.79 -38.79
CA THR A 349 -7.16 18.95 -38.86
C THR A 349 -6.34 20.14 -39.35
N VAL A 350 -7.05 21.22 -39.80
CA VAL A 350 -6.36 22.36 -40.39
C VAL A 350 -6.03 23.35 -39.28
N ALA A 351 -4.92 24.06 -39.46
CA ALA A 351 -4.54 25.01 -38.40
C ALA A 351 -4.23 26.42 -38.89
N HIS A 352 -3.59 26.55 -40.06
CA HIS A 352 -3.15 27.85 -40.58
C HIS A 352 -3.64 28.09 -42.00
N LEU A 353 -4.27 29.25 -42.22
CA LEU A 353 -4.73 29.69 -43.53
C LEU A 353 -3.96 30.93 -44.01
N TRP A 354 -3.38 30.84 -45.23
CA TRP A 354 -2.61 31.93 -45.85
C TRP A 354 -3.39 32.42 -47.06
N PHE A 355 -4.12 33.52 -46.90
CA PHE A 355 -4.73 34.18 -48.05
C PHE A 355 -4.47 35.66 -47.96
N ASP A 356 -4.43 36.31 -49.13
CA ASP A 356 -4.11 37.73 -49.28
C ASP A 356 -2.70 38.03 -48.81
N ASN A 357 -1.79 37.05 -48.98
CA ASN A 357 -0.45 37.03 -48.40
C ASN A 357 -0.48 37.35 -46.89
N GLN A 358 -1.46 36.77 -46.18
CA GLN A 358 -1.66 37.00 -44.75
C GLN A 358 -2.00 35.69 -44.04
N ILE A 359 -1.45 35.54 -42.82
CA ILE A 359 -1.47 34.30 -42.06
C ILE A 359 -2.59 34.34 -41.03
N PHE A 360 -3.27 33.21 -40.85
CA PHE A 360 -4.43 33.11 -39.97
C PHE A 360 -4.39 31.74 -39.26
N VAL A 361 -5.04 31.66 -38.10
CA VAL A 361 -5.08 30.45 -37.27
C VAL A 361 -6.53 30.05 -37.04
N ALA A 362 -6.77 28.74 -37.00
CA ALA A 362 -8.13 28.20 -37.00
C ALA A 362 -8.39 27.40 -35.74
N ASP A 363 -9.59 26.84 -35.69
CA ASP A 363 -9.94 25.94 -34.59
C ASP A 363 -9.20 24.62 -34.76
N THR A 364 -8.46 24.20 -33.73
CA THR A 364 -7.78 22.92 -33.78
C THR A 364 -8.44 21.85 -32.93
N SER A 365 -8.95 22.19 -31.75
CA SER A 365 -9.60 21.21 -30.87
C SER A 365 -11.01 20.93 -31.32
N GLU A 366 -11.81 20.33 -30.44
CA GLU A 366 -13.22 20.07 -30.67
C GLU A 366 -14.02 21.36 -30.79
N ASN A 367 -13.32 22.48 -30.63
CA ASN A 367 -13.92 23.78 -30.76
C ASN A 367 -14.27 24.06 -32.22
N GLN A 368 -15.09 25.09 -32.42
CA GLN A 368 -15.70 25.37 -33.72
C GLN A 368 -15.69 26.86 -34.04
N THR A 369 -15.35 27.16 -35.30
CA THR A 369 -15.50 28.49 -35.89
C THR A 369 -14.68 29.55 -35.15
N LYS A 370 -13.40 29.27 -34.97
CA LYS A 370 -12.46 30.13 -34.24
C LYS A 370 -11.45 30.60 -35.27
N GLN A 371 -11.64 31.80 -35.81
CA GLN A 371 -10.71 32.32 -36.79
C GLN A 371 -11.14 33.74 -37.13
N ALA A 372 -10.21 34.49 -37.73
CA ALA A 372 -10.51 35.76 -38.36
C ALA A 372 -10.98 35.53 -39.79
N PHE A 373 -12.16 34.90 -39.89
CA PHE A 373 -12.85 34.58 -41.15
C PHE A 373 -13.58 35.80 -41.79
N ASP A 374 -13.22 37.02 -41.37
CA ASP A 374 -13.97 38.22 -41.70
C ASP A 374 -13.04 39.36 -42.16
N GLN A 375 -11.90 39.00 -42.74
CA GLN A 375 -10.92 39.99 -43.17
C GLN A 375 -11.16 40.43 -44.61
N SER A 376 -11.04 39.51 -45.56
CA SER A 376 -11.32 39.83 -46.96
C SER A 376 -12.81 39.77 -47.24
N SER A 377 -13.46 38.71 -46.76
CA SER A 377 -14.91 38.49 -46.87
C SER A 377 -15.29 38.26 -48.33
N GLY A 378 -14.33 38.41 -49.23
CA GLY A 378 -14.54 38.15 -50.63
C GLY A 378 -13.55 37.15 -51.20
N THR A 379 -12.32 37.16 -50.67
CA THR A 379 -11.34 36.13 -51.03
C THR A 379 -11.69 34.81 -50.32
N TRP A 380 -12.04 34.92 -49.04
CA TRP A 380 -12.48 33.78 -48.26
C TRP A 380 -13.88 33.30 -48.66
N ALA A 381 -14.72 34.17 -49.21
CA ALA A 381 -16.05 33.74 -49.65
C ALA A 381 -15.96 32.74 -50.81
N SER A 382 -15.05 32.98 -51.77
CA SER A 382 -14.77 32.02 -52.84
C SER A 382 -13.86 30.90 -52.39
N LEU A 383 -13.01 31.17 -51.40
CA LEU A 383 -12.16 30.11 -50.85
C LEU A 383 -12.99 28.99 -50.21
N SER A 384 -14.07 29.35 -49.50
CA SER A 384 -14.97 28.32 -48.99
C SER A 384 -15.55 27.50 -50.13
N LYS A 385 -15.85 28.15 -51.27
CA LYS A 385 -16.36 27.42 -52.43
C LYS A 385 -15.35 26.40 -52.90
N ILE A 386 -14.10 26.81 -53.03
CA ILE A 386 -13.15 25.85 -53.55
C ILE A 386 -12.85 24.75 -52.52
N ILE A 387 -12.90 25.07 -51.22
CA ILE A 387 -12.69 24.03 -50.21
C ILE A 387 -13.79 22.99 -50.27
N THR A 388 -15.05 23.42 -50.29
CA THR A 388 -16.11 22.44 -50.24
C THR A 388 -16.32 21.74 -51.57
N LEU A 389 -16.02 22.38 -52.70
CA LEU A 389 -16.32 21.75 -53.99
C LEU A 389 -15.29 20.71 -54.41
N CYS A 390 -14.02 20.89 -54.03
CA CYS A 390 -12.93 20.06 -54.54
C CYS A 390 -12.59 18.86 -53.66
N ASN A 391 -13.57 18.31 -52.94
CA ASN A 391 -13.35 17.14 -52.09
C ASN A 391 -14.27 16.03 -52.54
N ARG A 392 -13.72 14.81 -52.57
CA ARG A 392 -14.46 13.59 -52.84
C ARG A 392 -14.80 12.84 -51.55
N ALA A 393 -14.24 13.28 -50.42
CA ALA A 393 -14.53 12.68 -49.14
C ALA A 393 -16.00 12.90 -48.78
N GLU A 394 -16.52 12.00 -47.95
CA GLU A 394 -17.91 12.08 -47.53
C GLU A 394 -18.01 11.62 -46.09
N PHE A 395 -19.00 12.15 -45.39
CA PHE A 395 -19.30 11.71 -44.04
C PHE A 395 -20.09 10.41 -44.08
N ARG A 396 -19.78 9.50 -43.14
CA ARG A 396 -20.55 8.27 -43.03
C ARG A 396 -21.92 8.58 -42.41
N PRO A 397 -22.93 7.72 -42.63
CA PRO A 397 -24.30 8.06 -42.19
C PRO A 397 -24.51 8.04 -40.68
N GLY A 398 -25.74 8.31 -40.24
CA GLY A 398 -26.08 8.21 -38.83
C GLY A 398 -25.32 9.14 -37.91
N GLN A 399 -25.00 10.35 -38.37
CA GLN A 399 -24.14 11.26 -37.62
C GLN A 399 -24.84 12.56 -37.22
N GLU A 400 -26.16 12.52 -37.04
CA GLU A 400 -26.95 13.71 -36.74
C GLU A 400 -26.79 14.14 -35.29
N SER A 401 -26.40 13.21 -34.40
CA SER A 401 -26.28 13.42 -32.98
C SER A 401 -24.83 13.25 -32.48
N VAL A 402 -23.86 13.47 -33.36
CA VAL A 402 -22.45 13.26 -33.00
C VAL A 402 -21.66 14.48 -33.48
N PRO A 403 -20.71 15.00 -32.68
CA PRO A 403 -20.07 16.28 -32.99
C PRO A 403 -19.35 16.26 -34.33
N ILE A 404 -19.25 17.43 -34.96
CA ILE A 404 -18.71 17.51 -36.33
C ILE A 404 -17.32 16.93 -36.41
N MET A 405 -16.39 17.48 -35.62
CA MET A 405 -15.04 16.96 -35.61
C MET A 405 -15.02 15.50 -35.21
N LYS A 406 -15.80 15.13 -34.20
CA LYS A 406 -15.83 13.75 -33.74
C LYS A 406 -16.65 12.86 -34.67
N ARG A 407 -16.35 12.82 -35.97
CA ARG A 407 -17.26 12.15 -36.90
C ARG A 407 -16.53 11.11 -37.75
N THR A 408 -17.29 10.12 -38.23
CA THR A 408 -16.73 9.08 -39.08
C THR A 408 -16.68 9.53 -40.54
N VAL A 409 -15.52 9.38 -41.18
CA VAL A 409 -15.36 9.91 -42.53
C VAL A 409 -14.82 8.81 -43.40
N VAL A 410 -15.26 8.77 -44.64
CA VAL A 410 -14.67 7.87 -45.60
C VAL A 410 -13.83 8.73 -46.54
N GLY A 411 -12.51 8.56 -46.49
CA GLY A 411 -11.69 9.21 -47.47
C GLY A 411 -10.28 9.49 -46.98
N ASP A 412 -9.61 10.36 -47.74
CA ASP A 412 -8.18 10.59 -47.62
C ASP A 412 -7.89 11.42 -46.38
N ALA A 413 -6.69 11.22 -45.82
CA ALA A 413 -6.32 11.95 -44.60
C ALA A 413 -6.29 13.46 -44.84
N SER A 414 -5.85 13.87 -46.02
CA SER A 414 -5.78 15.30 -46.35
C SER A 414 -7.17 15.86 -46.64
N GLU A 415 -7.93 15.16 -47.46
CA GLU A 415 -9.27 15.60 -47.86
C GLU A 415 -10.22 15.70 -46.67
N THR A 416 -10.09 14.79 -45.70
CA THR A 416 -11.04 14.73 -44.61
C THR A 416 -10.83 15.85 -43.59
N ALA A 417 -9.61 16.34 -43.44
CA ALA A 417 -9.41 17.52 -42.62
C ALA A 417 -10.12 18.74 -43.20
N LEU A 418 -10.15 18.86 -44.54
CA LEU A 418 -10.94 19.93 -45.16
C LEU A 418 -12.42 19.67 -45.08
N LEU A 419 -12.86 18.42 -45.16
CA LEU A 419 -14.28 18.18 -44.94
C LEU A 419 -14.68 18.68 -43.56
N LYS A 420 -13.86 18.38 -42.55
CA LYS A 420 -14.17 18.81 -41.19
C LYS A 420 -14.13 20.33 -41.08
N PHE A 421 -13.13 20.97 -41.68
CA PHE A 421 -13.03 22.42 -41.59
C PHE A 421 -14.22 23.09 -42.24
N SER A 422 -14.59 22.68 -43.46
CA SER A 422 -15.76 23.25 -44.09
C SER A 422 -17.03 22.94 -43.31
N GLU A 423 -17.08 21.82 -42.59
CA GLU A 423 -18.33 21.51 -41.89
C GLU A 423 -18.49 22.25 -40.58
N VAL A 424 -17.40 22.58 -39.88
CA VAL A 424 -17.58 23.47 -38.74
C VAL A 424 -17.93 24.88 -39.22
N ILE A 425 -17.29 25.35 -40.31
CA ILE A 425 -17.53 26.72 -40.79
C ILE A 425 -18.87 26.88 -41.50
N LEU A 426 -19.07 26.22 -42.64
CA LEU A 426 -20.35 26.25 -43.35
C LEU A 426 -21.18 25.06 -42.89
N GLY A 427 -22.43 25.32 -42.51
CA GLY A 427 -23.25 24.31 -41.89
C GLY A 427 -23.25 22.94 -42.56
N ASP A 428 -23.82 22.86 -43.77
CA ASP A 428 -23.95 21.61 -44.53
C ASP A 428 -23.26 21.77 -45.88
N VAL A 429 -22.03 21.25 -45.98
CA VAL A 429 -21.30 21.38 -47.23
C VAL A 429 -21.90 20.51 -48.30
N MET A 430 -22.60 19.44 -47.91
CA MET A 430 -23.28 18.61 -48.91
C MET A 430 -24.33 19.40 -49.66
N GLY A 431 -25.01 20.30 -48.95
CA GLY A 431 -25.95 21.17 -49.63
C GLY A 431 -25.32 21.97 -50.75
N ILE A 432 -24.19 22.63 -50.48
CA ILE A 432 -23.63 23.48 -51.52
C ILE A 432 -22.82 22.69 -52.53
N ARG A 433 -22.33 21.50 -52.17
CA ARG A 433 -21.76 20.64 -53.21
C ARG A 433 -22.85 20.17 -54.15
N LYS A 434 -24.00 19.83 -53.61
CA LYS A 434 -25.04 19.24 -54.40
C LYS A 434 -25.67 20.31 -55.30
N ARG A 435 -25.89 21.50 -54.73
CA ARG A 435 -26.36 22.66 -55.46
C ARG A 435 -25.43 22.99 -56.61
N ASN A 436 -24.18 23.32 -56.30
CA ASN A 436 -23.17 23.59 -57.30
C ASN A 436 -22.75 22.26 -57.91
N HIS A 437 -23.67 21.69 -58.66
CA HIS A 437 -23.52 20.34 -59.15
C HIS A 437 -22.25 20.19 -59.96
N LYS A 438 -21.56 19.06 -59.80
CA LYS A 438 -20.27 18.81 -60.45
C LYS A 438 -20.50 18.12 -61.79
N VAL A 439 -20.38 18.87 -62.90
CA VAL A 439 -20.65 18.31 -64.21
C VAL A 439 -19.46 17.53 -64.74
N ALA A 440 -18.25 17.98 -64.42
CA ALA A 440 -17.05 17.38 -64.99
C ALA A 440 -16.18 16.75 -63.90
N GLU A 441 -15.71 15.55 -64.21
CA GLU A 441 -15.00 14.68 -63.28
C GLU A 441 -13.59 14.44 -63.81
N ILE A 442 -12.61 14.45 -62.93
CA ILE A 442 -11.21 14.19 -63.28
C ILE A 442 -10.70 13.04 -62.44
N PRO A 443 -10.03 12.05 -63.04
CA PRO A 443 -9.36 10.99 -62.26
C PRO A 443 -8.17 11.51 -61.45
N PHE A 444 -7.85 10.80 -60.37
CA PHE A 444 -6.70 11.12 -59.55
C PHE A 444 -5.64 10.02 -59.65
N ASN A 445 -4.36 10.42 -59.66
CA ASN A 445 -3.24 9.49 -59.70
C ASN A 445 -2.21 9.95 -58.68
N SER A 446 -1.33 9.02 -58.29
CA SER A 446 -0.27 9.37 -57.34
C SER A 446 0.72 10.33 -57.97
N THR A 447 1.10 10.08 -59.23
CA THR A 447 1.91 11.03 -59.98
C THR A 447 1.14 12.30 -60.34
N ASN A 448 -0.19 12.26 -60.24
CA ASN A 448 -1.02 13.41 -60.65
C ASN A 448 -0.68 14.64 -59.83
N LYS A 449 -0.82 14.54 -58.51
CA LYS A 449 -0.46 15.53 -57.49
C LYS A 449 -1.43 16.70 -57.43
N PHE A 450 -2.48 16.74 -58.27
CA PHE A 450 -3.53 17.75 -58.19
C PHE A 450 -4.87 17.14 -58.61
N GLN A 451 -5.94 17.76 -58.13
CA GLN A 451 -7.29 17.29 -58.36
C GLN A 451 -8.14 18.47 -58.82
N LEU A 452 -8.97 18.28 -59.84
CA LEU A 452 -9.71 19.38 -60.44
C LEU A 452 -11.14 18.93 -60.75
N SER A 453 -12.07 19.90 -60.69
CA SER A 453 -13.49 19.63 -60.96
C SER A 453 -14.18 20.84 -61.55
N ILE A 454 -15.11 20.60 -62.48
CA ILE A 454 -15.93 21.66 -63.08
C ILE A 454 -17.37 21.52 -62.62
N HIS A 455 -17.90 22.62 -62.08
CA HIS A 455 -19.20 22.70 -61.46
C HIS A 455 -20.01 23.80 -62.14
N GLU A 456 -21.29 23.55 -62.34
CA GLU A 456 -22.23 24.56 -62.85
C GLU A 456 -22.89 25.23 -61.65
N THR A 457 -22.40 26.43 -61.29
CA THR A 457 -22.90 27.14 -60.11
C THR A 457 -24.40 27.38 -60.20
N GLU A 458 -25.15 26.78 -59.27
CA GLU A 458 -26.61 26.94 -59.31
C GLU A 458 -27.03 28.25 -58.67
N ASP A 459 -26.41 29.33 -59.09
CA ASP A 459 -26.99 30.63 -58.85
C ASP A 459 -28.30 30.70 -59.64
N PRO A 460 -29.34 31.31 -59.08
CA PRO A 460 -30.63 31.39 -59.78
C PRO A 460 -30.46 31.75 -61.26
N ASN A 461 -29.88 32.92 -61.53
CA ASN A 461 -29.70 33.40 -62.89
C ASN A 461 -28.31 33.18 -63.49
N ASN A 462 -27.23 33.24 -62.72
CA ASN A 462 -25.88 33.27 -63.34
C ASN A 462 -25.61 32.00 -64.15
N LYS A 463 -25.66 30.84 -63.48
CA LYS A 463 -25.51 29.52 -64.12
C LYS A 463 -24.31 29.47 -65.07
N ARG A 464 -23.22 30.14 -64.67
CA ARG A 464 -21.98 30.07 -65.41
C ARG A 464 -21.25 28.78 -65.04
N PHE A 465 -20.03 28.61 -65.56
CA PHE A 465 -19.19 27.46 -65.25
C PHE A 465 -18.06 27.88 -64.33
N LEU A 466 -17.82 27.10 -63.29
CA LEU A 466 -16.71 27.31 -62.36
C LEU A 466 -15.84 26.06 -62.35
N VAL A 467 -14.53 26.25 -62.56
CA VAL A 467 -13.53 25.22 -62.41
C VAL A 467 -12.72 25.48 -61.14
N VAL A 468 -12.53 24.41 -60.35
CA VAL A 468 -11.89 24.47 -59.04
C VAL A 468 -10.85 23.37 -58.98
N MET A 469 -9.60 23.75 -58.74
CA MET A 469 -8.47 22.86 -58.73
C MET A 469 -7.67 23.06 -57.46
N LYS A 470 -7.48 21.98 -56.71
CA LYS A 470 -6.61 21.96 -55.54
C LYS A 470 -5.47 20.99 -55.80
N GLY A 471 -4.36 21.21 -55.12
CA GLY A 471 -3.23 20.32 -55.32
C GLY A 471 -2.01 20.86 -54.58
N ALA A 472 -0.89 20.20 -54.81
CA ALA A 472 0.36 20.59 -54.18
C ALA A 472 0.67 22.05 -54.51
N PRO A 473 1.22 22.82 -53.57
CA PRO A 473 1.40 24.26 -53.82
C PRO A 473 2.43 24.54 -54.91
N GLU A 474 3.37 23.63 -55.11
CA GLU A 474 4.35 23.75 -56.19
C GLU A 474 3.67 23.92 -57.54
N ARG A 475 2.60 23.17 -57.79
CA ARG A 475 1.92 23.20 -59.07
C ARG A 475 1.08 24.45 -59.26
N ILE A 476 0.62 25.07 -58.17
CA ILE A 476 -0.39 26.12 -58.27
C ILE A 476 0.14 27.36 -58.98
N LEU A 477 1.21 27.95 -58.47
CA LEU A 477 1.74 29.13 -59.16
C LEU A 477 2.22 28.79 -60.57
N GLU A 478 2.65 27.53 -60.78
CA GLU A 478 3.06 27.12 -62.12
C GLU A 478 1.92 27.29 -63.12
N LYS A 479 0.67 27.12 -62.66
CA LYS A 479 -0.52 27.13 -63.50
C LYS A 479 -1.51 28.21 -63.06
N CYS A 480 -1.01 29.35 -62.58
CA CYS A 480 -1.92 30.42 -62.16
C CYS A 480 -1.44 31.77 -62.68
N SER A 481 -2.39 32.62 -63.06
CA SER A 481 -2.13 33.92 -63.68
C SER A 481 -2.68 35.07 -62.85
N THR A 482 -3.98 35.07 -62.52
CA THR A 482 -4.61 36.16 -61.80
C THR A 482 -4.95 35.72 -60.37
N ILE A 483 -4.31 36.35 -59.39
CA ILE A 483 -4.66 36.11 -57.99
C ILE A 483 -5.92 36.92 -57.67
N MET A 484 -6.60 36.60 -56.56
CA MET A 484 -7.76 37.36 -56.13
C MET A 484 -7.47 38.04 -54.80
N ILE A 485 -7.86 39.31 -54.68
CA ILE A 485 -7.83 40.01 -53.40
C ILE A 485 -9.11 40.84 -53.27
N ASN A 486 -9.95 40.45 -52.32
CA ASN A 486 -11.22 41.11 -52.00
C ASN A 486 -12.13 41.19 -53.21
N GLY A 487 -12.46 40.00 -53.73
CA GLY A 487 -13.37 39.89 -54.86
C GLY A 487 -12.71 40.20 -56.19
N GLN A 488 -11.97 41.30 -56.25
CA GLN A 488 -11.35 41.73 -57.50
C GLN A 488 -10.21 40.78 -57.84
N GLU A 489 -10.14 40.35 -59.10
CA GLU A 489 -9.10 39.42 -59.54
C GLU A 489 -7.94 40.22 -60.13
N GLN A 490 -6.92 40.51 -59.26
CA GLN A 490 -5.72 41.24 -59.67
C GLN A 490 -4.68 40.26 -60.19
N PRO A 491 -3.99 40.58 -61.27
CA PRO A 491 -2.94 39.68 -61.75
C PRO A 491 -1.80 39.55 -60.76
N LEU A 492 -1.07 38.46 -60.88
CA LEU A 492 0.08 38.22 -60.03
C LEU A 492 1.21 39.21 -60.37
N ASP A 493 2.22 39.26 -59.51
CA ASP A 493 3.32 40.19 -59.67
C ASP A 493 4.65 39.50 -59.32
N LYS A 494 5.74 40.27 -59.38
CA LYS A 494 7.05 39.78 -58.95
C LYS A 494 7.12 39.60 -57.44
N SER A 495 6.42 40.46 -56.68
CA SER A 495 6.41 40.41 -55.21
C SER A 495 5.80 39.11 -54.69
N SER A 496 4.53 38.85 -55.06
CA SER A 496 3.85 37.64 -54.64
C SER A 496 4.56 36.38 -55.11
N ALA A 497 5.33 36.45 -56.21
CA ALA A 497 6.02 35.27 -56.73
C ALA A 497 6.87 34.63 -55.66
N ASP A 498 7.87 35.38 -55.16
CA ASP A 498 8.76 34.88 -54.12
C ASP A 498 8.09 34.91 -52.76
N SER A 499 7.09 35.78 -52.59
CA SER A 499 6.35 35.88 -51.33
C SER A 499 5.64 34.58 -51.01
N PHE A 500 5.02 33.98 -52.05
CA PHE A 500 4.33 32.71 -51.94
C PHE A 500 5.28 31.62 -51.42
N HIS A 501 6.45 31.46 -52.07
CA HIS A 501 7.41 30.42 -51.66
C HIS A 501 7.98 30.68 -50.27
N THR A 502 8.28 31.94 -49.92
CA THR A 502 8.88 32.20 -48.61
C THR A 502 7.89 31.89 -47.47
N ALA A 503 6.64 32.37 -47.61
CA ALA A 503 5.61 32.03 -46.64
C ALA A 503 5.42 30.52 -46.57
N TYR A 504 5.35 29.86 -47.73
CA TYR A 504 5.11 28.43 -47.81
C TYR A 504 6.24 27.63 -47.15
N MET A 505 7.49 28.05 -47.38
CA MET A 505 8.64 27.37 -46.78
C MET A 505 8.59 27.47 -45.26
N GLU A 506 8.25 28.65 -44.74
CA GLU A 506 8.18 28.80 -43.28
C GLU A 506 6.95 28.08 -42.69
N LEU A 507 5.86 27.94 -43.46
CA LEU A 507 4.67 27.23 -42.97
C LEU A 507 4.91 25.73 -42.91
N GLY A 508 5.47 25.17 -43.98
CA GLY A 508 5.82 23.76 -44.02
C GLY A 508 6.94 23.37 -43.07
N GLY A 509 7.78 24.33 -42.68
CA GLY A 509 8.78 24.05 -41.67
C GLY A 509 8.23 23.79 -40.28
N LEU A 510 6.93 23.94 -40.09
CA LEU A 510 6.25 23.62 -38.84
C LEU A 510 5.51 22.29 -38.91
N GLY A 511 5.97 21.36 -39.76
CA GLY A 511 5.33 20.07 -39.88
C GLY A 511 3.94 20.09 -40.47
N GLU A 512 3.50 21.20 -41.05
CA GLU A 512 2.16 21.33 -41.61
C GLU A 512 2.17 20.99 -43.10
N ARG A 513 1.36 19.99 -43.48
CA ARG A 513 1.17 19.67 -44.89
C ARG A 513 0.32 20.75 -45.53
N VAL A 514 0.80 21.33 -46.62
CA VAL A 514 0.21 22.50 -47.26
C VAL A 514 -0.50 22.05 -48.53
N LEU A 515 -1.68 22.62 -48.79
CA LEU A 515 -2.44 22.32 -50.00
C LEU A 515 -2.97 23.62 -50.57
N GLY A 516 -2.66 23.90 -51.83
CA GLY A 516 -3.03 25.15 -52.48
C GLY A 516 -4.20 25.01 -53.44
N PHE A 517 -4.95 26.11 -53.59
CA PHE A 517 -6.28 26.09 -54.20
C PHE A 517 -6.36 27.20 -55.25
N CYS A 518 -6.87 26.87 -56.44
CA CYS A 518 -7.07 27.85 -57.51
C CYS A 518 -8.39 27.54 -58.21
N HIS A 519 -9.01 28.57 -58.79
CA HIS A 519 -10.27 28.41 -59.50
C HIS A 519 -10.29 29.34 -60.71
N LEU A 520 -11.31 29.18 -61.53
CA LEU A 520 -11.47 30.09 -62.66
C LEU A 520 -12.91 29.96 -63.17
N TYR A 521 -13.62 31.10 -63.24
CA TYR A 521 -14.96 31.13 -63.81
C TYR A 521 -14.80 31.20 -65.32
N LEU A 522 -15.23 30.13 -66.00
CA LEU A 522 -15.07 30.07 -67.45
C LEU A 522 -16.12 30.93 -68.15
N PRO A 523 -15.73 31.72 -69.15
CA PRO A 523 -16.72 32.58 -69.82
C PRO A 523 -17.80 31.72 -70.47
N ALA A 524 -18.95 32.34 -70.66
CA ALA A 524 -20.07 31.66 -71.31
C ALA A 524 -19.99 31.74 -72.82
N GLU A 525 -19.12 32.59 -73.36
CA GLU A 525 -18.96 32.72 -74.81
C GLU A 525 -18.38 31.43 -75.41
N GLN A 526 -17.22 31.00 -74.90
CA GLN A 526 -16.55 29.82 -75.42
C GLN A 526 -17.31 28.55 -75.07
N PHE A 527 -17.56 28.32 -73.77
CA PHE A 527 -18.28 27.14 -73.28
C PHE A 527 -19.61 27.56 -72.69
N PRO A 528 -20.71 27.44 -73.42
CA PRO A 528 -22.03 27.55 -72.81
C PRO A 528 -22.39 26.25 -72.09
N GLN A 529 -23.54 26.28 -71.42
CA GLN A 529 -23.95 25.17 -70.57
C GLN A 529 -24.13 23.87 -71.35
N SER A 530 -24.25 23.94 -72.67
CA SER A 530 -24.36 22.71 -73.45
C SER A 530 -23.01 22.05 -73.65
N TYR A 531 -21.92 22.79 -73.63
CA TYR A 531 -20.62 22.23 -73.96
C TYR A 531 -20.15 21.30 -72.86
N ILE A 532 -19.80 20.07 -73.24
CA ILE A 532 -19.37 19.04 -72.29
C ILE A 532 -17.86 18.88 -72.39
N PHE A 533 -17.27 18.43 -71.29
CA PHE A 533 -15.82 18.33 -71.12
C PHE A 533 -15.45 16.85 -71.10
N ASP A 534 -14.70 16.40 -72.11
CA ASP A 534 -14.30 14.99 -72.17
C ASP A 534 -13.18 14.71 -71.18
N VAL A 535 -13.28 13.57 -70.49
CA VAL A 535 -12.42 13.25 -69.35
C VAL A 535 -10.95 13.10 -69.73
N ASP A 536 -10.67 12.81 -71.02
CA ASP A 536 -9.33 12.53 -71.54
C ASP A 536 -8.51 13.78 -71.78
N SER A 537 -8.87 14.88 -71.10
CA SER A 537 -8.07 16.10 -71.04
C SER A 537 -7.94 16.73 -72.41
N VAL A 538 -9.08 16.82 -73.09
CA VAL A 538 -9.12 17.52 -74.35
C VAL A 538 -9.92 18.80 -74.26
N ASN A 539 -10.93 18.88 -73.40
CA ASN A 539 -11.83 20.02 -73.47
C ASN A 539 -11.52 21.12 -72.47
N PHE A 540 -10.67 20.89 -71.48
CA PHE A 540 -10.49 21.91 -70.47
C PHE A 540 -9.04 22.37 -70.35
N PRO A 541 -8.82 23.63 -69.92
CA PRO A 541 -7.47 24.18 -69.75
C PRO A 541 -6.86 23.90 -68.39
N THR A 542 -5.53 23.67 -68.39
CA THR A 542 -4.82 23.31 -67.17
C THR A 542 -3.81 24.37 -66.74
N SER A 543 -3.94 25.60 -67.24
CA SER A 543 -3.00 26.66 -66.91
C SER A 543 -3.74 27.99 -66.81
N ASN A 544 -3.06 28.97 -66.21
CA ASN A 544 -3.49 30.36 -66.18
C ASN A 544 -4.77 30.52 -65.37
N PHE A 545 -4.76 29.94 -64.17
CA PHE A 545 -5.92 29.92 -63.29
C PHE A 545 -5.91 31.15 -62.40
N CYS A 546 -6.73 31.09 -61.36
CA CYS A 546 -6.82 32.18 -60.39
C CYS A 546 -6.56 31.63 -59.00
N PHE A 547 -5.40 31.94 -58.44
CA PHE A 547 -5.06 31.47 -57.11
C PHE A 547 -6.05 32.01 -56.10
N VAL A 548 -6.72 31.11 -55.36
CA VAL A 548 -7.72 31.53 -54.37
C VAL A 548 -7.07 31.77 -53.01
N GLY A 549 -6.55 30.69 -52.41
CA GLY A 549 -5.99 30.70 -51.06
C GLY A 549 -5.16 29.46 -50.85
N LEU A 550 -4.59 29.38 -49.64
CA LEU A 550 -3.66 28.31 -49.26
C LEU A 550 -4.00 27.85 -47.84
N LEU A 551 -3.66 26.60 -47.50
CA LEU A 551 -3.89 26.16 -46.13
C LEU A 551 -3.00 24.98 -45.79
N SER A 552 -3.04 24.60 -44.52
CA SER A 552 -2.16 23.58 -43.98
C SER A 552 -2.83 22.83 -42.83
N MET A 553 -2.38 21.59 -42.63
CA MET A 553 -2.99 20.69 -41.68
C MET A 553 -1.87 20.08 -40.83
N ILE A 554 -2.13 19.80 -39.56
CA ILE A 554 -1.04 19.43 -38.66
C ILE A 554 -1.35 18.23 -37.76
N ASP A 555 -2.62 17.86 -37.52
CA ASP A 555 -3.03 16.91 -36.46
C ASP A 555 -2.70 17.48 -35.08
N PRO A 556 -3.57 18.36 -34.60
CA PRO A 556 -3.21 19.27 -33.54
C PRO A 556 -3.13 18.56 -32.20
N PRO A 557 -2.46 19.17 -31.23
CA PRO A 557 -2.50 18.66 -29.85
C PRO A 557 -3.90 18.68 -29.26
N ARG A 558 -4.14 17.73 -28.35
CA ARG A 558 -5.36 17.65 -27.58
C ARG A 558 -5.63 18.95 -26.86
N SER A 559 -6.89 19.13 -26.46
CA SER A 559 -7.34 20.43 -26.00
C SER A 559 -6.55 20.89 -24.77
N THR A 560 -6.21 19.94 -23.89
CA THR A 560 -5.60 20.14 -22.57
C THR A 560 -4.12 19.79 -22.47
N VAL A 561 -3.59 18.93 -23.33
CA VAL A 561 -2.21 18.49 -23.19
C VAL A 561 -1.21 19.63 -23.00
N PRO A 562 -1.33 20.80 -23.64
CA PRO A 562 -0.29 21.82 -23.38
C PRO A 562 -0.22 22.22 -21.92
N ASP A 563 -1.37 22.51 -21.31
CA ASP A 563 -1.38 23.03 -19.94
C ASP A 563 -0.97 21.95 -18.94
N ALA A 564 -1.44 20.71 -19.13
CA ALA A 564 -1.04 19.59 -18.27
C ALA A 564 0.46 19.33 -18.34
N VAL A 565 1.07 19.48 -19.54
CA VAL A 565 2.52 19.33 -19.60
C VAL A 565 3.21 20.50 -18.95
N SER A 566 2.60 21.68 -19.02
CA SER A 566 3.18 22.80 -18.30
C SER A 566 3.25 22.48 -16.81
N LYS A 567 2.17 21.91 -16.25
CA LYS A 567 2.15 21.65 -14.82
C LYS A 567 3.09 20.50 -14.43
N CYS A 568 3.14 19.42 -15.22
CA CYS A 568 4.15 18.39 -14.94
C CYS A 568 5.54 18.98 -14.90
N ARG A 569 5.92 19.74 -15.93
CA ARG A 569 7.29 20.24 -15.98
C ARG A 569 7.54 21.16 -14.80
N SER A 570 6.50 21.88 -14.38
CA SER A 570 6.58 22.81 -13.25
C SER A 570 6.49 22.10 -11.92
N ALA A 571 6.31 20.78 -11.92
CA ALA A 571 6.44 19.96 -10.72
C ALA A 571 7.73 19.14 -10.71
N GLY A 572 8.79 19.62 -11.38
CA GLY A 572 10.09 18.97 -11.32
C GLY A 572 10.29 17.74 -12.19
N ILE A 573 9.44 17.51 -13.17
CA ILE A 573 9.48 16.29 -13.98
C ILE A 573 9.99 16.66 -15.37
N LYS A 574 11.05 15.97 -15.81
CA LYS A 574 11.60 16.11 -17.15
C LYS A 574 10.74 15.32 -18.13
N VAL A 575 10.34 15.98 -19.20
CA VAL A 575 9.44 15.41 -20.18
C VAL A 575 10.23 15.15 -21.44
N ILE A 576 10.19 13.89 -21.87
CA ILE A 576 10.77 13.41 -23.11
C ILE A 576 9.64 12.92 -24.00
N MET A 577 9.76 13.19 -25.29
CA MET A 577 8.85 12.68 -26.31
C MET A 577 9.54 11.56 -27.07
N VAL A 578 8.79 10.49 -27.34
CA VAL A 578 9.26 9.32 -28.06
C VAL A 578 8.13 8.95 -28.99
N THR A 579 8.33 9.12 -30.30
CA THR A 579 7.31 8.68 -31.25
C THR A 579 7.94 8.34 -32.60
N GLY A 580 7.12 7.68 -33.45
CA GLY A 580 7.58 7.19 -34.73
C GLY A 580 7.50 8.19 -35.86
N ASP A 581 7.15 9.44 -35.59
CA ASP A 581 6.77 10.46 -36.58
C ASP A 581 7.97 11.35 -36.95
N HIS A 582 7.98 11.82 -38.20
CA HIS A 582 9.17 12.48 -38.72
C HIS A 582 9.47 13.74 -37.90
N PRO A 583 10.76 14.05 -37.70
CA PRO A 583 11.11 15.11 -36.73
C PRO A 583 10.83 16.55 -37.20
N ILE A 584 10.25 16.76 -38.39
CA ILE A 584 9.68 18.06 -38.72
C ILE A 584 8.37 18.29 -37.97
N THR A 585 7.45 17.31 -38.03
CA THR A 585 6.23 17.42 -37.23
C THR A 585 6.54 17.40 -35.76
N ALA A 586 7.48 16.55 -35.36
CA ALA A 586 7.71 16.33 -33.94
C ALA A 586 8.22 17.58 -33.26
N LYS A 587 9.15 18.30 -33.89
CA LYS A 587 9.62 19.47 -33.16
C LYS A 587 8.52 20.51 -33.03
N ALA A 588 7.65 20.66 -34.04
CA ALA A 588 6.60 21.66 -33.92
C ALA A 588 5.58 21.25 -32.86
N ILE A 589 5.23 19.96 -32.80
CA ILE A 589 4.36 19.45 -31.72
C ILE A 589 5.02 19.68 -30.35
N ALA A 590 6.34 19.51 -30.30
CA ALA A 590 7.06 19.55 -29.04
C ALA A 590 7.21 20.99 -28.53
N LYS A 591 7.51 21.95 -29.41
CA LYS A 591 7.58 23.34 -28.97
C LYS A 591 6.19 23.90 -28.67
N SER A 592 5.14 23.42 -29.38
CA SER A 592 3.78 23.86 -29.10
C SER A 592 3.36 23.49 -27.68
N VAL A 593 3.50 22.20 -27.32
CA VAL A 593 2.80 21.66 -26.15
C VAL A 593 3.56 21.84 -24.84
N GLY A 594 4.58 22.68 -24.82
CA GLY A 594 5.29 22.92 -23.60
C GLY A 594 6.47 22.01 -23.36
N ILE A 595 6.84 21.18 -24.34
CA ILE A 595 8.03 20.34 -24.19
C ILE A 595 9.30 21.11 -24.48
N ILE A 596 9.26 22.05 -25.43
CA ILE A 596 10.42 22.87 -25.78
C ILE A 596 10.06 24.34 -25.58
N SER A 597 10.90 25.08 -24.87
CA SER A 597 10.69 26.49 -24.63
C SER A 597 11.05 27.31 -25.88
N ALA A 598 10.50 28.54 -25.97
CA ALA A 598 10.57 29.32 -27.21
C ALA A 598 11.95 29.89 -27.46
N ASN A 599 12.71 30.17 -26.41
CA ASN A 599 14.08 30.61 -26.60
C ASN A 599 15.10 29.47 -26.51
N ASN A 600 14.64 28.21 -26.54
CA ASN A 600 15.55 27.08 -26.66
C ASN A 600 15.63 26.61 -28.11
N GLU A 601 16.84 26.51 -28.62
CA GLU A 601 17.06 26.21 -30.01
C GLU A 601 17.91 24.95 -30.10
N THR A 602 17.43 23.97 -30.86
CA THR A 602 18.23 22.80 -31.14
C THR A 602 19.48 23.19 -31.91
N VAL A 603 20.33 22.21 -32.20
CA VAL A 603 21.52 22.47 -33.02
C VAL A 603 21.10 22.90 -34.42
N GLU A 604 19.96 22.38 -34.90
CA GLU A 604 19.40 22.79 -36.20
C GLU A 604 19.07 24.27 -36.20
N ASP A 605 18.33 24.73 -35.18
CA ASP A 605 17.93 26.13 -35.14
C ASP A 605 19.14 27.05 -35.09
N ILE A 606 20.13 26.73 -34.25
CA ILE A 606 21.28 27.62 -34.12
C ILE A 606 22.15 27.57 -35.37
N ALA A 607 22.33 26.39 -35.96
CA ALA A 607 23.12 26.32 -37.19
C ALA A 607 22.41 27.07 -38.32
N LYS A 608 21.08 26.99 -38.38
CA LYS A 608 20.32 27.74 -39.37
C LYS A 608 20.44 29.24 -39.13
N ARG A 609 20.40 29.66 -37.86
CA ARG A 609 20.47 31.09 -37.53
C ARG A 609 21.84 31.67 -37.84
N ARG A 610 22.91 31.02 -37.39
CA ARG A 610 24.23 31.60 -37.57
C ARG A 610 24.73 31.46 -39.00
N ASN A 611 24.14 30.55 -39.79
CA ASN A 611 24.62 30.13 -41.12
C ASN A 611 26.05 29.58 -41.08
N ILE A 612 26.27 28.62 -40.17
CA ILE A 612 27.55 27.94 -39.95
C ILE A 612 27.30 26.43 -39.89
N ALA A 613 28.37 25.65 -40.11
CA ALA A 613 28.26 24.20 -40.16
C ALA A 613 27.92 23.61 -38.80
N VAL A 614 27.05 22.60 -38.81
CA VAL A 614 26.60 21.96 -37.57
C VAL A 614 27.76 21.24 -36.90
N GLU A 615 28.75 20.77 -37.68
CA GLU A 615 29.97 20.21 -37.10
C GLU A 615 30.76 21.26 -36.32
N GLN A 616 30.69 22.53 -36.74
CA GLN A 616 31.48 23.58 -36.11
C GLN A 616 30.94 23.94 -34.74
N VAL A 617 29.64 24.19 -34.65
CA VAL A 617 29.03 24.55 -33.38
C VAL A 617 29.12 23.37 -32.43
N ASN A 618 29.29 23.66 -31.13
CA ASN A 618 29.21 22.63 -30.10
C ASN A 618 27.77 22.25 -29.78
N LYS A 619 27.60 21.58 -28.64
CA LYS A 619 26.37 20.89 -28.32
C LYS A 619 25.69 21.45 -27.08
N ARG A 620 26.43 21.96 -26.09
CA ARG A 620 25.81 22.27 -24.80
C ARG A 620 24.95 23.52 -24.87
N GLU A 621 25.33 24.49 -25.70
CA GLU A 621 24.62 25.76 -25.77
C GLU A 621 23.18 25.60 -26.26
N ALA A 622 22.85 24.50 -26.92
CA ALA A 622 21.48 24.22 -27.34
C ALA A 622 20.80 23.42 -26.22
N LYS A 623 19.82 24.04 -25.56
CA LYS A 623 19.21 23.36 -24.42
C LYS A 623 18.23 22.27 -24.83
N ALA A 624 17.75 22.28 -26.07
CA ALA A 624 16.81 21.28 -26.54
C ALA A 624 17.46 20.44 -27.63
N ALA A 625 17.10 19.17 -27.67
CA ALA A 625 17.70 18.29 -28.68
C ALA A 625 16.63 17.46 -29.36
N VAL A 626 16.83 17.22 -30.66
CA VAL A 626 15.94 16.43 -31.50
C VAL A 626 16.73 15.27 -32.07
N VAL A 627 16.64 14.09 -31.47
CA VAL A 627 17.41 12.95 -31.96
C VAL A 627 16.48 12.02 -32.72
N THR A 628 16.78 11.82 -34.00
CA THR A 628 16.09 10.90 -34.88
C THR A 628 16.33 9.47 -34.41
N GLY A 629 15.41 8.57 -34.75
CA GLY A 629 15.67 7.17 -34.43
C GLY A 629 16.87 6.58 -35.16
N MET A 630 17.29 7.21 -36.25
CA MET A 630 18.35 6.67 -37.10
C MET A 630 19.73 6.93 -36.54
N GLU A 631 19.91 8.02 -35.82
CA GLU A 631 21.20 8.28 -35.20
C GLU A 631 21.35 7.66 -33.82
N LEU A 632 20.27 7.06 -33.28
CA LEU A 632 20.33 6.27 -32.06
C LEU A 632 20.89 4.88 -32.30
N LYS A 633 20.79 4.34 -33.51
CA LYS A 633 21.46 3.06 -33.79
C LYS A 633 22.96 3.15 -33.57
N ASP A 634 23.60 4.14 -34.18
CA ASP A 634 25.03 4.30 -34.02
C ASP A 634 25.40 4.86 -32.66
N MET A 635 24.40 5.24 -31.86
CA MET A 635 24.63 5.86 -30.57
C MET A 635 25.00 4.83 -29.52
N THR A 636 25.93 5.20 -28.66
CA THR A 636 26.36 4.23 -27.67
C THR A 636 25.63 4.47 -26.35
N PRO A 637 25.42 3.43 -25.54
CA PRO A 637 24.70 3.66 -24.28
C PRO A 637 25.35 4.70 -23.41
N GLU A 638 26.66 4.85 -23.49
CA GLU A 638 27.29 5.89 -22.69
C GLU A 638 26.87 7.30 -23.16
N GLN A 639 26.70 7.50 -24.46
CA GLN A 639 26.29 8.81 -24.93
C GLN A 639 24.79 9.00 -24.94
N LEU A 640 24.00 7.93 -24.94
CA LEU A 640 22.59 8.08 -24.61
C LEU A 640 22.44 8.67 -23.22
N ASP A 641 23.24 8.19 -22.26
CA ASP A 641 23.28 8.80 -20.95
C ASP A 641 23.91 10.20 -20.97
N GLU A 642 24.91 10.41 -21.82
CA GLU A 642 25.48 11.74 -22.00
C GLU A 642 24.39 12.75 -22.34
N LEU A 643 23.57 12.44 -23.34
CA LEU A 643 22.58 13.43 -23.76
C LEU A 643 21.39 13.47 -22.81
N LEU A 644 20.91 12.33 -22.33
CA LEU A 644 19.88 12.39 -21.29
C LEU A 644 20.29 13.31 -20.16
N THR A 645 21.56 13.28 -19.78
CA THR A 645 22.00 14.15 -18.71
C THR A 645 22.18 15.61 -19.16
N ASN A 646 22.75 15.88 -20.35
CA ASN A 646 23.12 17.26 -20.71
C ASN A 646 21.91 18.16 -20.94
N TYR A 647 20.92 17.71 -21.72
CA TYR A 647 19.78 18.53 -22.07
C TYR A 647 18.52 17.95 -21.47
N GLN A 648 17.59 18.83 -21.12
CA GLN A 648 16.40 18.48 -20.36
C GLN A 648 15.13 18.46 -21.21
N GLU A 649 15.19 18.95 -22.45
CA GLU A 649 14.06 18.98 -23.36
C GLU A 649 14.45 18.20 -24.61
N ILE A 650 14.25 16.89 -24.57
CA ILE A 650 14.76 16.00 -25.61
C ILE A 650 13.61 15.21 -26.22
N VAL A 651 13.57 15.19 -27.57
CA VAL A 651 12.52 14.50 -28.32
C VAL A 651 13.17 13.53 -29.29
N PHE A 652 12.62 12.32 -29.32
CA PHE A 652 13.10 11.20 -30.12
C PHE A 652 12.09 10.92 -31.23
N ALA A 653 12.55 10.81 -32.48
CA ALA A 653 11.57 10.71 -33.56
C ALA A 653 11.99 9.67 -34.60
N ARG A 654 11.01 9.20 -35.39
CA ARG A 654 11.15 8.01 -36.23
C ARG A 654 11.89 6.94 -35.48
N THR A 655 11.31 6.49 -34.39
CA THR A 655 11.98 5.62 -33.44
C THR A 655 11.29 4.27 -33.34
N SER A 656 12.08 3.20 -33.45
CA SER A 656 11.57 1.84 -33.53
C SER A 656 10.93 1.40 -32.21
N PRO A 657 9.96 0.47 -32.27
CA PRO A 657 9.27 0.06 -31.00
C PRO A 657 10.24 -0.48 -29.97
N GLN A 658 11.40 -1.01 -30.42
CA GLN A 658 12.47 -1.44 -29.54
C GLN A 658 13.29 -0.25 -29.01
N GLN A 659 13.39 0.85 -29.77
CA GLN A 659 14.10 2.01 -29.25
C GLN A 659 13.28 2.75 -28.20
N LYS A 660 11.97 2.51 -28.14
CA LYS A 660 11.19 2.97 -26.99
C LYS A 660 11.66 2.32 -25.69
N LEU A 661 11.85 0.99 -25.67
CA LEU A 661 12.43 0.33 -24.50
C LEU A 661 13.87 0.76 -24.28
N ILE A 662 14.62 0.93 -25.37
CA ILE A 662 16.01 1.37 -25.24
C ILE A 662 16.06 2.70 -24.49
N ILE A 663 15.26 3.68 -24.92
CA ILE A 663 15.24 4.97 -24.25
C ILE A 663 14.68 4.88 -22.85
N VAL A 664 13.64 4.08 -22.61
CA VAL A 664 13.10 4.07 -21.25
C VAL A 664 14.10 3.43 -20.30
N GLU A 665 14.73 2.31 -20.70
CA GLU A 665 15.77 1.72 -19.87
C GLU A 665 16.95 2.65 -19.70
N GLY A 666 17.19 3.50 -20.69
CA GLY A 666 18.21 4.53 -20.54
C GLY A 666 17.86 5.55 -19.46
N CYS A 667 16.61 5.96 -19.40
CA CYS A 667 16.26 6.81 -18.27
C CYS A 667 16.44 6.05 -16.96
N GLN A 668 15.82 4.88 -16.84
CA GLN A 668 15.79 4.18 -15.57
C GLN A 668 17.17 3.85 -15.03
N ARG A 669 18.17 3.65 -15.92
CA ARG A 669 19.53 3.45 -15.39
C ARG A 669 20.12 4.71 -14.82
N GLN A 670 19.34 5.79 -14.77
CA GLN A 670 19.66 7.04 -14.10
C GLN A 670 18.75 7.25 -12.90
N ASP A 671 18.39 6.18 -12.19
CA ASP A 671 17.68 6.29 -10.90
C ASP A 671 16.43 7.17 -11.04
N ALA A 672 15.68 6.96 -12.13
CA ALA A 672 14.52 7.79 -12.45
C ALA A 672 13.29 6.91 -12.67
N ILE A 673 12.25 7.15 -11.89
CA ILE A 673 10.99 6.44 -12.06
C ILE A 673 10.33 6.95 -13.34
N VAL A 674 9.80 6.05 -14.18
CA VAL A 674 9.27 6.46 -15.48
C VAL A 674 7.83 6.03 -15.74
N ALA A 675 7.12 6.87 -16.51
CA ALA A 675 5.69 6.76 -16.81
C ALA A 675 5.52 6.96 -18.30
N VAL A 676 5.34 5.89 -19.07
CA VAL A 676 5.20 6.06 -20.52
C VAL A 676 3.73 6.03 -20.91
N THR A 677 3.31 7.06 -21.65
CA THR A 677 1.92 7.29 -22.06
C THR A 677 1.78 7.04 -23.55
N GLY A 678 0.91 6.10 -23.90
CA GLY A 678 0.95 5.47 -25.21
C GLY A 678 -0.43 5.08 -25.67
N ASP A 679 -0.52 4.72 -26.93
CA ASP A 679 -1.80 4.35 -27.49
C ASP A 679 -1.73 3.19 -28.45
N GLY A 680 -0.54 2.73 -28.84
CA GLY A 680 -0.41 1.87 -30.00
C GLY A 680 0.48 0.68 -29.73
N VAL A 681 0.48 -0.24 -30.70
CA VAL A 681 1.26 -1.46 -30.54
C VAL A 681 2.73 -1.15 -30.41
N ASN A 682 3.20 -0.08 -31.05
CA ASN A 682 4.62 0.26 -30.95
C ASN A 682 4.99 0.66 -29.54
N ASP A 683 4.04 1.20 -28.78
CA ASP A 683 4.33 1.59 -27.40
C ASP A 683 4.32 0.41 -26.42
N SER A 684 3.71 -0.72 -26.78
CA SER A 684 3.42 -1.71 -25.76
C SER A 684 4.68 -2.26 -25.10
N PRO A 685 5.73 -2.66 -25.83
CA PRO A 685 6.92 -3.15 -25.14
C PRO A 685 7.55 -2.11 -24.23
N ALA A 686 7.53 -0.83 -24.60
CA ALA A 686 8.03 0.18 -23.70
C ALA A 686 7.00 0.63 -22.68
N LEU A 687 5.75 0.20 -22.81
CA LEU A 687 4.75 0.40 -21.75
C LEU A 687 4.89 -0.63 -20.63
N LYS A 688 5.41 -1.81 -20.91
CA LYS A 688 5.65 -2.76 -19.83
C LYS A 688 6.84 -2.34 -19.00
N LYS A 689 7.97 -2.03 -19.66
CA LYS A 689 9.21 -1.75 -18.94
C LYS A 689 9.12 -0.53 -18.01
N ALA A 690 8.20 0.40 -18.26
CA ALA A 690 8.12 1.58 -17.39
C ALA A 690 7.74 1.17 -15.97
N ASP A 691 8.18 1.97 -14.99
CA ASP A 691 7.68 1.73 -13.64
C ASP A 691 6.17 1.86 -13.60
N ILE A 692 5.61 2.75 -14.41
CA ILE A 692 4.17 2.73 -14.69
C ILE A 692 3.94 3.11 -16.14
N GLY A 693 2.95 2.48 -16.74
CA GLY A 693 2.54 2.77 -18.10
C GLY A 693 1.16 3.37 -18.04
N ILE A 694 0.91 4.33 -18.94
CA ILE A 694 -0.35 5.07 -19.02
C ILE A 694 -0.88 4.99 -20.45
N ALA A 695 -2.06 4.39 -20.63
CA ALA A 695 -2.62 4.16 -21.94
C ALA A 695 -3.81 5.06 -22.20
N MET A 696 -4.02 5.39 -23.48
CA MET A 696 -5.23 6.10 -23.89
C MET A 696 -6.42 5.15 -24.03
N GLY A 697 -7.57 5.55 -23.50
CA GLY A 697 -8.73 4.69 -23.39
C GLY A 697 -9.42 4.34 -24.70
N ILE A 698 -10.00 5.34 -25.38
CA ILE A 698 -10.70 5.11 -26.64
C ILE A 698 -9.73 5.12 -27.81
N ALA A 699 -8.72 6.00 -27.76
CA ALA A 699 -7.76 6.24 -28.84
C ALA A 699 -6.45 5.49 -28.65
N GLY A 700 -6.51 4.36 -27.95
CA GLY A 700 -5.34 3.53 -27.73
C GLY A 700 -5.60 2.11 -28.15
N SER A 701 -4.59 1.52 -28.80
CA SER A 701 -4.67 0.14 -29.23
C SER A 701 -4.93 -0.76 -28.03
N ASP A 702 -5.44 -1.95 -28.30
CA ASP A 702 -5.62 -2.86 -27.18
C ASP A 702 -4.28 -3.28 -26.61
N ALA A 703 -3.27 -3.44 -27.46
CA ALA A 703 -2.01 -4.00 -27.00
C ALA A 703 -1.34 -3.10 -25.99
N ALA A 704 -1.48 -1.79 -26.14
CA ALA A 704 -0.98 -0.88 -25.12
C ALA A 704 -1.86 -0.92 -23.88
N LYS A 705 -3.18 -1.04 -24.07
CA LYS A 705 -4.11 -0.98 -22.95
C LYS A 705 -3.98 -2.19 -22.02
N ASN A 706 -3.57 -3.35 -22.56
CA ASN A 706 -3.27 -4.50 -21.70
C ASN A 706 -1.89 -4.45 -21.12
N ALA A 707 -0.99 -3.67 -21.70
CA ALA A 707 0.34 -3.53 -21.15
C ALA A 707 0.40 -2.44 -20.10
N ALA A 708 -0.67 -1.69 -19.91
CA ALA A 708 -0.60 -0.49 -19.11
C ALA A 708 -0.75 -0.83 -17.64
N ASP A 709 -0.66 0.21 -16.82
CA ASP A 709 -1.02 0.17 -15.41
C ASP A 709 -2.08 1.18 -15.07
N MET A 710 -2.24 2.21 -15.88
CA MET A 710 -3.39 3.11 -15.84
C MET A 710 -3.96 3.28 -17.23
N VAL A 711 -5.26 3.04 -17.37
CA VAL A 711 -5.97 3.28 -18.62
C VAL A 711 -6.85 4.51 -18.43
N LEU A 712 -6.56 5.59 -19.17
CA LEU A 712 -7.29 6.84 -19.09
C LEU A 712 -8.54 6.72 -19.95
N LEU A 713 -9.70 6.65 -19.30
CA LEU A 713 -10.94 6.26 -19.99
C LEU A 713 -11.41 7.32 -20.98
N ASP A 714 -11.10 8.60 -20.74
CA ASP A 714 -11.57 9.71 -21.58
C ASP A 714 -10.44 10.39 -22.31
N ASP A 715 -9.35 9.68 -22.56
CA ASP A 715 -8.18 10.17 -23.29
C ASP A 715 -7.75 11.55 -22.79
N ASN A 716 -8.16 11.91 -21.57
CA ASN A 716 -7.80 13.15 -20.88
C ASN A 716 -6.41 13.12 -20.29
N PHE A 717 -5.46 13.66 -20.99
CA PHE A 717 -4.13 13.83 -20.47
C PHE A 717 -4.07 14.90 -19.27
N ALA A 718 -5.21 15.35 -18.73
CA ALA A 718 -5.25 16.17 -17.54
C ALA A 718 -5.37 15.36 -16.26
N SER A 719 -5.57 14.04 -16.36
CA SER A 719 -5.56 13.13 -15.21
C SER A 719 -4.15 12.80 -14.74
N ILE A 720 -3.14 13.14 -15.53
CA ILE A 720 -1.77 12.93 -15.07
C ILE A 720 -1.42 13.90 -13.96
N VAL A 721 -1.78 15.18 -14.08
CA VAL A 721 -1.34 16.16 -13.06
C VAL A 721 -1.97 15.85 -11.68
N THR A 722 -3.27 15.53 -11.68
CA THR A 722 -3.96 15.10 -10.48
C THR A 722 -3.52 13.71 -10.01
N GLY A 723 -3.10 12.83 -10.95
CA GLY A 723 -2.55 11.54 -10.56
C GLY A 723 -1.21 11.63 -9.86
N VAL A 724 -0.33 12.50 -10.34
CA VAL A 724 0.87 12.89 -9.60
C VAL A 724 0.51 13.44 -8.23
N GLU A 725 -0.40 14.42 -8.19
CA GLU A 725 -0.77 15.01 -6.90
C GLU A 725 -1.18 13.95 -5.89
N GLU A 726 -2.14 13.09 -6.27
CA GLU A 726 -2.60 12.06 -5.35
C GLU A 726 -1.52 11.00 -5.05
N GLY A 727 -0.62 10.73 -6.00
CA GLY A 727 0.43 9.76 -5.71
C GLY A 727 1.41 10.23 -4.65
N ARG A 728 1.83 11.49 -4.74
CA ARG A 728 2.73 12.08 -3.75
C ARG A 728 2.03 12.27 -2.39
N LEU A 729 0.74 12.64 -2.43
CA LEU A 729 -0.05 12.67 -1.21
C LEU A 729 -0.17 11.29 -0.56
N ILE A 730 -0.44 10.22 -1.35
CA ILE A 730 -0.59 8.87 -0.81
C ILE A 730 0.71 8.38 -0.17
N PHE A 731 1.83 8.74 -0.78
CA PHE A 731 3.13 8.43 -0.19
C PHE A 731 3.32 9.10 1.18
N ASP A 732 2.99 10.38 1.30
CA ASP A 732 3.19 11.03 2.60
C ASP A 732 2.28 10.43 3.67
N ASN A 733 1.00 10.17 3.32
CA ASN A 733 0.05 9.56 4.26
C ASN A 733 0.36 8.10 4.59
N LEU A 734 1.03 7.39 3.69
CA LEU A 734 1.65 6.12 4.08
C LEU A 734 2.76 6.32 5.09
N LYS A 735 3.54 7.40 4.98
CA LYS A 735 4.53 7.58 6.03
C LYS A 735 3.83 7.72 7.37
N LYS A 736 2.77 8.52 7.39
CA LYS A 736 2.04 8.78 8.63
C LYS A 736 1.47 7.49 9.23
N THR A 737 0.70 6.74 8.44
CA THR A 737 0.19 5.46 8.95
C THR A 737 1.31 4.59 9.50
N ILE A 738 2.40 4.44 8.75
CA ILE A 738 3.46 3.53 9.17
C ILE A 738 4.01 3.92 10.52
N ALA A 739 4.43 5.18 10.66
CA ALA A 739 5.05 5.56 11.92
C ALA A 739 4.06 5.41 13.05
N TYR A 740 2.78 5.64 12.77
CA TYR A 740 1.77 5.45 13.80
C TYR A 740 1.77 4.03 14.35
N THR A 741 1.84 3.01 13.48
CA THR A 741 1.83 1.65 14.02
C THR A 741 3.17 1.28 14.68
N LEU A 742 4.27 1.82 14.15
CA LEU A 742 5.59 1.52 14.71
C LEU A 742 5.73 2.01 16.14
N THR A 743 5.20 3.21 16.44
CA THR A 743 5.41 3.76 17.77
C THR A 743 4.66 2.99 18.86
N LYS A 744 3.45 2.53 18.56
CA LYS A 744 2.74 1.60 19.42
C LYS A 744 3.55 0.35 19.74
N ASN A 745 4.17 -0.27 18.71
CA ASN A 745 4.86 -1.55 18.93
C ASN A 745 5.84 -1.51 20.10
N ILE A 746 6.48 -0.37 20.35
CA ILE A 746 7.34 -0.30 21.52
C ILE A 746 6.56 -0.42 22.84
N ALA A 747 5.44 0.28 22.99
CA ALA A 747 4.75 0.19 24.29
C ALA A 747 4.10 -1.15 24.46
N GLU A 748 3.86 -1.87 23.38
CA GLU A 748 3.51 -3.29 23.51
C GLU A 748 4.69 -4.14 23.92
N LEU A 749 5.91 -3.71 23.56
CA LEU A 749 7.04 -4.59 23.80
C LEU A 749 7.63 -4.40 25.20
N CYS A 750 7.66 -3.17 25.72
CA CYS A 750 8.30 -2.91 27.01
C CYS A 750 7.75 -3.71 28.19
N PRO A 751 6.44 -3.97 28.31
CA PRO A 751 5.99 -4.89 29.36
C PRO A 751 6.70 -6.23 29.40
N PHE A 752 6.79 -6.95 28.27
CA PHE A 752 7.48 -8.24 28.32
C PHE A 752 8.96 -8.08 28.58
N LEU A 753 9.56 -7.01 28.07
CA LEU A 753 10.98 -6.78 28.34
C LEU A 753 11.24 -6.51 29.83
N ILE A 754 10.34 -5.82 30.51
CA ILE A 754 10.49 -5.71 31.96
C ILE A 754 10.10 -7.00 32.68
N TYR A 755 9.06 -7.69 32.22
CA TYR A 755 8.59 -8.91 32.87
C TYR A 755 9.61 -10.03 32.82
N ILE A 756 10.50 -10.03 31.81
CA ILE A 756 11.61 -10.97 31.78
C ILE A 756 12.72 -10.52 32.71
N VAL A 757 13.12 -9.25 32.65
CA VAL A 757 14.24 -8.82 33.48
C VAL A 757 13.80 -8.63 34.93
N ALA A 758 12.76 -7.83 35.18
CA ALA A 758 12.45 -7.37 36.53
C ALA A 758 11.50 -8.26 37.30
N GLY A 759 10.86 -9.24 36.65
CA GLY A 759 9.92 -10.06 37.36
C GLY A 759 8.61 -9.41 37.79
N LEU A 760 8.29 -8.20 37.34
CA LEU A 760 6.99 -7.65 37.67
C LEU A 760 5.94 -8.50 36.97
N PRO A 761 4.74 -8.63 37.52
CA PRO A 761 3.73 -9.49 36.87
C PRO A 761 3.32 -8.94 35.52
N LEU A 762 3.13 -9.83 34.52
CA LEU A 762 2.92 -9.47 33.11
C LEU A 762 2.02 -8.25 32.97
N PRO A 763 2.52 -7.14 32.44
CA PRO A 763 1.68 -5.93 32.38
C PRO A 763 0.62 -5.97 31.29
N ILE A 764 0.86 -6.63 30.15
CA ILE A 764 -0.20 -6.97 29.19
C ILE A 764 0.07 -8.33 28.58
N GLY A 765 -0.97 -9.16 28.55
CA GLY A 765 -0.84 -10.45 27.91
C GLY A 765 -0.57 -10.33 26.42
N THR A 766 0.23 -11.28 25.92
CA THR A 766 0.50 -11.38 24.49
C THR A 766 -0.78 -11.51 23.66
N ILE A 767 -1.85 -12.08 24.22
CA ILE A 767 -3.05 -12.16 23.41
C ILE A 767 -3.80 -10.82 23.38
N THR A 768 -3.60 -9.97 24.40
CA THR A 768 -4.29 -8.68 24.41
C THR A 768 -3.67 -7.69 23.43
N ILE A 769 -2.36 -7.81 23.16
CA ILE A 769 -1.68 -7.00 22.15
C ILE A 769 -2.39 -7.08 20.82
N LEU A 770 -2.80 -8.29 20.45
CA LEU A 770 -3.42 -8.44 19.16
C LEU A 770 -4.68 -7.63 19.07
N PHE A 771 -5.36 -7.38 20.20
CA PHE A 771 -6.54 -6.51 20.15
C PHE A 771 -6.20 -5.06 19.82
N ILE A 772 -5.04 -4.60 20.27
CA ILE A 772 -4.58 -3.29 19.85
C ILE A 772 -4.38 -3.29 18.36
N ASP A 773 -3.40 -4.07 17.89
CA ASP A 773 -3.03 -3.94 16.48
C ASP A 773 -4.17 -4.32 15.56
N LEU A 774 -4.88 -5.39 15.85
CA LEU A 774 -5.88 -5.84 14.92
C LEU A 774 -7.22 -5.16 15.11
N GLY A 775 -7.54 -4.62 16.28
CA GLY A 775 -8.85 -4.02 16.42
C GLY A 775 -8.99 -2.52 16.56
N THR A 776 -8.24 -1.92 17.48
CA THR A 776 -8.54 -0.53 17.80
C THR A 776 -8.02 0.42 16.73
N ASP A 777 -6.86 0.10 16.15
CA ASP A 777 -6.13 0.96 15.23
C ASP A 777 -6.35 0.66 13.76
N ILE A 778 -7.27 -0.22 13.38
CA ILE A 778 -7.46 -0.40 11.94
C ILE A 778 -8.23 0.78 11.35
N ILE A 779 -9.26 1.27 12.05
CA ILE A 779 -10.00 2.48 11.64
C ILE A 779 -9.15 3.73 11.85
N PRO A 780 -8.41 3.93 12.96
CA PRO A 780 -7.41 5.01 12.97
C PRO A 780 -6.37 4.90 11.88
N SER A 781 -5.91 3.70 11.61
CA SER A 781 -4.84 3.52 10.63
C SER A 781 -5.33 3.84 9.20
N ILE A 782 -6.60 3.54 8.87
CA ILE A 782 -7.15 4.03 7.59
C ILE A 782 -7.56 5.49 7.64
N ALA A 783 -7.91 6.02 8.81
CA ALA A 783 -8.30 7.42 8.88
C ALA A 783 -7.10 8.34 8.68
N LEU A 784 -5.89 7.93 9.05
CA LEU A 784 -4.78 8.80 8.63
C LEU A 784 -4.61 8.87 7.11
N ALA A 785 -5.16 7.90 6.37
CA ALA A 785 -4.93 7.87 4.90
C ALA A 785 -5.71 9.00 4.20
N TYR A 786 -6.60 9.69 4.90
CA TYR A 786 -7.43 10.75 4.28
C TYR A 786 -6.81 12.12 4.53
N GLU A 787 -5.60 12.16 5.10
CA GLU A 787 -4.96 13.45 5.47
C GLU A 787 -4.50 14.24 4.25
N LYS A 788 -4.32 15.54 4.41
CA LYS A 788 -3.86 16.42 3.29
C LYS A 788 -2.47 16.95 3.63
N ALA A 789 -1.62 17.16 2.61
CA ALA A 789 -0.23 17.62 2.85
C ALA A 789 -0.23 19.03 3.46
N GLU A 790 0.69 19.29 4.39
CA GLU A 790 0.81 20.62 5.05
C GLU A 790 1.16 21.68 3.99
N SER A 791 2.05 21.33 3.05
CA SER A 791 2.49 22.30 2.01
C SER A 791 2.27 21.69 0.62
N ASP A 792 2.12 22.53 -0.41
CA ASP A 792 1.81 22.00 -1.76
C ASP A 792 2.96 21.11 -2.25
N ILE A 793 2.65 19.90 -2.70
CA ILE A 793 3.70 18.96 -3.22
C ILE A 793 4.28 19.50 -4.52
N MET A 794 3.46 20.15 -5.37
CA MET A 794 3.94 20.60 -6.71
C MET A 794 5.09 21.60 -6.54
N ASN A 795 5.01 22.48 -5.55
CA ASN A 795 6.11 23.45 -5.28
C ASN A 795 7.42 22.69 -5.07
N ARG A 796 7.35 21.36 -4.90
CA ARG A 796 8.53 20.56 -4.65
C ARG A 796 8.71 19.54 -5.77
N LYS A 797 9.97 19.11 -5.93
CA LYS A 797 10.47 18.19 -6.95
C LYS A 797 10.11 16.76 -6.58
N PRO A 798 10.19 15.82 -7.52
CA PRO A 798 9.89 14.43 -7.15
C PRO A 798 10.89 13.89 -6.14
N ARG A 799 10.51 12.78 -5.52
CA ARG A 799 11.43 12.08 -4.63
C ARG A 799 12.49 11.36 -5.46
N HIS A 800 13.72 11.34 -4.95
CA HIS A 800 14.77 10.54 -5.57
C HIS A 800 14.58 9.08 -5.22
N LYS A 801 14.65 8.23 -6.24
CA LYS A 801 14.26 6.83 -6.08
C LYS A 801 14.95 6.20 -4.87
N LYS A 802 16.23 6.49 -4.67
CA LYS A 802 17.09 5.94 -3.64
C LYS A 802 17.40 6.90 -2.48
N LYS A 803 17.59 8.21 -2.76
CA LYS A 803 18.08 9.17 -1.76
C LYS A 803 17.10 9.38 -0.61
N ASP A 804 15.83 9.66 -0.89
CA ASP A 804 14.82 9.69 0.17
C ASP A 804 13.81 8.55 -0.02
N ARG A 805 13.62 7.77 1.04
CA ARG A 805 12.89 6.51 0.98
C ARG A 805 11.57 6.61 1.71
N LEU A 806 10.81 5.51 1.69
CA LEU A 806 9.56 5.51 2.45
C LEU A 806 9.81 5.50 3.96
N VAL A 807 10.68 4.61 4.47
CA VAL A 807 11.09 4.67 5.87
C VAL A 807 12.58 4.94 5.96
N ASN A 808 12.92 5.97 6.70
CA ASN A 808 14.26 6.46 6.94
C ASN A 808 14.54 6.38 8.43
N THR A 809 15.82 6.39 8.75
CA THR A 809 16.26 6.23 10.14
C THR A 809 15.70 7.33 11.04
N GLN A 810 15.34 8.49 10.47
CA GLN A 810 14.75 9.53 11.29
C GLN A 810 13.32 9.18 11.69
N LEU A 811 12.50 8.71 10.75
CA LEU A 811 11.15 8.27 11.13
C LEU A 811 11.20 7.04 12.06
N ALA A 812 12.10 6.09 11.78
CA ALA A 812 12.22 4.90 12.62
C ALA A 812 12.62 5.26 14.05
N ILE A 813 13.65 6.09 14.23
CA ILE A 813 14.04 6.36 15.60
C ILE A 813 13.08 7.30 16.29
N TYR A 814 12.32 8.12 15.54
CA TYR A 814 11.29 8.92 16.20
C TYR A 814 10.18 8.04 16.72
N SER A 815 9.70 7.13 15.88
CA SER A 815 8.60 6.27 16.28
C SER A 815 9.02 5.31 17.40
N TYR A 816 10.20 4.70 17.29
CA TYR A 816 10.60 3.71 18.30
C TYR A 816 11.11 4.40 19.55
N LEU A 817 12.15 5.24 19.41
CA LEU A 817 12.82 5.84 20.55
C LEU A 817 12.14 7.08 21.10
N HIS A 818 11.32 7.78 20.33
CA HIS A 818 10.71 8.95 20.95
C HIS A 818 9.31 8.66 21.45
N ILE A 819 8.41 8.24 20.58
CA ILE A 819 7.02 8.20 21.00
C ILE A 819 6.67 6.85 21.64
N GLY A 820 7.33 5.76 21.21
CA GLY A 820 7.09 4.47 21.84
C GLY A 820 7.38 4.48 23.32
N LEU A 821 8.52 5.08 23.72
CA LEU A 821 8.97 5.13 25.12
C LEU A 821 8.14 6.08 25.97
N MET A 822 7.69 7.20 25.41
CA MET A 822 6.73 8.00 26.14
C MET A 822 5.43 7.24 26.35
N GLN A 823 4.97 6.48 25.34
CA GLN A 823 3.76 5.67 25.53
C GLN A 823 3.97 4.59 26.59
N ALA A 824 5.06 3.85 26.53
CA ALA A 824 5.21 2.76 27.48
C ALA A 824 5.39 3.29 28.90
N LEU A 825 6.04 4.45 29.07
CA LEU A 825 6.10 5.04 30.40
C LEU A 825 4.73 5.42 30.89
N GLY A 826 3.89 5.96 30.01
CA GLY A 826 2.50 6.21 30.38
C GLY A 826 1.72 4.95 30.74
N GLY A 827 1.92 3.86 29.99
CA GLY A 827 1.26 2.59 30.32
C GLY A 827 1.69 2.03 31.66
N PHE A 828 2.99 2.09 31.96
CA PHE A 828 3.49 1.62 33.25
C PHE A 828 3.01 2.50 34.41
N LEU A 829 2.72 3.78 34.19
CA LEU A 829 2.14 4.53 35.30
C LEU A 829 0.78 3.95 35.68
N VAL A 830 -0.03 3.59 34.69
CA VAL A 830 -1.34 2.99 34.97
C VAL A 830 -1.20 1.62 35.59
N TYR A 831 -0.20 0.85 35.14
CA TYR A 831 0.10 -0.45 35.73
C TYR A 831 0.39 -0.32 37.22
N PHE A 832 1.33 0.56 37.59
CA PHE A 832 1.69 0.75 38.99
C PHE A 832 0.57 1.38 39.78
N THR A 833 -0.29 2.13 39.15
CA THR A 833 -1.41 2.67 39.91
C THR A 833 -2.46 1.58 40.17
N VAL A 834 -2.69 0.68 39.20
CA VAL A 834 -3.73 -0.33 39.42
C VAL A 834 -3.23 -1.42 40.34
N TYR A 835 -1.91 -1.60 40.43
CA TYR A 835 -1.41 -2.47 41.50
C TYR A 835 -1.37 -1.73 42.84
N ALA A 836 -1.04 -0.44 42.84
CA ALA A 836 -0.84 0.20 44.16
C ALA A 836 -2.14 0.55 44.84
N GLN A 837 -3.25 0.54 44.12
CA GLN A 837 -4.55 0.75 44.77
C GLN A 837 -5.10 -0.50 45.46
N GLN A 838 -4.63 -1.68 45.11
CA GLN A 838 -5.12 -2.87 45.79
C GLN A 838 -4.15 -3.40 46.83
N GLY A 839 -3.02 -2.73 47.04
CA GLY A 839 -2.13 -3.08 48.14
C GLY A 839 -0.67 -3.30 47.78
N PHE A 840 -0.43 -3.70 46.53
CA PHE A 840 0.87 -4.07 46.00
C PHE A 840 1.55 -2.79 45.58
N TRP A 841 2.44 -2.29 46.40
CA TRP A 841 3.07 -1.01 46.05
C TRP A 841 4.02 -1.19 44.85
N PRO A 842 4.56 -0.11 44.31
CA PRO A 842 5.55 -0.25 43.25
C PRO A 842 6.76 -1.03 43.71
N THR A 843 7.40 -0.48 44.74
CA THR A 843 8.65 -1.04 45.21
C THR A 843 8.47 -2.53 45.46
N SER A 844 7.39 -2.92 46.08
CA SER A 844 7.21 -4.31 46.48
C SER A 844 6.32 -5.05 45.45
N LEU A 845 6.89 -5.10 44.22
CA LEU A 845 6.48 -5.93 43.07
C LEU A 845 7.64 -6.63 42.36
N ILE A 846 8.90 -6.22 42.56
CA ILE A 846 10.04 -6.85 41.90
C ILE A 846 10.04 -8.36 42.17
N ASN A 847 10.58 -9.14 41.23
CA ASN A 847 10.85 -10.57 41.40
C ASN A 847 9.61 -11.36 41.80
N LEU A 848 8.43 -10.72 41.84
CA LEU A 848 7.21 -11.35 42.32
C LEU A 848 6.60 -12.33 41.34
N ARG A 849 6.83 -12.17 40.03
CA ARG A 849 6.18 -13.02 39.04
C ARG A 849 6.24 -14.49 39.43
N VAL A 850 7.39 -14.93 39.96
CA VAL A 850 7.57 -16.34 40.32
C VAL A 850 6.54 -16.77 41.37
N ALA A 851 6.52 -16.10 42.54
CA ALA A 851 5.47 -16.41 43.50
C ALA A 851 4.12 -16.02 42.94
N TRP A 852 4.07 -15.03 42.07
CA TRP A 852 2.79 -14.56 41.56
C TRP A 852 2.11 -15.65 40.75
N GLU A 853 2.88 -16.33 39.90
CA GLU A 853 2.37 -17.35 39.01
C GLU A 853 2.22 -18.71 39.71
N THR A 854 2.61 -18.80 41.00
CA THR A 854 2.53 -20.03 41.77
C THR A 854 1.13 -20.22 42.32
N ASP A 855 0.49 -21.29 41.91
CA ASP A 855 -0.91 -21.54 42.26
C ASP A 855 -1.10 -22.32 43.57
N ASP A 856 -0.06 -22.99 44.08
CA ASP A 856 -0.16 -23.56 45.43
C ASP A 856 -0.26 -22.50 46.50
N ILE A 857 0.07 -21.25 46.19
CA ILE A 857 0.21 -20.20 47.19
C ILE A 857 -1.06 -19.37 47.14
N ASN A 858 -1.95 -19.58 48.12
CA ASN A 858 -3.21 -18.84 48.22
C ASN A 858 -3.16 -17.80 49.33
N ASP A 859 -1.99 -17.52 49.89
CA ASP A 859 -1.89 -16.56 50.98
C ASP A 859 -0.75 -15.58 50.80
N LEU A 860 -0.43 -15.20 49.55
CA LEU A 860 0.59 -14.17 49.35
C LEU A 860 0.25 -12.90 50.11
N GLU A 861 1.28 -12.31 50.72
CA GLU A 861 1.10 -11.09 51.50
C GLU A 861 1.43 -9.88 50.63
N ASP A 862 0.66 -8.82 50.79
CA ASP A 862 0.90 -7.57 50.10
C ASP A 862 1.50 -6.57 51.06
N SER A 863 1.64 -5.32 50.63
CA SER A 863 2.36 -4.35 51.44
C SER A 863 1.60 -3.94 52.69
N TYR A 864 0.29 -4.15 52.70
CA TYR A 864 -0.51 -3.91 53.90
C TYR A 864 -0.65 -5.15 54.74
N GLY A 865 -0.05 -6.27 54.35
CA GLY A 865 -0.13 -7.50 55.10
C GLY A 865 -1.35 -8.37 54.86
N GLN A 866 -2.25 -7.96 53.97
CA GLN A 866 -3.38 -8.82 53.67
C GLN A 866 -2.88 -10.08 52.96
N GLU A 867 -3.66 -11.15 53.04
CA GLU A 867 -3.32 -12.37 52.31
C GLU A 867 -4.17 -12.48 51.04
N TRP A 868 -3.56 -12.96 49.96
CA TRP A 868 -4.17 -12.95 48.64
C TRP A 868 -4.28 -14.38 48.12
N THR A 869 -5.40 -14.70 47.49
CA THR A 869 -5.60 -15.98 46.85
C THR A 869 -5.10 -15.93 45.42
N ARG A 870 -4.67 -17.09 44.91
CA ARG A 870 -4.12 -17.12 43.56
C ARG A 870 -5.09 -16.45 42.60
N TYR A 871 -6.33 -16.95 42.55
CA TYR A 871 -7.29 -16.45 41.54
C TYR A 871 -7.48 -14.94 41.66
N GLN A 872 -7.45 -14.41 42.89
CA GLN A 872 -7.58 -12.97 43.06
C GLN A 872 -6.41 -12.25 42.42
N ARG A 873 -5.21 -12.78 42.60
CA ARG A 873 -4.04 -12.20 41.96
C ARG A 873 -4.13 -12.32 40.44
N LYS A 874 -4.78 -13.37 39.96
CA LYS A 874 -4.85 -13.56 38.51
C LYS A 874 -5.87 -12.59 37.89
N TYR A 875 -6.99 -12.37 38.56
CA TYR A 875 -7.91 -11.32 38.13
C TYR A 875 -7.28 -9.94 38.19
N LEU A 876 -6.56 -9.65 39.27
CA LEU A 876 -5.82 -8.40 39.28
C LEU A 876 -4.81 -8.33 38.14
N GLU A 877 -4.09 -9.42 37.86
CA GLU A 877 -3.13 -9.40 36.74
C GLU A 877 -3.83 -9.05 35.46
N TRP A 878 -5.05 -9.56 35.30
CA TRP A 878 -5.82 -9.24 34.11
C TRP A 878 -6.24 -7.78 34.12
N THR A 879 -6.54 -7.23 35.29
CA THR A 879 -6.85 -5.80 35.34
C THR A 879 -5.61 -4.97 35.06
N GLY A 880 -4.44 -5.47 35.43
CA GLY A 880 -3.20 -4.83 34.99
C GLY A 880 -3.06 -4.87 33.48
N SER A 881 -3.47 -5.98 32.87
CA SER A 881 -3.39 -6.12 31.41
C SER A 881 -4.30 -5.12 30.73
N THR A 882 -5.55 -5.03 31.18
CA THR A 882 -6.45 -4.09 30.52
C THR A 882 -6.10 -2.66 30.89
N ALA A 883 -5.60 -2.40 32.09
CA ALA A 883 -5.14 -1.05 32.43
C ALA A 883 -4.07 -0.60 31.44
N PHE A 884 -3.10 -1.46 31.18
CA PHE A 884 -2.00 -1.10 30.30
C PHE A 884 -2.46 -0.96 28.86
N PHE A 885 -3.35 -1.85 28.40
CA PHE A 885 -3.88 -1.77 27.04
C PHE A 885 -4.70 -0.48 26.84
N VAL A 886 -5.57 -0.15 27.80
CA VAL A 886 -6.33 1.09 27.70
C VAL A 886 -5.43 2.30 27.74
N ALA A 887 -4.39 2.28 28.58
CA ALA A 887 -3.46 3.41 28.61
C ALA A 887 -2.83 3.67 27.24
N ILE A 888 -2.29 2.63 26.62
CA ILE A 888 -1.64 2.88 25.34
C ILE A 888 -2.65 3.39 24.30
N MET A 889 -3.89 2.86 24.26
CA MET A 889 -4.76 3.42 23.22
C MET A 889 -5.09 4.89 23.53
N ILE A 890 -5.17 5.26 24.81
CA ILE A 890 -5.49 6.65 25.14
C ILE A 890 -4.38 7.56 24.66
N GLN A 891 -3.14 7.12 24.78
CA GLN A 891 -2.05 7.85 24.14
C GLN A 891 -1.98 7.62 22.63
N GLN A 892 -2.72 6.63 22.09
CA GLN A 892 -2.91 6.45 20.64
C GLN A 892 -3.97 7.35 20.04
N ILE A 893 -4.89 7.86 20.84
CA ILE A 893 -5.69 8.98 20.41
C ILE A 893 -4.79 10.19 20.16
N ALA A 894 -3.85 10.43 21.07
CA ALA A 894 -2.88 11.52 20.86
C ALA A 894 -1.90 11.21 19.74
N ASP A 895 -1.47 9.95 19.66
CA ASP A 895 -0.60 9.55 18.57
C ASP A 895 -1.26 9.83 17.23
N LEU A 896 -2.55 9.51 17.10
CA LEU A 896 -3.26 9.76 15.85
C LEU A 896 -3.35 11.25 15.55
N ILE A 897 -3.54 12.09 16.58
CA ILE A 897 -3.59 13.54 16.30
C ILE A 897 -2.22 14.13 15.94
N ILE A 898 -1.12 13.63 16.50
CA ILE A 898 0.17 14.13 16.08
C ILE A 898 0.57 13.60 14.71
N ARG A 899 0.11 12.39 14.36
CA ARG A 899 0.54 11.75 13.09
C ARG A 899 -0.25 12.30 11.90
N LYS A 900 -1.34 13.02 12.14
CA LYS A 900 -2.09 13.66 11.03
C LYS A 900 -1.18 14.71 10.37
N THR A 901 -0.34 15.39 11.16
CA THR A 901 0.55 16.44 10.63
C THR A 901 2.01 16.09 10.90
N ARG A 902 2.84 16.02 9.85
CA ARG A 902 4.29 15.78 10.05
C ARG A 902 5.06 17.10 9.97
N ARG A 903 4.38 18.21 9.63
CA ARG A 903 5.12 19.48 9.41
C ARG A 903 4.68 20.60 10.36
N ASN A 904 3.38 20.83 10.52
CA ASN A 904 2.95 22.01 11.33
C ASN A 904 1.81 21.67 12.31
N SER A 905 1.46 22.62 13.18
CA SER A 905 0.45 22.41 14.26
C SER A 905 -0.88 21.77 13.83
N ILE A 906 -1.57 21.13 14.77
CA ILE A 906 -2.90 20.50 14.55
C ILE A 906 -3.91 21.60 14.28
N PHE A 907 -3.65 22.82 14.77
CA PHE A 907 -4.54 23.97 14.49
C PHE A 907 -4.52 24.30 13.00
N GLN A 908 -3.35 24.26 12.37
CA GLN A 908 -3.23 24.63 10.94
C GLN A 908 -3.97 23.63 10.05
N GLN A 909 -3.81 22.33 10.30
CA GLN A 909 -4.56 21.29 9.53
C GLN A 909 -5.96 21.27 10.12
N GLY A 910 -6.07 21.37 11.44
CA GLY A 910 -7.35 21.50 12.09
C GLY A 910 -7.80 20.18 12.64
N LEU A 911 -7.92 20.05 13.96
CA LEU A 911 -8.29 18.72 14.46
C LEU A 911 -9.66 18.31 13.96
N PHE A 912 -10.53 19.27 13.69
CA PHE A 912 -11.89 18.92 13.34
C PHE A 912 -12.10 18.77 11.85
N ARG A 913 -11.11 19.13 11.04
CA ARG A 913 -11.38 19.21 9.60
C ARG A 913 -11.44 17.81 8.97
N ASN A 914 -10.55 16.90 9.38
CA ASN A 914 -10.67 15.49 9.04
C ASN A 914 -11.76 14.84 9.88
N LYS A 915 -12.84 14.39 9.22
CA LYS A 915 -13.88 13.65 9.93
C LYS A 915 -13.44 12.23 10.22
N VAL A 916 -12.67 11.64 9.33
CA VAL A 916 -12.38 10.22 9.48
C VAL A 916 -11.44 9.97 10.66
N ILE A 917 -10.48 10.87 10.93
CA ILE A 917 -9.65 10.69 12.12
C ILE A 917 -10.50 10.76 13.39
N TRP A 918 -11.64 11.45 13.34
CA TRP A 918 -12.53 11.42 14.50
C TRP A 918 -13.32 10.12 14.55
N VAL A 919 -13.64 9.54 13.39
CA VAL A 919 -14.19 8.17 13.39
C VAL A 919 -13.16 7.20 13.96
N GLY A 920 -11.88 7.41 13.65
CA GLY A 920 -10.84 6.57 14.23
C GLY A 920 -10.71 6.76 15.73
N ILE A 921 -10.69 8.01 16.20
CA ILE A 921 -10.65 8.27 17.63
C ILE A 921 -11.84 7.59 18.30
N ALA A 922 -13.03 7.81 17.75
CA ALA A 922 -14.21 7.21 18.32
C ALA A 922 -14.17 5.68 18.23
N SER A 923 -13.65 5.13 17.12
CA SER A 923 -13.54 3.68 16.93
C SER A 923 -12.66 3.05 18.01
N GLN A 924 -11.59 3.75 18.36
CA GLN A 924 -10.65 3.31 19.39
C GLN A 924 -11.33 3.27 20.78
N VAL A 925 -12.00 4.37 21.14
CA VAL A 925 -12.67 4.45 22.44
C VAL A 925 -13.76 3.40 22.53
N ILE A 926 -14.57 3.27 21.48
CA ILE A 926 -15.71 2.36 21.51
C ILE A 926 -15.27 0.90 21.54
N VAL A 927 -14.22 0.53 20.81
CA VAL A 927 -13.81 -0.88 20.91
C VAL A 927 -13.27 -1.20 22.30
N ALA A 928 -12.46 -0.32 22.89
CA ALA A 928 -12.04 -0.60 24.28
C ALA A 928 -13.24 -0.63 25.24
N LEU A 929 -14.28 0.16 24.97
CA LEU A 929 -15.43 0.16 25.87
C LEU A 929 -16.20 -1.14 25.74
N ILE A 930 -16.33 -1.64 24.51
CA ILE A 930 -16.94 -2.94 24.21
C ILE A 930 -16.10 -4.04 24.79
N LEU A 931 -14.81 -3.80 24.96
CA LEU A 931 -13.98 -4.86 25.50
C LEU A 931 -13.92 -4.86 27.01
N SER A 932 -13.17 -3.92 27.57
CA SER A 932 -12.77 -4.02 28.96
C SER A 932 -13.94 -3.67 29.88
N TYR A 933 -14.36 -2.40 29.90
CA TYR A 933 -15.32 -1.93 30.90
C TYR A 933 -16.75 -2.34 30.60
N GLY A 934 -16.93 -3.59 30.20
CA GLY A 934 -18.24 -4.02 29.74
C GLY A 934 -18.20 -5.48 29.39
N LEU A 935 -19.28 -5.92 28.75
CA LEU A 935 -19.48 -7.32 28.41
C LEU A 935 -18.38 -7.79 27.44
N GLY A 936 -18.03 -9.07 27.51
CA GLY A 936 -16.92 -9.57 26.72
C GLY A 936 -15.56 -9.43 27.36
N SER A 937 -15.54 -8.94 28.60
CA SER A 937 -14.38 -8.86 29.46
C SER A 937 -14.71 -9.19 30.91
N VAL A 938 -15.89 -9.73 31.16
CA VAL A 938 -16.24 -10.08 32.52
C VAL A 938 -15.43 -11.34 32.87
N PRO A 939 -15.62 -12.50 32.23
CA PRO A 939 -14.66 -13.60 32.45
C PRO A 939 -13.56 -13.82 31.43
N ALA A 940 -13.39 -13.07 30.33
CA ALA A 940 -12.71 -13.68 29.19
C ALA A 940 -11.50 -12.91 28.65
N LEU A 941 -10.70 -13.66 27.86
CA LEU A 941 -9.62 -13.16 26.97
C LEU A 941 -8.58 -12.28 27.64
N SER A 942 -8.23 -12.59 28.90
CA SER A 942 -7.31 -11.75 29.67
C SER A 942 -7.85 -10.33 29.77
N PHE A 943 -9.16 -10.24 30.00
CA PHE A 943 -9.88 -8.99 30.06
C PHE A 943 -10.75 -8.92 31.31
N THR A 944 -10.63 -7.81 32.03
CA THR A 944 -11.43 -7.54 33.22
C THR A 944 -12.08 -6.19 33.08
N MET A 945 -13.21 -6.03 33.76
CA MET A 945 -13.85 -4.72 33.86
C MET A 945 -13.02 -3.76 34.70
N LEU A 946 -12.98 -2.50 34.27
CA LEU A 946 -12.05 -1.53 34.82
C LEU A 946 -12.78 -0.49 35.65
N ARG A 947 -12.14 -0.04 36.72
CA ARG A 947 -12.63 1.13 37.44
C ARG A 947 -12.67 2.32 36.51
N VAL A 948 -13.69 3.17 36.66
CA VAL A 948 -13.81 4.24 35.67
C VAL A 948 -12.63 5.20 35.78
N GLN A 949 -12.04 5.33 36.97
CA GLN A 949 -10.88 6.20 37.09
C GLN A 949 -9.66 5.70 36.33
N TYR A 950 -9.61 4.40 35.96
CA TYR A 950 -8.41 3.88 35.29
C TYR A 950 -8.35 4.26 33.82
N TRP A 951 -9.48 4.66 33.22
CA TRP A 951 -9.43 5.07 31.82
C TRP A 951 -8.62 6.35 31.67
N PHE A 952 -8.78 7.27 32.60
CA PHE A 952 -8.23 8.61 32.44
C PHE A 952 -6.87 8.78 33.11
N VAL A 953 -6.29 7.73 33.69
CA VAL A 953 -4.94 7.84 34.25
C VAL A 953 -3.91 8.12 33.17
N ALA A 954 -4.29 7.96 31.91
CA ALA A 954 -3.37 8.07 30.80
C ALA A 954 -3.60 9.31 29.95
N VAL A 955 -4.38 10.27 30.43
CA VAL A 955 -4.49 11.58 29.82
C VAL A 955 -3.30 12.51 30.12
N PRO A 956 -2.65 12.45 31.30
CA PRO A 956 -1.40 13.21 31.46
C PRO A 956 -0.37 12.90 30.41
N HIS A 957 -0.04 11.62 30.19
CA HIS A 957 1.00 11.32 29.19
C HIS A 957 0.53 11.57 27.77
N ALA A 958 -0.77 11.56 27.52
CA ALA A 958 -1.23 11.77 26.16
C ALA A 958 -1.47 13.23 25.84
N ILE A 959 -1.52 14.12 26.84
CA ILE A 959 -1.32 15.55 26.59
C ILE A 959 0.18 15.85 26.46
N LEU A 960 1.01 15.18 27.26
CA LEU A 960 2.45 15.40 27.17
C LEU A 960 2.99 15.06 25.79
N ILE A 961 2.53 13.94 25.22
CA ILE A 961 3.07 13.46 23.94
C ILE A 961 2.78 14.46 22.83
N TRP A 962 1.52 14.90 22.73
CA TRP A 962 1.10 15.92 21.78
C TRP A 962 1.83 17.23 22.00
N VAL A 963 1.98 17.68 23.25
CA VAL A 963 2.73 18.91 23.48
C VAL A 963 4.13 18.79 22.92
N TYR A 964 4.86 17.74 23.31
CA TYR A 964 6.25 17.61 22.87
C TYR A 964 6.34 17.57 21.35
N ASP A 965 5.50 16.73 20.73
CA ASP A 965 5.43 16.69 19.28
C ASP A 965 5.18 18.08 18.69
N GLU A 966 4.19 18.79 19.24
CA GLU A 966 3.81 20.07 18.68
C GLU A 966 4.97 21.03 18.75
N MET A 967 5.73 20.97 19.86
CA MET A 967 6.84 21.89 20.07
C MET A 967 7.93 21.68 19.03
N ARG A 968 8.29 20.43 18.77
CA ARG A 968 9.30 20.26 17.72
C ARG A 968 8.76 20.61 16.33
N LYS A 969 7.47 20.38 16.06
CA LYS A 969 6.93 20.82 14.77
C LYS A 969 6.93 22.36 14.64
N LEU A 970 6.63 23.06 15.74
CA LEU A 970 6.79 24.50 15.77
C LEU A 970 8.22 24.92 15.47
N PHE A 971 9.19 24.25 16.10
CA PHE A 971 10.57 24.66 15.87
C PHE A 971 11.07 24.28 14.49
N ILE A 972 10.60 23.19 13.88
CA ILE A 972 11.04 22.97 12.51
C ILE A 972 10.41 24.01 11.60
N ARG A 973 9.19 24.47 11.91
CA ARG A 973 8.63 25.54 11.08
C ARG A 973 9.49 26.80 11.20
N LEU A 974 9.91 27.13 12.43
CA LEU A 974 10.61 28.38 12.72
C LEU A 974 11.99 28.40 12.11
N TYR A 975 12.85 27.47 12.47
CA TYR A 975 14.21 27.55 11.94
C TYR A 975 14.64 26.46 10.95
N PRO A 976 14.25 26.54 9.68
CA PRO A 976 14.38 25.38 8.78
C PRO A 976 15.80 25.17 8.29
N GLY A 977 16.25 23.91 8.37
CA GLY A 977 17.57 23.51 7.95
C GLY A 977 18.72 23.79 8.89
N SER A 978 18.45 24.03 10.18
CA SER A 978 19.50 24.37 11.15
C SER A 978 19.46 23.41 12.33
N TRP A 979 19.60 22.12 12.01
CA TRP A 979 19.83 20.97 12.89
C TRP A 979 18.57 20.57 13.63
N TRP A 980 17.51 21.38 13.61
CA TRP A 980 16.22 20.91 14.08
C TRP A 980 15.40 20.36 12.93
N ASP A 981 15.39 21.06 11.80
CA ASP A 981 14.76 20.51 10.60
C ASP A 981 15.49 19.28 10.10
N LYS A 982 16.76 19.13 10.46
CA LYS A 982 17.53 17.99 9.97
C LYS A 982 17.40 16.77 10.89
N ASN A 983 17.38 16.98 12.22
CA ASN A 983 17.36 15.87 13.15
C ASN A 983 15.99 15.56 13.73
N MET A 984 15.02 16.48 13.58
CA MET A 984 13.68 16.26 14.23
C MET A 984 12.56 16.38 13.20
N TYR A 985 12.76 15.86 11.98
CA TYR A 985 11.65 15.86 10.98
C TYR A 985 11.37 14.42 10.55
N TYR A 986 10.10 13.99 10.56
CA TYR A 986 9.72 12.62 10.16
C TYR A 986 10.44 12.22 8.88
N TRP B 37 35.45 8.18 5.96
CA TRP B 37 34.74 9.38 6.39
C TRP B 37 35.41 10.59 5.83
N ASN B 38 34.63 11.46 5.17
CA ASN B 38 35.24 12.52 4.38
C ASN B 38 36.08 13.42 5.27
N SER B 39 37.40 13.40 5.03
CA SER B 39 38.31 14.35 5.65
C SER B 39 37.99 15.78 5.26
N GLU B 40 36.96 15.98 4.42
CA GLU B 40 36.68 17.29 3.85
C GLU B 40 35.88 18.16 4.81
N LYS B 41 34.80 17.64 5.37
CA LYS B 41 34.01 18.44 6.31
C LYS B 41 33.62 17.62 7.53
N LYS B 42 34.61 16.94 8.13
CA LYS B 42 34.39 16.05 9.28
C LYS B 42 33.41 14.93 8.97
N GLU B 43 32.19 15.03 9.50
CA GLU B 43 31.08 14.12 9.17
C GLU B 43 31.47 12.65 9.37
N PHE B 44 32.12 12.39 10.49
CA PHE B 44 32.27 11.02 10.97
C PHE B 44 30.91 10.46 11.33
N LEU B 45 30.59 9.29 10.76
CA LEU B 45 29.36 8.57 11.04
C LEU B 45 28.13 9.43 10.72
N GLY B 46 28.27 10.27 9.67
CA GLY B 46 27.25 11.22 9.24
C GLY B 46 27.41 12.64 9.75
N ARG B 47 27.94 12.81 10.97
CA ARG B 47 27.78 14.06 11.73
C ARG B 47 29.16 14.54 12.19
N THR B 48 29.31 15.87 12.27
CA THR B 48 30.49 16.53 12.82
C THR B 48 30.50 16.49 14.35
N GLY B 49 31.64 16.91 14.94
CA GLY B 49 31.80 16.82 16.37
C GLY B 49 30.84 17.71 17.15
N GLY B 50 30.73 18.98 16.74
CA GLY B 50 29.86 19.91 17.45
C GLY B 50 28.41 19.45 17.46
N SER B 51 27.93 18.98 16.31
CA SER B 51 26.61 18.39 16.25
C SER B 51 26.53 17.04 17.00
N TRP B 52 27.65 16.33 17.18
CA TRP B 52 27.63 15.16 18.07
C TRP B 52 27.28 15.58 19.48
N PHE B 53 27.92 16.64 19.96
CA PHE B 53 27.58 17.16 21.26
C PHE B 53 26.13 17.59 21.29
N LYS B 54 25.65 18.28 20.25
CA LYS B 54 24.26 18.72 20.22
C LYS B 54 23.30 17.55 20.37
N ILE B 55 23.51 16.47 19.61
CA ILE B 55 22.52 15.40 19.62
C ILE B 55 22.59 14.61 20.93
N LEU B 56 23.78 14.34 21.46
CA LEU B 56 23.81 13.64 22.74
C LEU B 56 23.23 14.49 23.85
N LEU B 57 23.46 15.81 23.84
CA LEU B 57 22.86 16.66 24.85
C LEU B 57 21.36 16.65 24.70
N PHE B 58 20.86 16.68 23.47
CA PHE B 58 19.42 16.61 23.29
C PHE B 58 18.85 15.32 23.83
N TYR B 59 19.52 14.19 23.58
CA TYR B 59 18.94 12.93 24.05
C TYR B 59 19.10 12.74 25.55
N VAL B 60 20.20 13.23 26.13
CA VAL B 60 20.30 13.18 27.58
C VAL B 60 19.22 14.03 28.20
N ILE B 61 18.95 15.23 27.67
CA ILE B 61 17.87 16.02 28.26
C ILE B 61 16.51 15.43 27.93
N PHE B 62 16.31 14.94 26.72
CA PHE B 62 15.06 14.27 26.39
C PHE B 62 14.77 13.16 27.38
N TYR B 63 15.62 12.13 27.44
CA TYR B 63 15.35 11.00 28.32
C TYR B 63 15.42 11.38 29.80
N GLY B 64 16.34 12.23 30.23
CA GLY B 64 16.36 12.64 31.61
C GLY B 64 15.05 13.29 32.03
N CYS B 65 14.54 14.19 31.21
CA CYS B 65 13.25 14.78 31.51
C CYS B 65 12.15 13.73 31.48
N LEU B 66 12.25 12.80 30.54
CA LEU B 66 11.20 11.82 30.38
C LEU B 66 11.11 10.94 31.61
N ALA B 67 12.28 10.61 32.18
CA ALA B 67 12.36 9.81 33.39
C ALA B 67 11.98 10.63 34.60
N GLY B 68 12.32 11.92 34.59
CA GLY B 68 11.89 12.80 35.65
C GLY B 68 10.38 12.83 35.74
N ILE B 69 9.73 12.97 34.60
CA ILE B 69 8.28 12.97 34.58
C ILE B 69 7.71 11.61 34.95
N PHE B 70 8.32 10.51 34.50
CA PHE B 70 7.71 9.24 34.87
C PHE B 70 7.82 8.99 36.37
N ILE B 71 9.01 9.21 36.96
CA ILE B 71 9.06 8.95 38.40
C ILE B 71 8.28 10.02 39.14
N GLY B 72 8.13 11.20 38.53
CA GLY B 72 7.35 12.25 39.17
C GLY B 72 5.89 11.87 39.24
N THR B 73 5.35 11.41 38.11
CA THR B 73 3.97 10.98 38.13
C THR B 73 3.79 9.81 39.10
N ILE B 74 4.78 8.90 39.18
CA ILE B 74 4.66 7.81 40.16
C ILE B 74 4.57 8.37 41.58
N GLN B 75 5.44 9.32 41.94
CA GLN B 75 5.36 9.89 43.29
C GLN B 75 4.02 10.57 43.55
N VAL B 76 3.48 11.30 42.58
CA VAL B 76 2.19 11.93 42.83
C VAL B 76 1.10 10.86 42.93
N MET B 77 1.25 9.74 42.22
CA MET B 77 0.31 8.64 42.43
C MET B 77 0.43 8.08 43.84
N LEU B 78 1.66 7.89 44.32
CA LEU B 78 1.86 7.25 45.63
C LEU B 78 1.44 8.13 46.79
N LEU B 79 1.32 9.44 46.57
CA LEU B 79 0.79 10.30 47.62
C LEU B 79 -0.65 9.91 47.98
N THR B 80 -1.45 9.52 47.00
CA THR B 80 -2.86 9.25 47.25
C THR B 80 -3.07 8.01 48.10
N ILE B 81 -2.19 7.01 47.93
CA ILE B 81 -2.34 5.79 48.69
C ILE B 81 -1.80 5.98 50.10
N SER B 82 -2.51 5.45 51.07
CA SER B 82 -2.07 5.57 52.45
C SER B 82 -1.19 4.38 52.77
N GLU B 83 -0.20 4.58 53.63
CA GLU B 83 0.58 3.44 54.06
C GLU B 83 -0.20 2.55 55.02
N LEU B 84 -1.40 2.98 55.43
CA LEU B 84 -2.16 2.31 56.47
C LEU B 84 -3.47 1.71 56.00
N LYS B 85 -4.12 2.23 54.96
CA LYS B 85 -5.34 1.59 54.52
C LYS B 85 -5.22 1.40 53.01
N PRO B 86 -5.59 0.23 52.49
CA PRO B 86 -5.68 0.06 51.03
C PRO B 86 -6.75 0.95 50.46
N THR B 87 -6.44 1.61 49.35
CA THR B 87 -7.41 2.48 48.70
C THR B 87 -8.68 1.73 48.36
N TYR B 88 -8.52 0.55 47.80
CA TYR B 88 -9.60 -0.34 47.47
C TYR B 88 -9.34 -1.67 48.14
N GLN B 89 -10.41 -2.39 48.46
CA GLN B 89 -10.29 -3.78 48.86
C GLN B 89 -11.22 -4.62 48.01
N ASP B 90 -11.23 -4.37 46.70
CA ASP B 90 -12.18 -5.08 45.85
C ASP B 90 -11.83 -6.55 45.73
N ARG B 91 -10.56 -6.88 45.45
CA ARG B 91 -10.25 -8.29 45.22
C ARG B 91 -10.37 -9.12 46.49
N VAL B 92 -9.73 -8.71 47.58
CA VAL B 92 -9.63 -9.57 48.74
C VAL B 92 -10.94 -9.50 49.54
N ALA B 93 -11.99 -8.93 48.92
CA ALA B 93 -13.27 -8.71 49.58
C ALA B 93 -13.90 -9.99 50.08
N PRO B 94 -14.02 -11.05 49.29
CA PRO B 94 -14.27 -12.35 49.89
C PRO B 94 -12.99 -12.84 50.52
N PRO B 95 -12.97 -13.13 51.81
CA PRO B 95 -11.74 -13.63 52.42
C PRO B 95 -11.47 -15.06 51.98
N GLY B 96 -10.20 -15.37 51.73
CA GLY B 96 -9.79 -16.71 51.37
C GLY B 96 -9.40 -17.52 52.59
N LEU B 97 -9.25 -18.84 52.40
CA LEU B 97 -8.93 -19.81 53.46
C LEU B 97 -7.86 -20.79 53.02
N THR B 98 -6.82 -20.98 53.84
CA THR B 98 -5.77 -21.89 53.41
C THR B 98 -5.29 -22.85 54.51
N GLN B 99 -5.05 -24.11 54.10
CA GLN B 99 -4.61 -25.22 54.97
C GLN B 99 -3.17 -25.02 55.41
N ILE B 100 -2.87 -25.23 56.70
CA ILE B 100 -1.49 -25.06 57.16
C ILE B 100 -0.46 -26.11 56.78
N PRO B 101 -0.81 -27.34 56.49
CA PRO B 101 0.23 -28.18 55.86
C PRO B 101 0.92 -27.55 54.63
N GLN B 102 0.35 -26.52 53.99
CA GLN B 102 0.92 -25.91 52.77
C GLN B 102 1.22 -26.99 51.73
N ILE B 103 0.17 -27.71 51.36
CA ILE B 103 0.34 -28.91 50.54
C ILE B 103 0.58 -28.50 49.10
N GLN B 104 1.40 -29.30 48.41
CA GLN B 104 1.83 -28.99 47.06
C GLN B 104 0.60 -28.80 46.17
N LYS B 105 -0.13 -29.88 45.92
CA LYS B 105 -1.16 -29.88 44.88
C LYS B 105 -2.51 -30.28 45.44
N THR B 106 -2.92 -29.60 46.52
CA THR B 106 -4.18 -29.83 47.23
C THR B 106 -4.28 -31.26 47.80
N GLU B 107 -3.14 -31.91 48.03
CA GLU B 107 -3.15 -33.34 48.27
C GLU B 107 -2.25 -33.67 49.45
N ILE B 108 -2.66 -34.64 50.26
CA ILE B 108 -1.87 -35.15 51.39
C ILE B 108 -1.89 -36.68 51.34
N SER B 109 -0.77 -37.28 50.93
CA SER B 109 -0.65 -38.72 50.81
C SER B 109 0.62 -39.17 51.52
N PHE B 110 0.48 -40.11 52.45
CA PHE B 110 1.62 -40.51 53.28
C PHE B 110 1.44 -41.97 53.72
N ARG B 111 2.49 -42.48 54.37
CA ARG B 111 2.52 -43.81 54.99
C ARG B 111 2.82 -43.63 56.47
N PRO B 112 1.95 -44.06 57.39
CA PRO B 112 2.30 -44.02 58.83
C PRO B 112 3.49 -44.91 59.20
N ASN B 113 3.89 -45.84 58.33
CA ASN B 113 5.12 -46.59 58.55
C ASN B 113 6.38 -45.79 58.20
N ASP B 114 6.36 -44.98 57.14
CA ASP B 114 7.55 -44.24 56.72
C ASP B 114 7.57 -42.87 57.38
N PRO B 115 8.62 -42.50 58.10
CA PRO B 115 8.70 -41.13 58.64
C PRO B 115 8.82 -40.07 57.56
N LYS B 116 9.67 -40.30 56.54
CA LYS B 116 9.85 -39.27 55.51
C LYS B 116 8.54 -38.98 54.78
N SER B 117 7.63 -39.96 54.72
CA SER B 117 6.43 -39.77 53.91
C SER B 117 5.67 -38.53 54.31
N TYR B 118 5.53 -38.28 55.61
CA TYR B 118 4.85 -37.07 56.13
C TYR B 118 5.81 -36.05 56.71
N GLU B 119 7.12 -36.20 56.45
CA GLU B 119 8.14 -35.37 57.12
C GLU B 119 7.98 -33.90 56.75
N ALA B 120 7.85 -33.62 55.45
CA ALA B 120 7.69 -32.24 55.02
C ALA B 120 6.40 -31.66 55.57
N TYR B 121 5.34 -32.47 55.66
CA TYR B 121 4.04 -32.00 56.14
C TYR B 121 4.12 -31.49 57.58
N VAL B 122 4.58 -32.37 58.49
CA VAL B 122 4.66 -31.97 59.89
C VAL B 122 5.69 -30.85 60.07
N LEU B 123 6.76 -30.84 59.24
CA LEU B 123 7.70 -29.72 59.31
C LEU B 123 7.05 -28.38 58.97
N ASN B 124 6.20 -28.36 57.96
CA ASN B 124 5.54 -27.10 57.63
C ASN B 124 4.63 -26.66 58.78
N ILE B 125 3.90 -27.61 59.39
CA ILE B 125 3.07 -27.25 60.54
C ILE B 125 3.94 -26.63 61.64
N ILE B 126 5.03 -27.30 62.00
CA ILE B 126 5.84 -26.81 63.12
C ILE B 126 6.39 -25.44 62.80
N ARG B 127 6.86 -25.25 61.56
CA ARG B 127 7.38 -23.95 61.17
C ARG B 127 6.35 -22.86 61.37
N PHE B 128 5.08 -23.10 60.95
CA PHE B 128 4.04 -22.07 61.10
C PHE B 128 3.70 -21.80 62.55
N LEU B 129 3.51 -22.86 63.34
CA LEU B 129 3.09 -22.82 64.72
C LEU B 129 4.20 -22.42 65.70
N GLU B 130 5.44 -22.22 65.23
CA GLU B 130 6.45 -21.74 66.16
C GLU B 130 6.06 -20.43 66.79
N LYS B 131 5.34 -19.58 66.07
CA LYS B 131 5.07 -18.24 66.55
C LYS B 131 4.09 -18.21 67.70
N TYR B 132 3.24 -19.24 67.87
CA TYR B 132 2.14 -19.25 68.84
C TYR B 132 2.49 -19.87 70.20
N LYS B 133 3.74 -20.23 70.42
CA LYS B 133 4.16 -20.66 71.75
C LYS B 133 3.94 -19.54 72.76
N ASP B 134 3.60 -19.89 74.01
CA ASP B 134 3.63 -18.87 75.05
C ASP B 134 5.00 -18.24 75.08
N SER B 135 6.02 -19.02 74.74
CA SER B 135 7.37 -18.52 74.54
C SER B 135 7.36 -17.20 73.78
N ALA B 136 6.78 -17.20 72.57
CA ALA B 136 6.81 -16.03 71.68
C ALA B 136 5.85 -14.93 72.12
N GLN B 137 4.73 -15.28 72.76
CA GLN B 137 3.74 -14.29 73.18
C GLN B 137 4.05 -13.79 74.59
N LYS B 138 5.27 -13.29 74.77
CA LYS B 138 5.81 -13.03 76.10
C LYS B 138 5.71 -11.56 76.52
N ASP B 139 6.00 -10.62 75.61
CA ASP B 139 5.99 -9.18 75.91
C ASP B 139 4.57 -8.66 76.09
N ASP B 140 4.24 -8.12 77.27
CA ASP B 140 2.94 -7.47 77.47
C ASP B 140 2.86 -6.06 76.87
N MET B 141 3.95 -5.51 76.31
CA MET B 141 3.84 -4.24 75.58
C MET B 141 3.16 -4.41 74.23
N ILE B 142 3.41 -5.52 73.55
CA ILE B 142 2.85 -5.74 72.22
C ILE B 142 1.78 -6.83 72.19
N PHE B 143 1.77 -7.73 73.17
CA PHE B 143 0.81 -8.81 73.29
C PHE B 143 -0.07 -8.60 74.52
N GLU B 144 -1.39 -8.56 74.32
CA GLU B 144 -2.35 -8.58 75.42
C GLU B 144 -3.10 -9.90 75.46
N ASP B 145 -3.59 -10.25 76.64
CA ASP B 145 -4.39 -11.45 76.81
C ASP B 145 -5.86 -11.11 76.59
N CYS B 146 -6.46 -11.79 75.61
CA CYS B 146 -7.85 -11.63 75.22
C CYS B 146 -8.60 -12.87 75.67
N GLY B 147 -9.88 -12.70 76.03
CA GLY B 147 -10.63 -13.74 76.72
C GLY B 147 -10.54 -15.15 76.14
N SER B 148 -10.62 -16.17 77.02
CA SER B 148 -10.61 -17.57 76.61
C SER B 148 -11.98 -18.10 76.23
N MET B 149 -12.99 -17.24 76.14
CA MET B 149 -14.19 -17.48 75.36
C MET B 149 -14.32 -16.35 74.33
N PRO B 150 -15.02 -16.58 73.22
CA PRO B 150 -15.06 -15.57 72.15
C PRO B 150 -15.64 -14.24 72.65
N SER B 151 -15.12 -13.11 72.14
CA SER B 151 -15.53 -11.77 72.57
C SER B 151 -15.96 -10.90 71.40
N GLU B 152 -16.46 -9.70 71.73
CA GLU B 152 -16.80 -8.70 70.71
C GLU B 152 -15.54 -8.22 69.98
N PRO B 153 -15.60 -8.06 68.62
CA PRO B 153 -14.43 -7.56 67.88
C PRO B 153 -13.81 -6.31 68.48
N LYS B 154 -12.60 -6.47 68.99
CA LYS B 154 -11.84 -5.40 69.61
C LYS B 154 -11.47 -4.34 68.60
N GLU B 155 -12.13 -3.20 68.67
CA GLU B 155 -11.74 -2.09 67.83
C GLU B 155 -10.67 -1.38 68.62
N ARG B 156 -9.40 -1.65 68.29
CA ARG B 156 -8.31 -0.96 68.97
C ARG B 156 -8.17 0.49 68.52
N GLY B 157 -7.73 0.71 67.31
CA GLY B 157 -7.32 2.03 66.91
C GLY B 157 -8.21 2.58 65.80
N GLU B 158 -7.98 3.84 65.50
CA GLU B 158 -8.25 4.39 64.19
C GLU B 158 -6.94 4.54 63.42
N PHE B 159 -6.99 4.25 62.12
CA PHE B 159 -5.80 4.17 61.26
C PHE B 159 -5.13 5.52 61.04
N ASN B 160 -4.53 6.07 62.09
CA ASN B 160 -3.77 7.31 62.05
C ASN B 160 -2.35 7.05 62.52
N HIS B 161 -1.49 8.05 62.33
CA HIS B 161 -0.09 7.96 62.77
C HIS B 161 0.06 8.13 64.28
N GLU B 162 -1.04 8.03 65.03
CA GLU B 162 -0.99 8.26 66.46
C GLU B 162 -0.92 6.95 67.24
N ARG B 163 -0.53 7.08 68.51
CA ARG B 163 -0.44 6.02 69.50
C ARG B 163 0.48 4.87 69.11
N GLY B 164 1.30 5.03 68.06
CA GLY B 164 2.23 3.98 67.69
C GLY B 164 1.52 2.67 67.36
N GLU B 165 2.18 1.56 67.72
CA GLU B 165 1.71 0.23 67.36
C GLU B 165 0.55 -0.20 68.24
N ARG B 166 -0.04 -1.32 67.86
CA ARG B 166 -1.24 -1.83 68.48
C ARG B 166 -0.97 -3.22 69.04
N LYS B 167 -1.54 -3.50 70.20
CA LYS B 167 -1.37 -4.79 70.85
C LYS B 167 -2.26 -5.83 70.17
N VAL B 168 -1.67 -6.99 69.89
CA VAL B 168 -2.33 -8.09 69.20
C VAL B 168 -2.81 -9.10 70.24
N CYS B 169 -3.96 -9.71 69.97
CA CYS B 169 -4.50 -10.69 70.89
C CYS B 169 -3.66 -11.97 70.85
N ARG B 170 -3.47 -12.56 72.04
CA ARG B 170 -2.75 -13.82 72.13
C ARG B 170 -3.66 -14.94 71.68
N PHE B 171 -3.05 -15.97 71.13
CA PHE B 171 -3.71 -17.24 70.84
C PHE B 171 -2.79 -18.32 71.38
N LYS B 172 -3.26 -19.10 72.38
CA LYS B 172 -2.41 -20.11 72.99
C LYS B 172 -2.53 -21.43 72.22
N LEU B 173 -1.43 -22.19 72.20
CA LEU B 173 -1.42 -23.43 71.41
C LEU B 173 -2.41 -24.46 71.94
N ASP B 174 -2.69 -24.47 73.25
CA ASP B 174 -3.40 -25.62 73.82
C ASP B 174 -4.78 -25.79 73.18
N TRP B 175 -5.38 -24.68 72.72
CA TRP B 175 -6.70 -24.73 72.11
C TRP B 175 -6.71 -25.58 70.85
N LEU B 176 -5.55 -25.78 70.24
CA LEU B 176 -5.37 -26.79 69.20
C LEU B 176 -5.24 -28.14 69.91
N GLY B 177 -6.35 -28.64 70.43
CA GLY B 177 -6.31 -29.89 71.16
C GLY B 177 -5.92 -31.04 70.25
N ASN B 178 -5.05 -31.91 70.76
CA ASN B 178 -4.62 -33.16 70.15
C ASN B 178 -3.77 -32.93 68.88
N CYS B 179 -3.71 -31.68 68.43
CA CYS B 179 -2.87 -31.26 67.32
C CYS B 179 -2.08 -30.05 67.78
N SER B 180 -0.81 -30.28 68.12
CA SER B 180 0.03 -29.26 68.70
C SER B 180 -0.58 -28.82 70.01
N GLY B 181 -1.09 -29.79 70.74
CA GLY B 181 -1.36 -29.56 72.14
C GLY B 181 -0.12 -29.36 72.98
N LEU B 182 1.07 -29.59 72.40
CA LEU B 182 2.43 -29.61 72.97
C LEU B 182 2.86 -30.96 73.52
N ASN B 183 1.97 -31.93 73.53
CA ASN B 183 2.17 -33.26 74.07
C ASN B 183 0.92 -34.05 73.66
N ASP B 184 0.81 -35.28 74.16
CA ASP B 184 -0.24 -36.21 73.71
C ASP B 184 -0.20 -36.37 72.20
N GLU B 185 0.91 -36.95 71.71
CA GLU B 185 1.17 -37.18 70.29
C GLU B 185 1.18 -35.88 69.49
N SER B 186 1.26 -34.74 70.19
CA SER B 186 1.41 -33.45 69.53
C SER B 186 2.47 -33.52 68.47
N TYR B 187 3.66 -34.00 68.84
CA TYR B 187 4.78 -33.98 67.91
C TYR B 187 4.42 -34.70 66.62
N GLY B 188 3.61 -35.76 66.71
CA GLY B 188 3.16 -36.43 65.50
C GLY B 188 2.19 -35.60 64.68
N TYR B 189 1.42 -34.71 65.33
CA TYR B 189 0.36 -33.90 64.70
C TYR B 189 -0.76 -34.75 64.09
N LYS B 190 -1.00 -35.92 64.70
CA LYS B 190 -1.77 -37.04 64.14
C LYS B 190 -1.11 -37.69 62.94
N GLU B 191 0.07 -38.30 63.16
CA GLU B 191 0.71 -39.06 62.09
C GLU B 191 -0.21 -40.12 61.49
N GLY B 192 -1.10 -40.72 62.29
CA GLY B 192 -2.14 -41.60 61.79
C GLY B 192 -3.46 -40.86 61.93
N LYS B 193 -4.26 -40.87 60.84
CA LYS B 193 -5.49 -40.10 60.81
C LYS B 193 -5.22 -38.60 60.91
N PRO B 194 -4.77 -37.97 59.82
CA PRO B 194 -4.05 -36.68 59.91
C PRO B 194 -4.87 -35.54 60.50
N CYS B 195 -4.18 -34.42 60.70
CA CYS B 195 -4.74 -33.21 61.26
C CYS B 195 -4.27 -32.03 60.42
N ILE B 196 -5.20 -31.12 60.09
CA ILE B 196 -4.85 -29.88 59.39
C ILE B 196 -5.22 -28.67 60.26
N ILE B 197 -4.77 -27.49 59.83
CA ILE B 197 -5.09 -26.24 60.49
C ILE B 197 -5.73 -25.33 59.47
N ILE B 198 -6.92 -24.82 59.80
CA ILE B 198 -7.67 -23.93 58.93
C ILE B 198 -7.45 -22.52 59.38
N LYS B 199 -7.15 -21.66 58.43
CA LYS B 199 -6.75 -20.29 58.65
C LYS B 199 -7.51 -19.39 57.67
N LEU B 200 -8.05 -18.28 58.17
CA LEU B 200 -8.76 -17.32 57.33
C LEU B 200 -7.81 -16.21 56.90
N ASN B 201 -7.75 -15.97 55.59
CA ASN B 201 -6.81 -15.00 55.01
C ASN B 201 -6.99 -13.65 55.67
N ARG B 202 -5.88 -13.01 56.01
CA ARG B 202 -5.95 -11.70 56.66
C ARG B 202 -6.48 -10.66 55.68
N VAL B 203 -7.52 -9.95 56.09
CA VAL B 203 -7.99 -8.79 55.35
C VAL B 203 -8.05 -7.63 56.31
N LEU B 204 -7.61 -6.46 55.84
CA LEU B 204 -7.45 -5.32 56.71
C LEU B 204 -8.81 -4.67 56.97
N GLY B 205 -9.00 -4.16 58.19
CA GLY B 205 -10.27 -3.56 58.61
C GLY B 205 -11.49 -4.46 58.48
N PHE B 206 -11.33 -5.75 58.64
CA PHE B 206 -12.38 -6.70 58.31
C PHE B 206 -12.86 -7.28 59.64
N LYS B 207 -14.13 -7.04 59.98
CA LYS B 207 -14.73 -7.65 61.18
C LYS B 207 -15.79 -8.63 60.67
N PRO B 208 -15.50 -9.92 60.58
CA PRO B 208 -16.47 -10.86 60.01
C PRO B 208 -17.75 -11.01 60.82
N LYS B 209 -18.83 -11.26 60.09
CA LYS B 209 -20.15 -11.31 60.70
C LYS B 209 -20.77 -12.69 60.50
N PRO B 210 -20.93 -13.48 61.56
CA PRO B 210 -21.41 -14.85 61.39
C PRO B 210 -22.87 -14.89 61.05
N PRO B 211 -23.33 -15.92 60.33
CA PRO B 211 -24.72 -15.93 59.87
C PRO B 211 -25.68 -15.97 61.04
N LYS B 212 -26.81 -15.28 60.90
CA LYS B 212 -27.83 -15.20 61.95
C LYS B 212 -28.56 -16.53 62.10
N ASN B 213 -29.15 -16.75 63.29
CA ASN B 213 -29.73 -18.05 63.61
C ASN B 213 -31.10 -18.23 62.93
N GLU B 214 -31.10 -18.16 61.60
CA GLU B 214 -32.34 -18.25 60.81
C GLU B 214 -32.92 -19.65 60.87
N SER B 215 -32.17 -20.64 60.37
CA SER B 215 -32.56 -22.04 60.40
C SER B 215 -31.38 -22.89 60.83
N LEU B 216 -31.58 -24.20 60.80
CA LEU B 216 -30.46 -25.10 61.07
C LEU B 216 -29.39 -24.89 60.00
N GLU B 217 -28.16 -24.66 60.45
CA GLU B 217 -27.04 -24.52 59.52
C GLU B 217 -26.78 -25.81 58.75
N THR B 218 -26.56 -26.90 59.48
CA THR B 218 -26.09 -28.21 59.05
C THR B 218 -26.75 -29.16 60.04
N TYR B 219 -26.12 -30.33 60.31
CA TYR B 219 -26.57 -31.24 61.35
C TYR B 219 -27.07 -30.46 62.57
N PRO B 220 -28.06 -31.01 63.35
CA PRO B 220 -28.44 -30.36 64.60
C PRO B 220 -27.22 -29.83 65.35
N LEU B 221 -27.13 -28.50 65.40
CA LEU B 221 -25.92 -27.87 65.91
C LEU B 221 -25.76 -28.14 67.40
N THR B 222 -26.77 -27.72 68.20
CA THR B 222 -26.70 -27.66 69.67
C THR B 222 -25.44 -26.92 70.13
N MET B 223 -24.88 -26.12 69.22
CA MET B 223 -23.65 -25.36 69.36
C MET B 223 -23.86 -23.96 68.81
N LYS B 224 -24.90 -23.26 69.26
CA LYS B 224 -25.21 -21.97 68.67
C LYS B 224 -24.07 -20.97 68.80
N TYR B 225 -23.86 -20.40 70.01
CA TYR B 225 -22.92 -19.28 70.21
C TYR B 225 -22.82 -18.35 69.02
N ASN B 226 -23.94 -17.92 68.48
CA ASN B 226 -23.88 -17.32 67.15
C ASN B 226 -22.96 -16.11 67.03
N PRO B 227 -22.96 -15.14 67.95
CA PRO B 227 -22.37 -13.84 67.61
C PRO B 227 -20.89 -13.88 67.23
N ASN B 228 -20.09 -14.73 67.87
CA ASN B 228 -18.66 -14.52 67.89
C ASN B 228 -17.87 -15.71 67.32
N VAL B 229 -18.46 -16.52 66.45
CA VAL B 229 -17.70 -17.58 65.79
C VAL B 229 -18.08 -17.66 64.31
N LEU B 230 -17.07 -17.74 63.45
CA LEU B 230 -17.26 -18.04 62.05
C LEU B 230 -17.24 -19.54 61.89
N PRO B 231 -18.41 -20.16 61.67
CA PRO B 231 -18.49 -21.62 61.62
C PRO B 231 -17.69 -22.17 60.46
N VAL B 232 -16.86 -23.16 60.74
CA VAL B 232 -15.99 -23.75 59.73
C VAL B 232 -16.18 -25.27 59.87
N GLN B 233 -17.01 -25.85 59.00
CA GLN B 233 -17.36 -27.27 59.12
C GLN B 233 -16.91 -28.06 57.88
N CYS B 234 -15.76 -28.74 58.01
CA CYS B 234 -15.23 -29.54 56.91
C CYS B 234 -16.22 -30.61 56.49
N THR B 235 -16.43 -30.72 55.18
CA THR B 235 -17.39 -31.68 54.65
C THR B 235 -16.86 -32.40 53.42
N GLY B 236 -17.54 -33.49 53.10
CA GLY B 236 -17.19 -34.34 51.99
C GLY B 236 -17.71 -33.82 50.68
N LYS B 237 -16.79 -33.49 49.78
CA LYS B 237 -17.14 -32.92 48.49
C LYS B 237 -18.01 -33.90 47.72
N ARG B 238 -17.63 -35.16 47.71
CA ARG B 238 -18.29 -36.16 46.87
C ARG B 238 -19.53 -36.72 47.57
N ASP B 239 -20.70 -36.20 47.18
CA ASP B 239 -21.95 -36.66 47.76
C ASP B 239 -22.18 -38.14 47.49
N GLU B 240 -21.98 -38.57 46.24
CA GLU B 240 -22.20 -39.98 45.90
C GLU B 240 -21.31 -40.89 46.72
N ASP B 241 -20.01 -40.58 46.78
CA ASP B 241 -19.15 -41.05 47.85
C ASP B 241 -19.91 -40.98 49.15
N LYS B 242 -20.08 -42.11 49.83
CA LYS B 242 -20.80 -42.08 51.11
C LYS B 242 -19.92 -41.53 52.22
N ASP B 243 -19.28 -40.40 51.91
CA ASP B 243 -18.38 -39.64 52.77
C ASP B 243 -17.61 -40.58 53.68
N LYS B 244 -16.79 -41.40 53.03
CA LYS B 244 -15.93 -42.33 53.74
C LYS B 244 -14.89 -41.57 54.55
N VAL B 245 -15.01 -40.25 54.59
CA VAL B 245 -14.17 -39.41 55.42
C VAL B 245 -14.25 -39.78 56.90
N GLY B 246 -15.35 -40.36 57.35
CA GLY B 246 -15.43 -40.75 58.74
C GLY B 246 -15.49 -39.56 59.69
N ASN B 247 -14.97 -39.80 60.89
CA ASN B 247 -15.05 -38.80 61.96
C ASN B 247 -14.24 -37.57 61.63
N ILE B 248 -14.80 -36.41 61.96
CA ILE B 248 -14.22 -35.12 61.64
C ILE B 248 -14.41 -34.25 62.87
N GLU B 249 -13.32 -33.93 63.58
CA GLU B 249 -13.48 -33.21 64.84
C GLU B 249 -12.64 -31.94 64.88
N TYR B 250 -13.31 -30.80 65.07
CA TYR B 250 -12.69 -29.48 65.05
C TYR B 250 -12.36 -29.01 66.45
N PHE B 251 -11.19 -28.42 66.61
CA PHE B 251 -10.64 -27.98 67.90
C PHE B 251 -10.45 -26.46 67.90
N GLY B 252 -11.34 -25.74 68.56
CA GLY B 252 -11.26 -24.29 68.47
C GLY B 252 -10.95 -23.60 69.79
N MET B 253 -11.37 -22.34 69.94
CA MET B 253 -11.21 -21.63 71.21
C MET B 253 -12.37 -21.97 72.14
N GLY B 254 -12.04 -22.46 73.34
CA GLY B 254 -13.07 -22.86 74.27
C GLY B 254 -13.96 -23.96 73.71
N GLY B 255 -13.48 -24.68 72.71
CA GLY B 255 -14.25 -25.73 72.08
C GLY B 255 -15.26 -25.27 71.05
N PHE B 256 -15.24 -24.00 70.65
CA PHE B 256 -16.17 -23.49 69.65
C PHE B 256 -15.55 -23.70 68.27
N TYR B 257 -16.36 -24.15 67.31
CA TYR B 257 -15.85 -24.53 65.98
C TYR B 257 -15.78 -23.34 65.02
N GLY B 258 -15.07 -22.29 65.43
CA GLY B 258 -14.95 -21.14 64.56
C GLY B 258 -13.82 -20.22 64.99
N PHE B 259 -13.77 -19.06 64.31
CA PHE B 259 -12.81 -18.01 64.60
C PHE B 259 -13.42 -17.04 65.60
N PRO B 260 -12.76 -16.79 66.73
CA PRO B 260 -13.30 -15.85 67.71
C PRO B 260 -13.20 -14.43 67.19
N LEU B 261 -14.31 -13.70 67.26
CA LEU B 261 -14.36 -12.37 66.67
C LEU B 261 -13.52 -11.35 67.40
N GLN B 262 -12.85 -11.75 68.46
CA GLN B 262 -12.13 -10.74 69.29
C GLN B 262 -10.89 -10.27 68.56
N TYR B 263 -10.24 -11.17 67.86
CA TYR B 263 -8.97 -10.83 67.20
C TYR B 263 -9.25 -9.78 66.14
N TYR B 264 -10.31 -9.97 65.39
CA TYR B 264 -10.60 -9.05 64.26
C TYR B 264 -10.90 -7.69 64.84
N PRO B 265 -10.40 -6.56 64.26
CA PRO B 265 -10.02 -6.39 62.83
C PRO B 265 -8.51 -6.55 62.61
N TYR B 266 -8.04 -6.27 61.39
CA TYR B 266 -6.59 -6.34 61.10
C TYR B 266 -6.09 -4.91 60.85
N TYR B 267 -5.07 -4.48 61.59
CA TYR B 267 -4.57 -3.08 61.46
C TYR B 267 -3.38 -3.03 60.50
N GLY B 268 -3.01 -4.17 59.92
CA GLY B 268 -1.83 -4.21 59.02
C GLY B 268 -0.59 -4.63 59.79
N LYS B 269 0.44 -5.12 59.08
CA LYS B 269 1.67 -5.62 59.76
C LYS B 269 2.36 -4.47 60.50
N LEU B 270 2.40 -3.27 59.92
CA LEU B 270 3.13 -2.15 60.56
C LEU B 270 2.47 -1.80 61.90
N LEU B 271 1.14 -1.66 61.92
CA LEU B 271 0.41 -1.33 63.17
C LEU B 271 0.43 -2.51 64.15
N GLN B 272 0.24 -3.74 63.67
CA GLN B 272 0.16 -4.90 64.60
C GLN B 272 1.35 -5.82 64.36
N PRO B 273 2.26 -6.02 65.35
CA PRO B 273 3.44 -6.84 65.14
C PRO B 273 3.16 -8.34 65.30
N LYS B 274 3.44 -9.12 64.26
CA LYS B 274 3.25 -10.60 64.32
C LYS B 274 1.82 -10.91 64.77
N TYR B 275 0.83 -10.15 64.28
CA TYR B 275 -0.58 -10.36 64.69
C TYR B 275 -0.91 -11.86 64.65
N LEU B 276 -1.14 -12.50 65.80
CA LEU B 276 -1.49 -13.91 65.74
C LEU B 276 -2.96 -14.03 65.35
N GLN B 277 -3.21 -14.47 64.14
CA GLN B 277 -4.56 -14.64 63.65
C GLN B 277 -5.16 -15.88 64.24
N PRO B 278 -6.49 -15.95 64.32
CA PRO B 278 -7.14 -17.17 64.83
C PRO B 278 -6.89 -18.37 63.91
N LEU B 279 -6.81 -19.54 64.52
CA LEU B 279 -6.42 -20.78 63.89
C LEU B 279 -7.36 -21.86 64.39
N LEU B 280 -7.80 -22.76 63.51
CA LEU B 280 -8.71 -23.82 63.96
C LEU B 280 -8.16 -25.17 63.49
N ALA B 281 -7.77 -26.04 64.43
CA ALA B 281 -7.31 -27.36 64.03
C ALA B 281 -8.47 -28.20 63.53
N VAL B 282 -8.17 -29.26 62.78
CA VAL B 282 -9.17 -30.26 62.38
C VAL B 282 -8.52 -31.64 62.34
N GLN B 283 -8.96 -32.52 63.27
CA GLN B 283 -8.69 -33.97 63.29
C GLN B 283 -9.58 -34.65 62.27
N PHE B 284 -9.02 -35.62 61.54
CA PHE B 284 -9.78 -36.29 60.48
C PHE B 284 -9.83 -37.81 60.61
N THR B 285 -10.16 -38.36 61.77
CA THR B 285 -9.84 -39.78 61.93
C THR B 285 -10.71 -40.69 61.07
N ASN B 286 -10.22 -40.95 59.84
CA ASN B 286 -11.01 -41.58 58.80
C ASN B 286 -11.00 -43.07 58.99
N LEU B 287 -12.14 -43.69 58.70
CA LEU B 287 -12.32 -45.13 58.70
C LEU B 287 -12.04 -45.76 57.32
N THR B 288 -11.48 -44.96 56.38
CA THR B 288 -11.17 -45.39 55.01
C THR B 288 -9.71 -45.11 54.69
N LEU B 289 -8.98 -46.18 54.35
CA LEU B 289 -7.54 -46.16 54.11
C LEU B 289 -7.24 -46.54 52.66
N ASP B 290 -6.10 -46.08 52.15
CA ASP B 290 -5.66 -46.31 50.77
C ASP B 290 -6.72 -45.90 49.75
N THR B 291 -7.68 -45.07 50.15
CA THR B 291 -8.68 -44.51 49.25
C THR B 291 -8.60 -42.99 49.35
N GLU B 292 -8.51 -42.31 48.20
CA GLU B 292 -8.41 -40.85 48.20
C GLU B 292 -9.74 -40.17 48.50
N ILE B 293 -9.74 -39.32 49.52
CA ILE B 293 -10.93 -38.63 50.00
C ILE B 293 -10.79 -37.16 49.66
N ARG B 294 -11.83 -36.59 49.07
CA ARG B 294 -11.87 -35.17 48.71
C ARG B 294 -12.87 -34.47 49.61
N ILE B 295 -12.42 -33.40 50.26
CA ILE B 295 -13.18 -32.67 51.26
C ILE B 295 -13.03 -31.17 51.03
N GLU B 296 -14.10 -30.44 51.33
CA GLU B 296 -14.15 -29.01 51.08
C GLU B 296 -14.64 -28.34 52.36
N CYS B 297 -13.80 -27.46 52.92
CA CYS B 297 -14.04 -26.86 54.22
C CYS B 297 -14.47 -25.40 54.01
N LYS B 298 -15.69 -25.08 54.42
CA LYS B 298 -16.35 -23.84 54.05
C LYS B 298 -16.53 -22.93 55.26
N ALA B 299 -16.34 -21.63 55.05
CA ALA B 299 -16.60 -20.65 56.08
C ALA B 299 -17.97 -20.07 55.84
N TYR B 300 -18.85 -20.23 56.81
CA TYR B 300 -20.21 -19.75 56.73
C TYR B 300 -20.30 -18.41 57.46
N GLY B 301 -20.69 -17.37 56.73
CA GLY B 301 -20.93 -16.08 57.33
C GLY B 301 -21.80 -15.34 56.35
N GLU B 302 -22.49 -14.31 56.85
CA GLU B 302 -23.18 -13.42 55.93
C GLU B 302 -22.22 -12.46 55.27
N ASN B 303 -21.12 -12.15 55.95
CA ASN B 303 -20.04 -11.32 55.42
C ASN B 303 -19.01 -12.09 54.62
N ILE B 304 -19.05 -13.41 54.64
CA ILE B 304 -18.12 -14.23 53.89
C ILE B 304 -18.90 -14.80 52.70
N GLY B 305 -18.29 -14.76 51.52
CA GLY B 305 -18.87 -15.34 50.35
C GLY B 305 -17.89 -16.32 49.73
N TYR B 306 -18.41 -17.15 48.82
CA TYR B 306 -17.55 -18.07 48.08
C TYR B 306 -17.97 -18.12 46.61
N SER B 307 -16.99 -18.45 45.75
CA SER B 307 -17.14 -18.45 44.29
C SER B 307 -16.62 -19.76 43.69
N GLU B 308 -17.25 -20.17 42.57
CA GLU B 308 -16.79 -21.37 41.86
C GLU B 308 -15.53 -21.13 41.04
N LYS B 309 -15.20 -19.87 40.72
CA LYS B 309 -13.93 -19.61 40.05
C LYS B 309 -12.76 -19.71 41.03
N ASP B 310 -12.96 -19.32 42.30
CA ASP B 310 -11.88 -19.31 43.29
C ASP B 310 -12.15 -20.40 44.33
N ARG B 311 -11.53 -21.55 44.12
CA ARG B 311 -11.74 -22.68 45.00
C ARG B 311 -11.00 -22.57 46.35
N PHE B 312 -10.34 -21.43 46.64
CA PHE B 312 -9.68 -21.12 47.90
C PHE B 312 -10.18 -19.81 48.50
N GLN B 313 -11.36 -19.36 48.05
CA GLN B 313 -12.13 -18.24 48.58
C GLN B 313 -13.36 -18.78 49.29
N GLY B 314 -13.38 -18.70 50.62
CA GLY B 314 -14.50 -19.22 51.36
C GLY B 314 -14.54 -20.72 51.49
N ARG B 315 -13.59 -21.42 50.88
CA ARG B 315 -13.62 -22.87 50.77
C ARG B 315 -12.20 -23.43 50.79
N PHE B 316 -12.14 -24.74 50.92
CA PHE B 316 -10.94 -25.56 50.83
C PHE B 316 -11.08 -26.58 49.71
N ASP B 317 -10.01 -27.34 49.53
CA ASP B 317 -10.02 -28.52 48.68
C ASP B 317 -8.83 -29.38 49.12
N VAL B 318 -9.11 -30.44 49.87
CA VAL B 318 -8.08 -31.33 50.37
C VAL B 318 -8.39 -32.75 49.90
N LYS B 319 -7.38 -33.39 49.32
CA LYS B 319 -7.44 -34.79 48.90
C LYS B 319 -6.44 -35.53 49.78
N ILE B 320 -6.96 -36.28 50.75
CA ILE B 320 -6.13 -37.04 51.68
C ILE B 320 -6.36 -38.53 51.46
N GLU B 321 -5.25 -39.27 51.36
CA GLU B 321 -5.24 -40.72 51.23
C GLU B 321 -4.21 -41.24 52.20
N VAL B 322 -4.63 -42.13 53.10
CA VAL B 322 -3.74 -42.70 54.11
C VAL B 322 -3.39 -44.10 53.62
N LYS B 323 -2.29 -44.17 52.85
CA LYS B 323 -1.73 -45.41 52.32
C LYS B 323 -1.01 -46.20 53.42
N SER B 324 -0.92 -47.51 53.21
CA SER B 324 -0.38 -48.45 54.21
C SER B 324 1.13 -48.72 54.00
AL ALF C . 2.54 7.12 -31.62
F1 ALF C . 0.80 7.25 -31.16
F2 ALF C . 4.27 6.98 -32.07
F3 ALF C . 2.89 8.86 -31.51
F4 ALF C . 2.18 5.38 -31.73
K K D . 2.55 -5.64 17.10
K K E . 4.31 -1.41 -16.43
C1 NAG F . -8.50 -35.75 72.06
C2 NAG F . -7.95 -37.06 72.64
C3 NAG F . -8.91 -37.62 73.67
C4 NAG F . -9.10 -36.61 74.79
C5 NAG F . -9.62 -35.28 74.22
C6 NAG F . -9.68 -34.18 75.27
C7 NAG F . -6.59 -38.83 71.61
C8 NAG F . -6.46 -39.79 70.47
N2 NAG F . -7.67 -38.05 71.59
O3 NAG F . -8.41 -38.84 74.20
O4 NAG F . -10.02 -37.10 75.76
O5 NAG F . -8.75 -34.79 73.18
O6 NAG F . -10.62 -34.49 76.30
O7 NAG F . -5.74 -38.75 72.49
#